data_5SXS
#
_entry.id   5SXS
#
_cell.length_a   100.436
_cell.length_b   114.172
_cell.length_c   174.232
_cell.angle_alpha   90.000
_cell.angle_beta   90.000
_cell.angle_gamma   90.000
#
_symmetry.space_group_name_H-M   'P 21 21 21'
#
loop_
_entity.id
_entity.type
_entity.pdbx_description
1 polymer Catalase-peroxidase
2 non-polymer 'PROTOPORPHYRIN IX CONTAINING FE'
3 non-polymer 'SODIUM ION'
4 non-polymer 'CHLORIDE ION'
5 non-polymer 'OXYGEN MOLECULE'
6 non-polymer 'PHOSPHATE ION'
7 non-polymer (4R)-2-METHYLPENTANE-2,4-DIOL
8 non-polymer pyridine-4-carbohydrazide
9 non-polymer (4S)-2-METHYL-2,4-PENTANEDIOL
10 non-polymer 'ADENOSINE MONOPHOSPHATE'
11 water water
#
_entity_poly.entity_id   1
_entity_poly.type   'polypeptide(L)'
_entity_poly.pdbx_seq_one_letter_code
;MSNEAKCPFHQAAGNGTSNRDWWPNQLDLSILHRHSSLSDPMGKDFNYAQAFEKLDLAAVKRDLHALMTTSQDWWPADFG
HYGGLFIRMAWHSAGTYRTADGRGGAGEGQQRFAPLNSWPDNANLDKARRLLWPIKQKYGRAISWADLLILTGNVALESM
GFKTFGFAGGRADTWEPEDVYWGSEKIWLELSGGPNSRYSGDRQLENPLAAVQMGLIYVNPEGPDGNPDPVAAARDIRDT
FARMAMNDEETVALIAGGHTFGKTHGAGPASNVGAEPEAAGIEAQGLGWKSAYRTGKGADAITSGLEVTWTTTPTQWSHN
FFENLFGYEWELTKSPAGAHQWVAKGADAVIPDAFDPSKKHRPTMLTTDLSLRFDPAYEKISRRFHENPEQFADAFARAW
FKLTHRDMGPRARYLGPEVPAEVLLWQDPIPAVDHPLIDAADAAELKAKVLASGLTVSQLVSTAWAAASTFRGSDKRGGA
NGARIRLAPQKDWEANQPEQLAAVLETLEAIRTAFNGAQRGGKQVSLADLIVLAGCAGVEQAAKNAGHAVTVPFAPGRAD
ASQEQTDVESMAVLEPVADGFRNYLKGKYRVPAEVLLVDKAQLLTLSAPEMTVLLGGLRVLGANVGQSRHGVFTAREQAL
TNDFFVNLLDMGTEWKPTAADADVFEGRDRATGELKWTGTRVDLVFGSHSQLRALAEVYGSADAQEKFVRDFVAVWNKVM
NLDRFDLA
;
_entity_poly.pdbx_strand_id   A,B
#
loop_
_chem_comp.id
_chem_comp.type
_chem_comp.name
_chem_comp.formula
AMP non-polymer 'ADENOSINE MONOPHOSPHATE' 'C10 H14 N5 O7 P'
CL non-polymer 'CHLORIDE ION' 'Cl -1'
HEM non-polymer 'PROTOPORPHYRIN IX CONTAINING FE' 'C34 H32 Fe N4 O4'
MPD non-polymer (4S)-2-METHYL-2,4-PENTANEDIOL 'C6 H14 O2'
MRD non-polymer (4R)-2-METHYLPENTANE-2,4-DIOL 'C6 H14 O2'
NA non-polymer 'SODIUM ION' 'Na 1'
NIZ non-polymer pyridine-4-carbohydrazide 'C6 H7 N3 O'
OXY non-polymer 'OXYGEN MOLECULE' O2
PO4 non-polymer 'PHOSPHATE ION' 'O4 P -3'
#
# COMPACT_ATOMS: atom_id res chain seq x y z
N GLY A 16 -1.68 14.08 10.55
CA GLY A 16 -2.93 13.49 9.96
C GLY A 16 -3.18 12.17 10.68
N THR A 17 -4.26 12.03 11.43
CA THR A 17 -4.50 10.77 12.20
C THR A 17 -4.95 9.67 11.23
N SER A 18 -4.40 8.46 11.33
CA SER A 18 -4.69 7.39 10.36
C SER A 18 -5.39 6.21 11.05
N ASN A 19 -5.82 5.24 10.26
CA ASN A 19 -6.46 4.03 10.89
C ASN A 19 -5.54 3.25 11.86
N ARG A 20 -4.23 3.18 11.49
CA ARG A 20 -3.13 2.60 12.28
C ARG A 20 -3.05 3.34 13.66
N ASP A 21 -3.27 4.67 13.70
CA ASP A 21 -3.27 5.41 14.99
C ASP A 21 -4.54 5.02 15.80
N TRP A 22 -5.72 4.99 15.14
CA TRP A 22 -6.97 4.76 15.86
C TRP A 22 -7.05 3.28 16.34
N TRP A 23 -6.62 2.31 15.51
CA TRP A 23 -6.81 0.87 15.80
C TRP A 23 -5.43 0.25 15.58
N PRO A 24 -4.52 0.47 16.59
CA PRO A 24 -3.13 0.09 16.38
C PRO A 24 -2.94 -1.39 16.41
N ASN A 25 -3.88 -2.18 16.91
CA ASN A 25 -3.74 -3.61 16.74
C ASN A 25 -4.57 -4.27 15.67
N GLN A 26 -5.21 -3.54 14.73
CA GLN A 26 -5.98 -4.21 13.65
C GLN A 26 -4.85 -4.86 12.85
N LEU A 27 -5.25 -5.75 11.99
CA LEU A 27 -4.39 -6.64 11.21
C LEU A 27 -3.89 -5.78 10.08
N ASP A 28 -2.70 -5.93 9.55
CA ASP A 28 -2.35 -5.03 8.39
C ASP A 28 -2.27 -5.69 7.00
N LEU A 29 -3.29 -5.48 6.19
CA LEU A 29 -3.37 -6.15 4.93
C LEU A 29 -2.51 -5.53 3.85
N SER A 30 -2.04 -4.29 4.04
CA SER A 30 -1.26 -3.63 3.00
CA SER A 30 -1.24 -3.63 3.01
C SER A 30 0.01 -4.46 2.69
N ILE A 31 0.50 -5.21 3.66
CA ILE A 31 1.65 -6.06 3.44
C ILE A 31 1.47 -7.08 2.34
N LEU A 32 0.25 -7.44 2.02
CA LEU A 32 -0.04 -8.38 0.92
C LEU A 32 -0.12 -7.69 -0.43
N HIS A 33 -0.18 -6.37 -0.40
CA HIS A 33 -0.43 -5.57 -1.61
C HIS A 33 0.70 -4.62 -2.04
N ARG A 34 1.88 -4.78 -1.46
CA ARG A 34 3.09 -4.20 -1.98
C ARG A 34 3.47 -4.86 -3.31
N HIS A 35 4.37 -4.21 -4.00
CA HIS A 35 4.97 -4.76 -5.24
C HIS A 35 3.91 -4.83 -6.33
N SER A 36 2.94 -3.89 -6.34
CA SER A 36 1.98 -3.84 -7.46
C SER A 36 2.59 -3.23 -8.69
N SER A 37 1.90 -3.42 -9.80
CA SER A 37 2.36 -2.84 -11.07
C SER A 37 2.29 -1.31 -11.01
N LEU A 38 1.49 -0.77 -10.08
CA LEU A 38 1.40 0.66 -9.98
C LEU A 38 2.77 1.29 -9.61
N SER A 39 3.45 0.72 -8.63
CA SER A 39 4.69 1.26 -8.05
C SER A 39 5.95 0.98 -8.88
N ASP A 40 5.81 0.14 -9.86
CA ASP A 40 6.89 -0.37 -10.66
C ASP A 40 7.06 0.48 -11.90
N PRO A 41 8.23 1.09 -12.09
CA PRO A 41 8.44 1.87 -13.30
C PRO A 41 8.70 1.07 -14.53
N MET A 42 8.99 -0.24 -14.42
CA MET A 42 9.32 -1.01 -15.61
C MET A 42 7.99 -1.42 -16.25
N GLY A 43 7.94 -1.60 -17.52
CA GLY A 43 6.60 -2.02 -18.07
C GLY A 43 6.17 -3.41 -17.51
N LYS A 44 4.91 -3.79 -17.77
CA LYS A 44 4.39 -5.03 -17.19
C LYS A 44 5.13 -6.23 -17.88
N ASP A 45 5.60 -6.03 -19.10
CA ASP A 45 6.34 -7.11 -19.72
C ASP A 45 7.86 -7.21 -19.40
N PHE A 46 8.41 -6.31 -18.62
CA PHE A 46 9.88 -6.32 -18.41
C PHE A 46 10.30 -7.63 -17.77
N ASN A 47 11.29 -8.25 -18.33
CA ASN A 47 11.83 -9.45 -17.76
C ASN A 47 13.32 -9.16 -17.39
N TYR A 48 13.63 -9.09 -16.11
CA TYR A 48 15.01 -8.78 -15.70
C TYR A 48 15.99 -9.87 -16.16
N ALA A 49 15.62 -11.11 -15.98
CA ALA A 49 16.51 -12.22 -16.46
C ALA A 49 16.94 -12.09 -17.92
N GLN A 50 16.05 -11.67 -18.78
CA GLN A 50 16.39 -11.47 -20.18
C GLN A 50 17.35 -10.31 -20.39
N ALA A 51 17.19 -9.23 -19.63
CA ALA A 51 18.05 -8.07 -19.72
C ALA A 51 19.41 -8.42 -19.24
N PHE A 52 19.48 -9.12 -18.10
CA PHE A 52 20.76 -9.48 -17.52
C PHE A 52 21.53 -10.42 -18.41
N GLU A 53 20.84 -11.34 -19.07
CA GLU A 53 21.52 -12.30 -19.92
C GLU A 53 22.29 -11.58 -21.02
N LYS A 54 21.83 -10.41 -21.46
CA LYS A 54 22.57 -9.70 -22.44
C LYS A 54 23.55 -8.64 -21.88
N LEU A 55 23.73 -8.55 -20.59
CA LEU A 55 24.62 -7.59 -19.98
C LEU A 55 26.02 -8.08 -20.38
N ASP A 56 26.93 -7.16 -20.70
CA ASP A 56 28.31 -7.59 -20.83
C ASP A 56 28.96 -7.50 -19.44
N LEU A 57 28.94 -8.62 -18.76
CA LEU A 57 29.31 -8.65 -17.39
C LEU A 57 30.81 -8.37 -17.22
N ALA A 58 31.67 -8.82 -18.15
CA ALA A 58 33.08 -8.55 -18.10
C ALA A 58 33.33 -7.02 -18.13
N ALA A 59 32.58 -6.33 -18.97
CA ALA A 59 32.73 -4.88 -19.09
C ALA A 59 32.29 -4.13 -17.82
N VAL A 60 31.22 -4.62 -17.19
CA VAL A 60 30.79 -4.05 -15.93
C VAL A 60 31.93 -4.28 -14.90
N LYS A 61 32.48 -5.49 -14.88
CA LYS A 61 33.51 -5.78 -13.87
C LYS A 61 34.78 -4.94 -14.15
N ARG A 62 35.13 -4.67 -15.39
CA ARG A 62 36.27 -3.79 -15.66
C ARG A 62 35.98 -2.37 -15.13
N ASP A 63 34.77 -1.84 -15.32
CA ASP A 63 34.45 -0.53 -14.75
C ASP A 63 34.52 -0.52 -13.25
N LEU A 64 34.06 -1.60 -12.60
CA LEU A 64 34.07 -1.62 -11.17
C LEU A 64 35.53 -1.72 -10.70
N HIS A 65 36.37 -2.49 -11.40
CA HIS A 65 37.79 -2.57 -11.07
C HIS A 65 38.46 -1.19 -11.06
N ALA A 66 38.19 -0.41 -12.12
CA ALA A 66 38.71 0.95 -12.21
C ALA A 66 38.19 1.86 -11.12
N LEU A 67 36.91 1.70 -10.76
CA LEU A 67 36.33 2.44 -9.67
C LEU A 67 37.08 2.22 -8.33
N MET A 68 37.55 1.01 -8.09
CA MET A 68 38.12 0.70 -6.78
C MET A 68 39.27 1.71 -6.37
N THR A 69 39.97 2.27 -7.35
CA THR A 69 41.04 3.23 -7.09
C THR A 69 40.84 4.60 -7.70
N THR A 70 39.63 4.98 -7.95
CA THR A 70 39.37 6.32 -8.45
C THR A 70 38.64 7.04 -7.35
N SER A 71 39.39 7.70 -6.48
CA SER A 71 38.87 8.38 -5.27
C SER A 71 38.03 9.60 -5.65
N GLN A 72 36.87 9.77 -5.05
CA GLN A 72 36.08 10.99 -5.18
C GLN A 72 36.34 11.88 -3.94
N ASP A 73 36.49 13.18 -4.12
CA ASP A 73 36.77 14.07 -2.97
C ASP A 73 35.68 14.21 -1.98
N TRP A 74 34.43 13.99 -2.38
CA TRP A 74 33.35 14.01 -1.44
C TRP A 74 33.34 12.79 -0.49
N TRP A 75 34.07 11.72 -0.80
CA TRP A 75 34.25 10.59 0.15
C TRP A 75 35.57 9.85 -0.21
N PRO A 76 36.71 10.45 0.14
CA PRO A 76 37.99 9.98 -0.34
C PRO A 76 38.21 8.55 0.09
N ALA A 77 38.83 7.81 -0.77
CA ALA A 77 39.10 6.38 -0.52
C ALA A 77 40.24 6.16 0.48
N ASP A 78 39.95 5.42 1.55
CA ASP A 78 40.96 4.97 2.49
C ASP A 78 42.05 4.21 1.72
N PHE A 79 43.33 4.50 2.00
CA PHE A 79 44.44 3.86 1.36
C PHE A 79 44.40 3.98 -0.15
N GLY A 80 43.65 4.95 -0.66
CA GLY A 80 43.40 5.01 -2.11
C GLY A 80 42.56 3.88 -2.75
N HIS A 81 41.87 3.10 -1.94
CA HIS A 81 41.16 1.92 -2.45
C HIS A 81 39.81 1.75 -1.67
N TYR A 82 38.73 1.71 -2.44
CA TYR A 82 37.33 1.57 -1.91
C TYR A 82 36.92 0.15 -1.59
N GLY A 83 37.81 -0.80 -1.75
CA GLY A 83 37.50 -2.19 -1.67
C GLY A 83 36.91 -2.64 -0.33
N GLY A 84 37.58 -2.26 0.76
CA GLY A 84 37.05 -2.55 2.09
C GLY A 84 35.64 -1.98 2.24
N LEU A 85 35.41 -0.77 1.77
CA LEU A 85 34.10 -0.14 1.94
C LEU A 85 33.03 -0.98 1.18
N PHE A 86 33.37 -1.43 0.00
CA PHE A 86 32.40 -2.11 -0.82
C PHE A 86 32.15 -3.50 -0.30
N ILE A 87 33.19 -4.13 0.28
CA ILE A 87 33.01 -5.47 0.88
C ILE A 87 31.99 -5.35 2.06
N ARG A 88 32.21 -4.34 2.91
CA ARG A 88 31.28 -4.07 4.00
C ARG A 88 29.85 -3.82 3.45
N MET A 89 29.74 -3.05 2.38
CA MET A 89 28.43 -2.79 1.72
C MET A 89 27.72 -4.08 1.32
N ALA A 90 28.44 -4.95 0.64
CA ALA A 90 27.86 -6.20 0.21
C ALA A 90 27.55 -7.15 1.34
N TRP A 91 28.44 -7.21 2.34
CA TRP A 91 28.20 -8.01 3.50
C TRP A 91 26.91 -7.52 4.23
N HIS A 92 26.74 -6.20 4.36
CA HIS A 92 25.51 -5.69 5.00
C HIS A 92 24.25 -5.93 4.21
N SER A 93 24.39 -5.93 2.90
CA SER A 93 23.24 -6.15 1.98
C SER A 93 22.72 -7.56 2.22
N ALA A 94 23.63 -8.52 2.31
CA ALA A 94 23.29 -9.89 2.62
C ALA A 94 23.03 -10.20 4.07
N GLY A 95 23.60 -9.41 4.95
CA GLY A 95 23.68 -9.75 6.37
C GLY A 95 22.41 -9.48 7.18
N THR A 96 21.35 -8.93 6.56
CA THR A 96 20.06 -8.79 7.26
C THR A 96 19.27 -10.11 7.33
N TYR A 97 19.73 -11.12 6.60
CA TYR A 97 19.02 -12.36 6.44
C TYR A 97 18.71 -13.08 7.71
N ARG A 98 17.50 -13.64 7.83
CA ARG A 98 17.13 -14.48 8.99
C ARG A 98 16.61 -15.78 8.48
N THR A 99 17.03 -16.90 9.03
CA THR A 99 16.54 -18.19 8.57
CA THR A 99 16.55 -18.21 8.57
C THR A 99 15.14 -18.46 9.02
N ALA A 100 14.70 -17.80 10.09
CA ALA A 100 13.36 -18.08 10.68
C ALA A 100 12.23 -17.84 9.69
N ASP A 101 12.30 -16.74 8.91
CA ASP A 101 11.29 -16.49 7.92
C ASP A 101 11.83 -16.27 6.56
N GLY A 102 13.15 -16.32 6.42
CA GLY A 102 13.72 -16.04 5.09
C GLY A 102 13.81 -14.58 4.70
N ARG A 103 13.34 -13.71 5.58
CA ARG A 103 13.27 -12.31 5.25
C ARG A 103 14.65 -11.67 5.45
N GLY A 104 14.79 -10.50 4.89
CA GLY A 104 16.12 -9.87 4.80
C GLY A 104 17.00 -10.58 3.72
N GLY A 105 18.31 -10.28 3.71
CA GLY A 105 19.22 -10.69 2.62
C GLY A 105 19.33 -9.67 1.47
N ALA A 106 20.21 -9.97 0.50
CA ALA A 106 20.60 -9.08 -0.57
C ALA A 106 19.72 -9.22 -1.78
N GLY A 107 18.86 -10.22 -1.78
CA GLY A 107 18.12 -10.56 -2.96
C GLY A 107 17.12 -9.64 -3.54
N GLU A 108 16.70 -8.61 -2.81
CA GLU A 108 15.82 -7.56 -3.36
C GLU A 108 16.43 -6.16 -3.36
N GLY A 109 17.72 -6.04 -3.00
CA GLY A 109 18.34 -4.68 -3.03
C GLY A 109 17.71 -3.70 -2.06
N GLN A 110 17.18 -4.26 -0.96
CA GLN A 110 16.45 -3.48 0.02
C GLN A 110 17.29 -2.47 0.83
N GLN A 111 18.63 -2.54 0.69
CA GLN A 111 19.51 -1.66 1.45
C GLN A 111 19.33 -0.21 1.02
N ARG A 112 18.81 -0.01 -0.18
CA ARG A 112 18.64 1.34 -0.72
C ARG A 112 17.34 2.04 -0.32
N PHE A 113 16.52 1.31 0.45
CA PHE A 113 15.20 1.81 0.93
C PHE A 113 15.23 1.89 2.45
N ALA A 114 14.22 2.57 3.00
CA ALA A 114 13.98 2.61 4.45
C ALA A 114 13.45 1.26 4.87
N PRO A 115 13.76 0.82 6.06
CA PRO A 115 14.64 1.47 7.02
C PRO A 115 16.12 1.15 6.87
N LEU A 116 16.48 0.15 6.11
CA LEU A 116 17.84 -0.33 6.14
C LEU A 116 18.82 0.70 5.64
N ASN A 117 18.42 1.58 4.75
CA ASN A 117 19.32 2.58 4.29
C ASN A 117 19.82 3.52 5.39
N SER A 118 19.13 3.49 6.52
CA SER A 118 19.31 4.42 7.60
C SER A 118 19.61 3.71 8.91
N TRP A 119 19.80 2.41 8.88
CA TRP A 119 20.21 1.74 10.08
C TRP A 119 21.58 2.28 10.52
N PRO A 120 21.82 2.41 11.81
CA PRO A 120 23.15 2.84 12.22
C PRO A 120 24.31 1.92 11.74
N ASP A 121 24.10 0.61 11.69
CA ASP A 121 25.12 -0.30 11.13
C ASP A 121 25.40 -0.07 9.64
N ASN A 122 24.50 0.64 8.95
CA ASN A 122 24.72 0.97 7.57
C ASN A 122 25.21 2.37 7.32
N ALA A 123 25.67 3.03 8.37
CA ALA A 123 26.20 4.42 8.22
C ALA A 123 27.30 4.44 7.20
N ASN A 124 27.21 5.43 6.34
CA ASN A 124 28.13 5.72 5.25
C ASN A 124 28.16 4.70 4.13
N LEU A 125 27.35 3.67 4.24
CA LEU A 125 27.10 2.85 3.03
C LEU A 125 26.29 3.60 2.03
N ASP A 126 25.59 4.68 2.45
CA ASP A 126 25.07 5.55 1.49
C ASP A 126 26.09 6.10 0.53
N LYS A 127 27.31 6.39 1.04
CA LYS A 127 28.37 6.94 0.19
C LYS A 127 28.79 5.87 -0.81
N ALA A 128 28.93 4.66 -0.33
CA ALA A 128 29.29 3.50 -1.21
C ALA A 128 28.28 3.34 -2.38
N ARG A 129 27.00 3.35 -2.04
CA ARG A 129 25.95 3.19 -3.10
C ARG A 129 26.05 4.36 -4.08
N ARG A 130 26.31 5.58 -3.58
CA ARG A 130 26.41 6.72 -4.51
C ARG A 130 27.63 6.65 -5.46
N LEU A 131 28.70 6.04 -4.98
CA LEU A 131 29.88 5.82 -5.83
C LEU A 131 29.59 4.97 -7.03
N LEU A 132 28.63 4.07 -6.84
CA LEU A 132 28.21 3.12 -7.87
C LEU A 132 27.18 3.72 -8.90
N TRP A 133 26.66 4.92 -8.66
CA TRP A 133 25.66 5.43 -9.56
C TRP A 133 26.13 5.58 -11.00
N PRO A 134 27.36 6.10 -11.24
CA PRO A 134 27.78 6.20 -12.63
C PRO A 134 27.73 4.83 -13.38
N ILE A 135 28.12 3.75 -12.71
CA ILE A 135 28.06 2.41 -13.36
C ILE A 135 26.62 1.91 -13.53
N LYS A 136 25.83 2.08 -12.49
CA LYS A 136 24.40 1.80 -12.61
C LYS A 136 23.76 2.54 -13.78
N GLN A 137 24.04 3.84 -13.91
CA GLN A 137 23.52 4.64 -14.97
C GLN A 137 23.96 4.17 -16.35
N LYS A 138 25.24 3.80 -16.46
CA LYS A 138 25.75 3.34 -17.72
C LYS A 138 25.03 2.10 -18.26
N TYR A 139 24.83 1.12 -17.38
CA TYR A 139 24.32 -0.14 -17.82
C TYR A 139 22.78 -0.23 -17.68
N GLY A 140 22.16 0.65 -16.87
CA GLY A 140 20.70 0.78 -16.83
C GLY A 140 20.02 -0.53 -16.32
N ARG A 141 18.98 -0.93 -17.00
CA ARG A 141 18.13 -2.00 -16.52
C ARG A 141 18.75 -3.37 -16.64
N ALA A 142 19.84 -3.48 -17.38
CA ALA A 142 20.50 -4.77 -17.58
C ALA A 142 21.26 -5.24 -16.35
N ILE A 143 21.50 -4.35 -15.34
CA ILE A 143 21.98 -4.82 -14.04
C ILE A 143 21.22 -4.19 -12.92
N SER A 144 20.60 -4.98 -12.06
CA SER A 144 19.82 -4.44 -10.94
C SER A 144 20.76 -3.87 -9.88
N TRP A 145 20.28 -2.92 -9.09
CA TRP A 145 21.00 -2.57 -7.90
C TRP A 145 21.29 -3.78 -7.08
N ALA A 146 20.31 -4.67 -6.92
CA ALA A 146 20.48 -5.81 -6.07
C ALA A 146 21.71 -6.66 -6.52
N ASP A 147 21.78 -6.93 -7.83
CA ASP A 147 22.91 -7.65 -8.33
C ASP A 147 24.25 -6.84 -8.19
N LEU A 148 24.22 -5.56 -8.44
CA LEU A 148 25.37 -4.71 -8.46
C LEU A 148 26.00 -4.60 -7.12
N LEU A 149 25.19 -4.52 -6.06
CA LEU A 149 25.80 -4.47 -4.71
C LEU A 149 26.68 -5.68 -4.48
N ILE A 150 26.19 -6.85 -4.87
CA ILE A 150 26.95 -8.07 -4.63
C ILE A 150 28.12 -8.16 -5.57
N LEU A 151 27.89 -7.81 -6.82
CA LEU A 151 28.97 -7.91 -7.80
C LEU A 151 30.15 -7.02 -7.38
N THR A 152 29.85 -5.82 -6.89
CA THR A 152 30.83 -4.86 -6.50
C THR A 152 31.66 -5.44 -5.35
N GLY A 153 31.01 -6.10 -4.40
CA GLY A 153 31.77 -6.81 -3.36
C GLY A 153 32.74 -7.88 -3.89
N ASN A 154 32.26 -8.70 -4.82
CA ASN A 154 33.11 -9.66 -5.52
C ASN A 154 34.28 -8.98 -6.23
N VAL A 155 34.04 -7.90 -6.94
CA VAL A 155 35.09 -7.31 -7.65
C VAL A 155 36.16 -6.68 -6.65
N ALA A 156 35.71 -6.18 -5.51
CA ALA A 156 36.55 -5.64 -4.53
C ALA A 156 37.54 -6.73 -4.08
N LEU A 157 36.98 -7.87 -3.70
CA LEU A 157 37.75 -9.02 -3.36
C LEU A 157 38.78 -9.45 -4.46
N GLU A 158 38.29 -9.61 -5.66
CA GLU A 158 39.15 -9.95 -6.81
C GLU A 158 40.28 -8.91 -7.05
N SER A 159 39.94 -7.65 -6.98
CA SER A 159 40.88 -6.60 -7.21
C SER A 159 42.04 -6.65 -6.19
N MET A 160 41.76 -7.14 -4.98
CA MET A 160 42.71 -7.18 -3.91
C MET A 160 43.34 -8.55 -3.78
N GLY A 161 43.19 -9.42 -4.75
CA GLY A 161 43.94 -10.68 -4.78
C GLY A 161 43.20 -11.91 -4.26
N PHE A 162 41.87 -11.81 -4.06
CA PHE A 162 41.14 -12.96 -3.50
C PHE A 162 40.25 -13.56 -4.61
N LYS A 163 40.38 -14.86 -4.81
CA LYS A 163 39.60 -15.62 -5.71
C LYS A 163 38.25 -16.02 -5.15
N THR A 164 37.20 -15.48 -5.74
CA THR A 164 35.85 -15.73 -5.31
C THR A 164 35.43 -17.10 -5.85
N PHE A 165 34.41 -17.65 -5.20
CA PHE A 165 33.87 -18.93 -5.56
C PHE A 165 32.95 -18.79 -6.79
N GLY A 166 32.55 -17.59 -7.15
CA GLY A 166 31.60 -17.42 -8.32
C GLY A 166 30.58 -16.31 -8.04
N PHE A 167 29.65 -16.13 -8.97
CA PHE A 167 28.65 -15.11 -8.85
C PHE A 167 27.50 -15.51 -9.79
N ALA A 168 26.29 -15.30 -9.29
CA ALA A 168 25.08 -15.42 -10.06
C ALA A 168 24.32 -14.09 -10.03
N GLY A 169 23.93 -13.61 -11.20
CA GLY A 169 22.94 -12.57 -11.36
C GLY A 169 21.51 -13.17 -11.31
N GLY A 170 20.52 -12.29 -11.30
CA GLY A 170 19.12 -12.63 -11.30
C GLY A 170 18.33 -12.03 -10.20
N ARG A 171 18.93 -11.23 -9.32
CA ARG A 171 18.10 -10.56 -8.29
C ARG A 171 17.37 -9.33 -8.86
N ALA A 172 16.09 -9.42 -9.19
CA ALA A 172 15.40 -8.26 -9.75
C ALA A 172 15.27 -7.18 -8.72
N ASP A 173 15.39 -5.95 -9.15
CA ASP A 173 15.12 -4.85 -8.22
C ASP A 173 13.67 -4.81 -7.78
N THR A 174 13.48 -4.26 -6.60
CA THR A 174 12.18 -3.93 -6.00
C THR A 174 12.10 -2.42 -5.92
N TRP A 175 10.90 -1.93 -5.69
CA TRP A 175 10.62 -0.51 -5.84
C TRP A 175 9.96 0.12 -4.64
N GLU A 176 9.78 -0.65 -3.59
CA GLU A 176 9.33 -0.09 -2.31
C GLU A 176 9.84 -0.93 -1.14
N PRO A 177 9.86 -0.34 0.06
CA PRO A 177 10.29 -1.11 1.24
C PRO A 177 9.47 -2.34 1.51
N GLU A 178 10.11 -3.43 1.84
CA GLU A 178 9.42 -4.62 2.40
C GLU A 178 8.90 -4.33 3.78
N ASP A 179 7.83 -5.02 4.16
CA ASP A 179 7.27 -4.92 5.52
C ASP A 179 7.86 -6.04 6.30
N VAL A 180 8.82 -5.72 7.16
CA VAL A 180 9.48 -6.75 7.90
C VAL A 180 9.46 -6.42 9.40
N TYR A 181 9.17 -7.40 10.26
CA TYR A 181 9.34 -7.23 11.66
C TYR A 181 10.84 -7.27 12.02
N TRP A 182 11.40 -6.11 12.33
CA TRP A 182 12.81 -6.01 12.74
C TRP A 182 12.96 -5.89 14.26
N GLY A 183 11.86 -5.86 14.98
CA GLY A 183 11.88 -5.74 16.47
C GLY A 183 10.84 -4.70 16.92
N SER A 184 10.67 -4.57 18.24
CA SER A 184 9.66 -3.65 18.83
C SER A 184 10.21 -2.38 19.49
N GLU A 185 11.52 -2.28 19.59
CA GLU A 185 12.14 -1.16 20.23
C GLU A 185 11.83 0.13 19.46
N LYS A 186 11.70 1.26 20.19
CA LYS A 186 11.42 2.59 19.57
C LYS A 186 12.61 3.48 19.63
N ILE A 187 13.76 2.95 20.07
CA ILE A 187 14.98 3.70 20.13
C ILE A 187 16.06 2.90 19.36
N TRP A 188 16.76 3.58 18.44
CA TRP A 188 17.85 2.92 17.66
C TRP A 188 18.87 2.37 18.66
N LEU A 189 19.31 1.15 18.43
CA LEU A 189 20.38 0.54 19.21
C LEU A 189 20.08 0.33 20.72
N GLU A 190 18.80 0.36 21.08
CA GLU A 190 18.44 0.21 22.48
C GLU A 190 19.05 -1.06 23.06
N LEU A 191 19.68 -0.90 24.23
CA LEU A 191 20.26 -1.99 25.00
C LEU A 191 19.18 -2.91 25.50
N SER A 192 19.53 -4.16 25.78
CA SER A 192 18.53 -5.19 26.12
C SER A 192 17.84 -4.89 27.47
N GLY A 193 16.68 -5.48 27.67
CA GLY A 193 16.03 -5.42 28.97
C GLY A 193 15.12 -4.22 29.13
N GLY A 194 14.89 -3.48 28.05
CA GLY A 194 13.95 -2.37 28.04
C GLY A 194 12.52 -2.83 27.96
N PRO A 195 11.59 -1.87 27.79
CA PRO A 195 10.16 -2.25 27.71
C PRO A 195 9.84 -3.04 26.48
N ASN A 196 10.69 -2.99 25.46
CA ASN A 196 10.51 -3.78 24.23
C ASN A 196 11.68 -4.76 23.98
N SER A 197 12.30 -5.21 25.05
CA SER A 197 13.41 -6.09 25.00
C SER A 197 13.19 -7.24 24.02
N ARG A 198 14.15 -7.44 23.11
CA ARG A 198 14.12 -8.61 22.26
C ARG A 198 14.70 -9.85 22.96
N TYR A 199 15.18 -9.70 24.18
CA TYR A 199 15.73 -10.80 24.97
C TYR A 199 14.81 -11.18 26.17
N SER A 200 14.73 -12.46 26.44
CA SER A 200 14.04 -12.94 27.63
C SER A 200 14.79 -14.18 28.09
N GLY A 201 14.48 -14.62 29.29
CA GLY A 201 15.06 -15.83 29.83
C GLY A 201 16.56 -15.68 30.00
N ASP A 202 17.28 -16.76 29.75
CA ASP A 202 18.76 -16.72 29.75
C ASP A 202 19.32 -16.23 28.37
N ARG A 203 19.13 -14.92 28.15
CA ARG A 203 19.57 -14.26 26.94
C ARG A 203 19.11 -15.06 25.70
N GLN A 204 17.81 -15.32 25.62
CA GLN A 204 17.14 -15.87 24.46
C GLN A 204 16.67 -14.72 23.62
N LEU A 205 17.06 -14.75 22.35
CA LEU A 205 16.68 -13.74 21.40
C LEU A 205 15.33 -14.13 20.87
N GLU A 206 14.35 -13.24 20.78
CA GLU A 206 13.04 -13.65 20.22
C GLU A 206 13.12 -13.98 18.71
N ASN A 207 12.52 -15.07 18.30
CA ASN A 207 12.24 -15.31 16.91
C ASN A 207 11.27 -14.30 16.38
N PRO A 208 11.38 -13.89 15.12
CA PRO A 208 12.33 -14.35 14.13
C PRO A 208 13.61 -13.46 14.06
N LEU A 209 13.95 -12.73 15.10
CA LEU A 209 15.05 -11.76 14.98
C LEU A 209 16.45 -12.45 14.96
N ALA A 210 17.41 -11.73 14.39
CA ALA A 210 18.74 -12.27 14.19
C ALA A 210 19.85 -11.28 14.42
N ALA A 211 19.52 -10.22 15.16
CA ALA A 211 20.47 -9.24 15.60
C ALA A 211 20.19 -8.91 17.10
N VAL A 212 21.22 -8.42 17.77
CA VAL A 212 21.16 -8.19 19.21
C VAL A 212 20.52 -6.85 19.62
N GLN A 213 20.49 -5.91 18.68
CA GLN A 213 19.94 -4.55 18.92
C GLN A 213 19.35 -4.01 17.64
N MET A 214 18.33 -3.18 17.78
CA MET A 214 17.65 -2.57 16.71
C MET A 214 18.60 -1.70 15.92
N GLY A 215 18.75 -2.08 14.66
CA GLY A 215 19.60 -1.34 13.74
C GLY A 215 21.00 -1.91 13.53
N LEU A 216 21.30 -3.01 14.21
CA LEU A 216 22.53 -3.74 13.99
C LEU A 216 22.26 -4.94 13.03
N ILE A 217 23.34 -5.35 12.35
CA ILE A 217 23.37 -6.48 11.43
C ILE A 217 23.35 -7.79 12.21
N TYR A 218 24.36 -7.99 13.06
CA TYR A 218 24.43 -9.17 13.90
C TYR A 218 24.62 -8.78 15.39
N VAL A 219 25.82 -8.41 15.77
CA VAL A 219 26.22 -8.19 17.13
C VAL A 219 26.83 -6.81 17.33
N ASN A 220 27.04 -6.46 18.60
CA ASN A 220 27.61 -5.16 18.97
C ASN A 220 29.12 -5.38 18.94
N PRO A 221 29.86 -4.55 18.15
CA PRO A 221 31.29 -4.72 18.09
C PRO A 221 32.07 -4.40 19.40
N GLU A 222 31.44 -3.67 20.35
CA GLU A 222 32.08 -3.46 21.66
C GLU A 222 31.97 -4.67 22.57
N GLY A 223 30.94 -5.46 22.34
CA GLY A 223 30.57 -6.63 23.14
C GLY A 223 29.07 -6.58 23.53
N PRO A 224 28.58 -7.60 24.21
CA PRO A 224 27.17 -7.67 24.54
C PRO A 224 26.65 -6.47 25.35
N ASP A 225 25.68 -5.75 24.80
CA ASP A 225 25.18 -4.50 25.39
C ASP A 225 26.29 -3.55 25.75
N GLY A 226 27.39 -3.55 24.99
CA GLY A 226 28.51 -2.64 25.23
C GLY A 226 29.60 -3.14 26.15
N ASN A 227 29.43 -4.33 26.71
CA ASN A 227 30.40 -4.89 27.67
C ASN A 227 31.54 -5.66 26.97
N PRO A 228 32.80 -5.24 27.15
CA PRO A 228 33.83 -5.74 26.22
C PRO A 228 34.47 -6.98 26.66
N ASP A 229 33.68 -8.03 26.68
CA ASP A 229 34.14 -9.35 27.09
C ASP A 229 34.05 -10.24 25.83
N PRO A 230 35.19 -10.62 25.26
CA PRO A 230 35.20 -11.41 24.03
C PRO A 230 34.55 -12.77 24.17
N VAL A 231 34.66 -13.35 25.35
CA VAL A 231 33.99 -14.65 25.58
C VAL A 231 32.47 -14.59 25.46
N ALA A 232 31.94 -13.61 26.14
CA ALA A 232 30.51 -13.34 26.12
C ALA A 232 30.04 -12.90 24.70
N ALA A 233 30.83 -12.11 24.04
CA ALA A 233 30.54 -11.66 22.68
C ALA A 233 30.44 -12.87 21.74
N ALA A 234 31.28 -13.87 21.97
CA ALA A 234 31.24 -15.08 21.16
C ALA A 234 29.88 -15.81 21.23
N ARG A 235 29.23 -15.74 22.38
CA ARG A 235 27.93 -16.31 22.54
C ARG A 235 26.94 -15.65 21.59
N ASP A 236 26.98 -14.31 21.55
CA ASP A 236 26.06 -13.56 20.70
C ASP A 236 26.38 -13.80 19.22
N ILE A 237 27.68 -13.85 18.92
CA ILE A 237 28.08 -14.09 17.53
C ILE A 237 27.54 -15.43 17.07
N ARG A 238 27.76 -16.46 17.88
CA ARG A 238 27.33 -17.80 17.51
C ARG A 238 25.82 -17.85 17.27
N ASP A 239 25.09 -17.22 18.15
CA ASP A 239 23.62 -17.26 18.13
C ASP A 239 23.09 -16.50 16.89
N THR A 240 23.55 -15.28 16.69
CA THR A 240 23.10 -14.53 15.56
C THR A 240 23.47 -15.10 14.21
N PHE A 241 24.71 -15.57 14.09
CA PHE A 241 25.16 -16.17 12.84
C PHE A 241 24.39 -17.45 12.57
N ALA A 242 24.07 -18.23 13.62
CA ALA A 242 23.27 -19.44 13.39
C ALA A 242 21.93 -19.08 12.83
N ARG A 243 21.39 -18.00 13.35
CA ARG A 243 20.14 -17.48 12.87
C ARG A 243 20.17 -16.86 11.53
N MET A 244 21.38 -16.70 11.00
CA MET A 244 21.62 -16.36 9.61
C MET A 244 22.16 -17.53 8.77
N ALA A 245 22.00 -18.77 9.28
CA ALA A 245 22.36 -19.97 8.56
C ALA A 245 23.82 -20.31 8.48
N MET A 246 24.60 -19.71 9.36
CA MET A 246 26.05 -19.93 9.35
C MET A 246 26.49 -20.71 10.57
N ASN A 247 27.24 -21.77 10.39
CA ASN A 247 27.84 -22.53 11.46
C ASN A 247 29.19 -21.92 11.95
N ASP A 248 29.87 -22.56 12.88
CA ASP A 248 31.11 -21.99 13.45
C ASP A 248 32.19 -21.82 12.38
N GLU A 249 32.42 -22.82 11.57
CA GLU A 249 33.47 -22.73 10.60
C GLU A 249 33.18 -21.55 9.65
N GLU A 250 31.96 -21.45 9.20
CA GLU A 250 31.60 -20.40 8.30
C GLU A 250 31.73 -18.99 8.91
N THR A 251 31.34 -18.94 10.18
CA THR A 251 31.35 -17.68 10.93
C THR A 251 32.74 -17.13 11.10
N VAL A 252 33.67 -18.00 11.50
CA VAL A 252 35.04 -17.57 11.66
C VAL A 252 35.61 -17.21 10.30
N ALA A 253 35.30 -18.02 9.27
CA ALA A 253 35.86 -17.68 7.96
C ALA A 253 35.38 -16.32 7.44
N LEU A 254 34.11 -16.01 7.71
CA LEU A 254 33.54 -14.75 7.21
C LEU A 254 34.13 -13.51 7.96
N ILE A 255 34.18 -13.61 9.29
CA ILE A 255 34.58 -12.42 10.08
C ILE A 255 36.07 -12.13 9.83
N ALA A 256 36.89 -13.16 9.89
CA ALA A 256 38.35 -13.02 9.65
C ALA A 256 38.64 -12.64 8.20
N GLY A 257 37.87 -13.24 7.28
CA GLY A 257 37.89 -12.83 5.91
C GLY A 257 37.64 -11.39 5.66
N GLY A 258 36.50 -10.91 6.14
CA GLY A 258 36.07 -9.49 5.94
C GLY A 258 37.14 -8.56 6.56
N HIS A 259 37.51 -8.89 7.80
CA HIS A 259 38.44 -8.03 8.57
C HIS A 259 39.91 -8.20 8.19
N THR A 260 40.18 -8.98 7.17
CA THR A 260 41.41 -8.88 6.46
C THR A 260 41.53 -7.54 5.70
N PHE A 261 40.40 -6.85 5.41
CA PHE A 261 40.47 -5.69 4.57
C PHE A 261 40.01 -4.41 5.26
N GLY A 262 40.59 -3.28 4.87
CA GLY A 262 40.04 -2.01 5.20
C GLY A 262 40.23 -1.61 6.66
N LYS A 263 39.32 -0.73 7.11
CA LYS A 263 39.37 -0.20 8.45
C LYS A 263 38.01 0.24 8.92
N THR A 264 37.94 0.51 10.24
CA THR A 264 36.80 1.18 10.82
C THR A 264 37.02 2.69 10.86
N HIS A 265 35.98 3.46 11.23
CA HIS A 265 36.07 4.91 11.25
C HIS A 265 35.48 5.49 12.53
N GLY A 266 36.37 6.13 13.28
CA GLY A 266 35.95 6.72 14.57
C GLY A 266 36.88 7.85 15.01
N ALA A 267 37.11 8.83 14.11
CA ALA A 267 38.22 9.78 14.28
C ALA A 267 37.92 10.86 15.34
N GLY A 268 36.68 10.99 15.74
CA GLY A 268 36.26 11.91 16.77
C GLY A 268 34.90 11.54 17.31
N PRO A 269 34.39 12.33 18.25
CA PRO A 269 33.16 12.01 18.97
C PRO A 269 31.94 11.85 18.08
N ALA A 270 31.07 10.93 18.43
CA ALA A 270 29.90 10.57 17.61
C ALA A 270 28.89 11.69 17.56
N SER A 271 28.94 12.61 18.53
CA SER A 271 27.99 13.67 18.53
C SER A 271 28.25 14.64 17.35
N ASN A 272 29.40 14.56 16.71
CA ASN A 272 29.56 15.26 15.44
C ASN A 272 28.64 14.82 14.27
N VAL A 273 28.07 13.61 14.37
CA VAL A 273 27.46 12.98 13.19
C VAL A 273 26.00 13.36 13.17
N GLY A 274 25.50 13.91 12.07
CA GLY A 274 24.10 14.28 11.97
C GLY A 274 23.15 13.17 11.49
N ALA A 275 22.02 13.63 10.99
CA ALA A 275 20.84 12.83 10.73
C ALA A 275 21.14 11.72 9.71
N GLU A 276 20.63 10.54 10.03
CA GLU A 276 20.56 9.43 9.10
C GLU A 276 19.77 9.83 7.82
N PRO A 277 19.98 9.09 6.71
CA PRO A 277 19.43 9.56 5.43
C PRO A 277 17.94 9.88 5.42
N GLU A 278 17.13 9.02 6.01
CA GLU A 278 15.69 9.23 5.98
C GLU A 278 15.27 10.48 6.80
N ALA A 279 16.12 10.99 7.67
CA ALA A 279 15.81 12.17 8.50
C ALA A 279 16.53 13.36 8.02
N ALA A 280 17.47 13.27 7.10
CA ALA A 280 18.23 14.45 6.69
C ALA A 280 17.41 15.42 5.85
N GLY A 281 17.93 16.61 5.67
CA GLY A 281 17.29 17.53 4.79
C GLY A 281 17.37 17.09 3.34
N ILE A 282 16.48 17.68 2.60
CA ILE A 282 16.29 17.43 1.22
C ILE A 282 17.51 17.76 0.41
N GLU A 283 18.30 18.76 0.83
CA GLU A 283 19.50 19.12 0.16
C GLU A 283 20.61 18.06 0.22
N ALA A 284 20.55 17.16 1.21
CA ALA A 284 21.54 16.11 1.30
C ALA A 284 21.34 15.10 0.11
N GLN A 285 20.23 15.20 -0.64
CA GLN A 285 20.05 14.37 -1.83
C GLN A 285 20.32 12.87 -1.56
N GLY A 286 19.73 12.39 -0.48
CA GLY A 286 19.65 10.99 -0.21
C GLY A 286 20.80 10.47 0.58
N LEU A 287 21.76 11.33 0.90
CA LEU A 287 22.86 10.95 1.77
C LEU A 287 22.55 11.36 3.22
N GLY A 288 23.34 10.85 4.13
CA GLY A 288 23.12 11.10 5.55
C GLY A 288 24.41 11.10 6.38
N TRP A 289 24.22 11.12 7.70
CA TRP A 289 25.33 11.13 8.64
C TRP A 289 26.40 12.18 8.38
N LYS A 290 25.98 13.35 7.96
CA LYS A 290 26.93 14.43 7.70
C LYS A 290 27.67 14.78 9.00
N SER A 291 28.95 14.92 8.94
CA SER A 291 29.79 14.99 10.19
C SER A 291 30.41 16.41 10.30
N ALA A 292 30.25 17.03 11.45
CA ALA A 292 30.91 18.32 11.70
C ALA A 292 32.35 18.16 12.15
N TYR A 293 32.89 16.95 12.23
CA TYR A 293 34.23 16.74 12.74
C TYR A 293 35.26 16.99 11.65
N ARG A 294 35.99 18.12 11.79
CA ARG A 294 37.04 18.47 10.88
C ARG A 294 36.55 18.43 9.45
N THR A 295 37.19 17.73 8.51
CA THR A 295 36.67 17.73 7.13
C THR A 295 35.41 16.83 6.95
N GLY A 296 35.06 16.01 7.90
CA GLY A 296 33.87 15.20 7.84
C GLY A 296 33.95 13.89 7.06
N LYS A 297 35.17 13.52 6.62
CA LYS A 297 35.36 12.43 5.65
C LYS A 297 36.81 12.06 5.60
N GLY A 298 37.13 11.06 4.79
CA GLY A 298 38.52 10.66 4.64
C GLY A 298 39.22 10.36 6.00
N ALA A 299 40.34 11.03 6.26
CA ALA A 299 41.07 10.85 7.50
C ALA A 299 40.27 11.20 8.76
N ASP A 300 39.23 12.04 8.61
CA ASP A 300 38.38 12.48 9.69
C ASP A 300 37.08 11.70 9.83
N ALA A 301 36.88 10.69 8.97
CA ALA A 301 35.64 9.95 8.92
C ALA A 301 35.19 9.37 10.22
N ILE A 302 33.89 9.46 10.47
CA ILE A 302 33.28 8.76 11.58
C ILE A 302 32.05 7.96 11.09
N THR A 303 32.05 6.67 11.43
CA THR A 303 31.07 5.71 10.97
C THR A 303 30.56 4.96 12.17
N SER A 304 31.31 4.00 12.65
CA SER A 304 30.89 3.24 13.80
C SER A 304 31.34 3.96 15.12
N GLY A 305 32.34 4.84 15.06
CA GLY A 305 32.95 5.31 16.28
C GLY A 305 34.15 4.50 16.77
N LEU A 306 34.43 3.36 16.18
CA LEU A 306 35.66 2.64 16.47
C LEU A 306 36.76 3.06 15.50
N GLU A 307 38.02 2.83 15.86
CA GLU A 307 39.16 3.21 15.04
C GLU A 307 40.20 2.09 15.08
N VAL A 308 40.01 1.09 14.21
CA VAL A 308 40.74 -0.14 14.10
C VAL A 308 41.09 -0.31 12.61
N THR A 309 42.32 -0.71 12.39
CA THR A 309 42.84 -1.13 11.14
C THR A 309 43.51 -2.45 11.44
N TRP A 310 43.02 -3.55 10.81
CA TRP A 310 43.45 -4.90 11.24
C TRP A 310 44.75 -5.39 10.72
N THR A 311 45.10 -5.08 9.48
CA THR A 311 46.25 -5.74 8.83
C THR A 311 47.26 -4.72 8.30
N THR A 312 48.44 -5.21 7.97
CA THR A 312 49.51 -4.37 7.43
C THR A 312 49.31 -4.08 5.96
N THR A 313 48.41 -4.76 5.26
CA THR A 313 48.13 -4.42 3.85
C THR A 313 46.57 -4.42 3.68
N PRO A 314 45.92 -3.36 4.16
CA PRO A 314 44.45 -3.34 4.16
C PRO A 314 43.83 -3.41 2.77
N THR A 315 44.64 -3.25 1.70
CA THR A 315 44.13 -3.37 0.41
C THR A 315 44.57 -4.62 -0.33
N GLN A 316 45.03 -5.63 0.38
CA GLN A 316 45.41 -6.85 -0.25
C GLN A 316 45.08 -8.02 0.62
N TRP A 317 44.61 -9.10 -0.05
CA TRP A 317 44.35 -10.33 0.65
C TRP A 317 45.68 -10.85 1.27
N SER A 318 45.61 -11.37 2.48
CA SER A 318 46.73 -11.83 3.25
C SER A 318 46.24 -12.81 4.32
N HIS A 319 47.16 -13.34 5.13
CA HIS A 319 46.76 -14.06 6.33
C HIS A 319 47.24 -13.32 7.58
N ASN A 320 47.28 -12.01 7.47
CA ASN A 320 47.83 -11.16 8.52
C ASN A 320 46.78 -10.94 9.64
N PHE A 321 45.44 -11.03 9.38
CA PHE A 321 44.50 -10.97 10.45
C PHE A 321 44.83 -12.02 11.51
N PHE A 322 44.96 -13.30 11.15
CA PHE A 322 45.26 -14.32 12.14
C PHE A 322 46.71 -14.22 12.73
N GLU A 323 47.63 -13.76 11.92
CA GLU A 323 49.00 -13.51 12.39
C GLU A 323 48.97 -12.52 13.49
N ASN A 324 48.25 -11.42 13.33
CA ASN A 324 48.12 -10.43 14.38
C ASN A 324 47.30 -11.00 15.52
N LEU A 325 46.20 -11.67 15.22
CA LEU A 325 45.33 -12.10 16.28
C LEU A 325 46.05 -12.97 17.31
N PHE A 326 46.83 -13.93 16.81
CA PHE A 326 47.55 -14.87 17.62
C PHE A 326 48.95 -14.37 18.01
N GLY A 327 49.52 -13.47 17.22
CA GLY A 327 50.88 -12.95 17.43
C GLY A 327 51.06 -11.92 18.55
N TYR A 328 50.05 -11.28 19.05
CA TYR A 328 50.14 -10.28 20.08
C TYR A 328 49.17 -10.57 21.20
N GLU A 329 49.40 -9.93 22.36
CA GLU A 329 48.46 -9.91 23.41
C GLU A 329 47.79 -8.55 23.34
N TRP A 330 46.59 -8.45 23.84
CA TRP A 330 45.70 -7.36 23.53
C TRP A 330 45.29 -6.56 24.78
N GLU A 331 45.20 -5.23 24.66
CA GLU A 331 44.85 -4.39 25.75
C GLU A 331 43.65 -3.59 25.44
N LEU A 332 42.74 -3.50 26.43
CA LEU A 332 41.51 -2.75 26.30
C LEU A 332 41.80 -1.29 26.29
N THR A 333 41.15 -0.59 25.37
CA THR A 333 41.43 0.80 25.10
C THR A 333 40.18 1.49 24.55
N LYS A 334 40.28 2.76 24.21
CA LYS A 334 39.16 3.51 23.73
C LYS A 334 39.51 4.23 22.47
N SER A 335 38.58 4.26 21.52
CA SER A 335 38.81 5.01 20.30
C SER A 335 38.70 6.51 20.59
N PRO A 336 39.01 7.34 19.62
CA PRO A 336 38.70 8.74 19.80
C PRO A 336 37.26 9.13 19.99
N ALA A 337 36.29 8.26 19.69
CA ALA A 337 34.89 8.56 19.94
C ALA A 337 34.46 7.99 21.28
N GLY A 338 35.38 7.38 22.00
CA GLY A 338 35.03 6.78 23.25
C GLY A 338 34.63 5.31 23.24
N ALA A 339 34.80 4.59 22.14
CA ALA A 339 34.32 3.21 22.06
C ALA A 339 35.35 2.25 22.56
N HIS A 340 34.93 1.16 23.19
CA HIS A 340 35.91 0.08 23.56
C HIS A 340 36.42 -0.68 22.31
N GLN A 341 37.73 -0.85 22.28
CA GLN A 341 38.46 -1.57 21.30
C GLN A 341 39.81 -2.03 21.90
N TRP A 342 40.67 -2.76 21.15
CA TRP A 342 41.81 -3.42 21.68
C TRP A 342 43.02 -3.02 20.86
N VAL A 343 44.18 -2.91 21.54
CA VAL A 343 45.44 -2.55 20.88
C VAL A 343 46.44 -3.59 21.29
N ALA A 344 47.38 -3.90 20.41
CA ALA A 344 48.39 -4.87 20.67
C ALA A 344 49.47 -4.27 21.60
N LYS A 345 49.66 -4.95 22.73
CA LYS A 345 50.56 -4.50 23.78
C LYS A 345 51.98 -4.50 23.25
N GLY A 346 52.63 -3.33 23.30
CA GLY A 346 54.04 -3.21 22.96
C GLY A 346 54.44 -3.57 21.55
N ALA A 347 53.53 -3.45 20.62
CA ALA A 347 53.83 -3.77 19.23
C ALA A 347 54.52 -2.56 18.62
N ASP A 348 55.29 -2.80 17.58
CA ASP A 348 55.69 -1.72 16.68
C ASP A 348 54.51 -1.17 15.89
N ALA A 349 54.64 0.08 15.48
CA ALA A 349 53.75 0.71 14.60
C ALA A 349 53.96 0.18 13.15
N VAL A 350 53.30 -0.92 12.80
CA VAL A 350 53.47 -1.54 11.51
C VAL A 350 52.26 -1.35 10.55
N ILE A 351 51.15 -0.80 11.04
CA ILE A 351 49.91 -0.71 10.25
C ILE A 351 49.89 0.61 9.51
N PRO A 352 49.64 0.60 8.20
CA PRO A 352 49.72 1.89 7.53
C PRO A 352 48.57 2.78 7.85
N ASP A 353 48.79 4.08 7.71
CA ASP A 353 47.74 5.06 7.86
C ASP A 353 46.95 5.12 6.57
N ALA A 354 45.69 5.56 6.64
CA ALA A 354 44.85 5.58 5.43
C ALA A 354 45.10 6.74 4.48
N PHE A 355 45.68 7.84 5.02
CA PHE A 355 45.95 9.04 4.23
C PHE A 355 47.38 9.64 4.27
N ASP A 356 48.10 9.38 5.31
CA ASP A 356 49.42 9.99 5.53
C ASP A 356 50.49 8.94 5.39
N PRO A 357 51.25 8.95 4.25
CA PRO A 357 52.28 7.90 4.06
C PRO A 357 53.40 7.96 5.10
N SER A 358 53.52 9.01 5.84
CA SER A 358 54.53 9.05 6.87
C SER A 358 54.04 8.58 8.23
N LYS A 359 52.83 8.05 8.37
CA LYS A 359 52.38 7.55 9.71
C LYS A 359 52.04 6.11 9.73
N LYS A 360 52.27 5.48 10.87
CA LYS A 360 51.99 4.09 11.09
C LYS A 360 51.38 3.90 12.42
N HIS A 361 50.74 2.75 12.63
CA HIS A 361 49.97 2.49 13.84
C HIS A 361 50.22 1.09 14.36
N ARG A 362 49.90 0.89 15.63
CA ARG A 362 49.97 -0.44 16.23
C ARG A 362 48.71 -1.22 15.73
N PRO A 363 48.81 -2.52 15.64
CA PRO A 363 47.66 -3.43 15.38
C PRO A 363 46.59 -3.27 16.40
N THR A 364 45.35 -3.20 15.94
CA THR A 364 44.20 -3.13 16.81
C THR A 364 43.15 -4.20 16.43
N MET A 365 42.21 -4.44 17.31
CA MET A 365 41.14 -5.42 17.15
C MET A 365 39.88 -4.92 17.85
N LEU A 366 38.73 -5.42 17.36
CA LEU A 366 37.45 -5.33 18.03
C LEU A 366 37.33 -6.44 19.08
N THR A 367 36.53 -6.20 20.11
CA THR A 367 36.18 -7.24 21.05
C THR A 367 35.69 -8.54 20.31
N THR A 368 34.82 -8.34 19.34
CA THR A 368 34.27 -9.43 18.50
C THR A 368 35.31 -10.17 17.64
N ASP A 369 36.43 -9.52 17.28
CA ASP A 369 37.52 -10.19 16.62
C ASP A 369 38.23 -11.09 17.63
N LEU A 370 38.43 -10.59 18.84
CA LEU A 370 39.08 -11.40 19.88
C LEU A 370 38.27 -12.62 20.22
N SER A 371 36.96 -12.54 20.07
CA SER A 371 36.10 -13.75 20.23
C SER A 371 36.61 -14.93 19.48
N LEU A 372 37.25 -14.70 18.32
CA LEU A 372 37.71 -15.79 17.45
C LEU A 372 38.87 -16.56 18.03
N ARG A 373 39.55 -15.88 18.93
CA ARG A 373 40.65 -16.48 19.68
C ARG A 373 40.27 -16.99 21.08
N PHE A 374 39.40 -16.30 21.77
CA PHE A 374 39.11 -16.67 23.20
C PHE A 374 37.85 -17.51 23.43
N ASP A 375 36.96 -17.66 22.46
CA ASP A 375 35.97 -18.69 22.54
C ASP A 375 36.67 -20.02 22.23
N PRO A 376 36.48 -21.04 23.04
CA PRO A 376 37.25 -22.24 22.80
C PRO A 376 36.98 -22.96 21.47
N ALA A 377 35.74 -23.00 21.02
CA ALA A 377 35.44 -23.68 19.76
C ALA A 377 35.94 -22.86 18.57
N TYR A 378 35.79 -21.54 18.63
CA TYR A 378 36.34 -20.68 17.60
C TYR A 378 37.86 -20.77 17.49
N GLU A 379 38.50 -20.85 18.64
CA GLU A 379 39.93 -20.84 18.71
C GLU A 379 40.51 -22.01 17.90
N LYS A 380 39.89 -23.17 17.93
CA LYS A 380 40.40 -24.29 17.17
C LYS A 380 40.30 -24.09 15.70
N ILE A 381 39.18 -23.48 15.29
CA ILE A 381 39.02 -23.22 13.88
C ILE A 381 40.04 -22.11 13.41
N SER A 382 40.08 -21.05 14.19
CA SER A 382 40.97 -19.95 13.92
C SER A 382 42.43 -20.47 13.86
N ARG A 383 42.82 -21.37 14.77
CA ARG A 383 44.17 -21.93 14.72
CA ARG A 383 44.17 -21.93 14.72
C ARG A 383 44.42 -22.71 13.43
N ARG A 384 43.46 -23.55 13.06
CA ARG A 384 43.58 -24.26 11.81
C ARG A 384 43.69 -23.32 10.59
N PHE A 385 42.87 -22.26 10.56
CA PHE A 385 42.97 -21.29 9.47
C PHE A 385 44.29 -20.51 9.46
N HIS A 386 44.79 -20.11 10.62
CA HIS A 386 46.09 -19.55 10.82
C HIS A 386 47.26 -20.42 10.28
N GLU A 387 47.25 -21.69 10.64
CA GLU A 387 48.24 -22.63 10.18
C GLU A 387 48.09 -22.98 8.73
N ASN A 388 46.88 -22.87 8.20
CA ASN A 388 46.59 -23.34 6.82
C ASN A 388 45.79 -22.29 6.10
N PRO A 389 46.43 -21.23 5.70
CA PRO A 389 45.63 -20.17 5.12
C PRO A 389 44.91 -20.56 3.84
N GLU A 390 45.36 -21.62 3.17
CA GLU A 390 44.63 -22.06 2.02
C GLU A 390 43.26 -22.60 2.39
N GLN A 391 43.18 -23.25 3.54
CA GLN A 391 41.91 -23.69 4.03
C GLN A 391 41.00 -22.48 4.36
N PHE A 392 41.62 -21.42 4.93
CA PHE A 392 40.92 -20.20 5.25
C PHE A 392 40.33 -19.59 3.98
N ALA A 393 41.14 -19.48 2.94
CA ALA A 393 40.72 -18.87 1.72
C ALA A 393 39.52 -19.69 1.12
N ASP A 394 39.60 -21.01 1.10
CA ASP A 394 38.55 -21.82 0.52
C ASP A 394 37.22 -21.66 1.33
N ALA A 395 37.33 -21.66 2.66
CA ALA A 395 36.16 -21.54 3.54
C ALA A 395 35.51 -20.21 3.41
N PHE A 396 36.33 -19.19 3.36
CA PHE A 396 35.84 -17.84 3.17
C PHE A 396 35.15 -17.72 1.84
N ALA A 397 35.75 -18.25 0.79
CA ALA A 397 35.14 -18.08 -0.52
C ALA A 397 33.74 -18.76 -0.59
N ARG A 398 33.66 -19.95 -0.03
CA ARG A 398 32.43 -20.74 0.06
C ARG A 398 31.39 -20.04 0.88
N ALA A 399 31.85 -19.49 2.01
CA ALA A 399 30.94 -18.77 2.88
C ALA A 399 30.47 -17.45 2.35
N TRP A 400 31.30 -16.74 1.63
CA TRP A 400 30.92 -15.50 1.00
C TRP A 400 29.90 -15.79 -0.11
N PHE A 401 30.13 -16.84 -0.89
CA PHE A 401 29.15 -17.21 -1.91
C PHE A 401 27.76 -17.52 -1.25
N LYS A 402 27.79 -18.36 -0.24
CA LYS A 402 26.61 -18.76 0.48
C LYS A 402 25.86 -17.51 1.08
N LEU A 403 26.61 -16.70 1.83
CA LEU A 403 26.09 -15.50 2.38
C LEU A 403 25.31 -14.66 1.36
N THR A 404 25.94 -14.46 0.21
CA THR A 404 25.48 -13.48 -0.76
C THR A 404 24.47 -14.09 -1.75
N HIS A 405 24.25 -15.38 -1.68
CA HIS A 405 23.27 -16.08 -2.57
C HIS A 405 22.19 -16.85 -1.77
N ARG A 406 22.25 -16.73 -0.46
CA ARG A 406 21.43 -17.63 0.38
C ARG A 406 19.90 -17.50 0.13
N ASP A 407 19.46 -16.32 -0.29
CA ASP A 407 18.09 -16.01 -0.52
C ASP A 407 17.73 -15.96 -1.97
N MET A 408 18.54 -16.48 -2.83
CA MET A 408 18.27 -16.41 -4.25
C MET A 408 17.37 -17.55 -4.70
N GLY A 409 17.20 -18.60 -3.95
CA GLY A 409 16.29 -19.65 -4.38
C GLY A 409 16.99 -20.74 -5.18
N PRO A 410 16.18 -21.53 -5.88
CA PRO A 410 16.67 -22.65 -6.62
C PRO A 410 17.72 -22.23 -7.67
N ARG A 411 18.63 -23.18 -7.99
CA ARG A 411 19.76 -22.93 -8.90
C ARG A 411 19.27 -22.49 -10.27
N ALA A 412 18.07 -22.89 -10.65
CA ALA A 412 17.50 -22.45 -11.89
C ALA A 412 17.40 -20.94 -12.00
N ARG A 413 17.34 -20.19 -10.90
CA ARG A 413 17.31 -18.75 -11.01
C ARG A 413 18.67 -18.05 -11.28
N TYR A 414 19.80 -18.79 -11.15
CA TYR A 414 21.14 -18.23 -11.27
C TYR A 414 21.47 -17.92 -12.69
N LEU A 415 21.88 -16.69 -12.95
CA LEU A 415 22.19 -16.24 -14.28
C LEU A 415 23.62 -15.92 -14.48
N GLY A 416 24.07 -16.03 -15.71
CA GLY A 416 25.29 -15.44 -16.22
C GLY A 416 26.48 -16.45 -16.26
N PRO A 417 27.65 -15.95 -16.60
CA PRO A 417 28.74 -16.82 -16.90
C PRO A 417 29.60 -17.19 -15.72
N GLU A 418 29.29 -16.79 -14.51
CA GLU A 418 30.17 -17.07 -13.38
C GLU A 418 29.55 -17.92 -12.32
N VAL A 419 28.47 -18.61 -12.67
CA VAL A 419 27.76 -19.42 -11.70
C VAL A 419 28.58 -20.64 -11.36
N PRO A 420 28.79 -20.97 -10.10
CA PRO A 420 29.62 -22.14 -9.84
C PRO A 420 28.87 -23.37 -10.28
N ALA A 421 29.63 -24.30 -10.86
CA ALA A 421 29.06 -25.60 -11.25
C ALA A 421 28.82 -26.52 -10.05
N GLU A 422 29.58 -26.38 -8.99
CA GLU A 422 29.36 -27.21 -7.81
C GLU A 422 28.02 -26.93 -7.13
N VAL A 423 27.32 -28.03 -6.84
CA VAL A 423 26.05 -28.02 -6.20
C VAL A 423 26.30 -28.15 -4.77
N LEU A 424 25.72 -27.28 -3.95
CA LEU A 424 26.01 -27.25 -2.53
C LEU A 424 24.79 -27.72 -1.78
N LEU A 425 25.02 -28.43 -0.71
CA LEU A 425 23.96 -28.96 0.11
C LEU A 425 22.97 -27.88 0.57
N TRP A 426 23.45 -26.69 0.93
CA TRP A 426 22.56 -25.63 1.41
C TRP A 426 21.53 -25.12 0.40
N GLN A 427 21.81 -25.36 -0.89
CA GLN A 427 20.91 -25.00 -1.98
C GLN A 427 19.59 -25.87 -2.05
N ASP A 428 19.43 -26.86 -1.17
CA ASP A 428 18.33 -27.83 -1.27
C ASP A 428 18.20 -28.33 -2.69
N PRO A 429 19.25 -29.01 -3.17
CA PRO A 429 19.26 -29.16 -4.59
C PRO A 429 18.26 -30.19 -5.13
N ILE A 430 17.95 -30.01 -6.41
CA ILE A 430 16.97 -30.83 -7.14
C ILE A 430 17.69 -31.48 -8.33
N PRO A 431 17.61 -32.79 -8.47
CA PRO A 431 18.36 -33.39 -9.60
C PRO A 431 17.80 -32.99 -10.96
N ALA A 432 18.64 -33.06 -11.97
CA ALA A 432 18.25 -32.80 -13.32
C ALA A 432 17.29 -33.83 -13.84
N VAL A 433 16.44 -33.39 -14.72
CA VAL A 433 15.53 -34.32 -15.32
C VAL A 433 16.16 -34.78 -16.61
N ASP A 434 16.25 -36.05 -16.79
CA ASP A 434 16.95 -36.66 -17.96
C ASP A 434 16.05 -37.57 -18.82
N HIS A 435 14.73 -37.37 -18.76
CA HIS A 435 13.81 -38.23 -19.46
C HIS A 435 12.61 -37.43 -19.98
N PRO A 436 11.88 -38.00 -20.94
CA PRO A 436 10.64 -37.34 -21.43
C PRO A 436 9.63 -37.16 -20.30
N LEU A 437 8.87 -36.07 -20.36
CA LEU A 437 7.86 -35.78 -19.36
C LEU A 437 6.52 -36.36 -19.80
N ILE A 438 5.66 -36.59 -18.82
CA ILE A 438 4.29 -36.95 -19.10
C ILE A 438 3.59 -35.84 -19.85
N ASP A 439 2.68 -36.28 -20.72
CA ASP A 439 1.88 -35.33 -21.52
C ASP A 439 0.49 -35.23 -20.97
N ALA A 440 -0.42 -34.55 -21.67
CA ALA A 440 -1.70 -34.27 -21.12
C ALA A 440 -2.54 -35.51 -20.97
N ALA A 441 -2.45 -36.39 -21.97
CA ALA A 441 -3.18 -37.63 -21.89
C ALA A 441 -2.66 -38.51 -20.73
N ASP A 442 -1.33 -38.56 -20.49
CA ASP A 442 -0.77 -39.29 -19.40
C ASP A 442 -1.28 -38.70 -18.08
N ALA A 443 -1.38 -37.38 -18.01
CA ALA A 443 -1.85 -36.71 -16.76
C ALA A 443 -3.27 -37.12 -16.43
N ALA A 444 -4.13 -37.17 -17.45
CA ALA A 444 -5.50 -37.61 -17.25
C ALA A 444 -5.56 -39.05 -16.80
N GLU A 445 -4.73 -39.87 -17.37
CA GLU A 445 -4.71 -41.26 -16.98
C GLU A 445 -4.33 -41.39 -15.53
N LEU A 446 -3.27 -40.69 -15.08
CA LEU A 446 -2.82 -40.77 -13.67
C LEU A 446 -3.83 -40.21 -12.70
N LYS A 447 -4.50 -39.11 -13.07
CA LYS A 447 -5.55 -38.51 -12.21
C LYS A 447 -6.67 -39.59 -12.01
N ALA A 448 -7.07 -40.25 -13.10
CA ALA A 448 -8.12 -41.30 -12.97
C ALA A 448 -7.69 -42.47 -12.11
N LYS A 449 -6.44 -42.95 -12.27
CA LYS A 449 -5.90 -43.93 -11.38
C LYS A 449 -5.86 -43.47 -9.91
N VAL A 450 -5.45 -42.24 -9.63
CA VAL A 450 -5.41 -41.76 -8.25
C VAL A 450 -6.82 -41.82 -7.68
N LEU A 451 -7.79 -41.35 -8.44
CA LEU A 451 -9.18 -41.29 -8.00
C LEU A 451 -9.77 -42.71 -7.80
N ALA A 452 -9.33 -43.65 -8.62
CA ALA A 452 -9.81 -45.03 -8.54
C ALA A 452 -9.14 -45.77 -7.42
N SER A 453 -8.06 -45.25 -6.82
CA SER A 453 -7.38 -45.98 -5.79
C SER A 453 -8.22 -45.87 -4.53
N GLY A 454 -9.18 -44.98 -4.47
CA GLY A 454 -9.91 -44.72 -3.25
C GLY A 454 -9.31 -43.63 -2.31
N LEU A 455 -8.19 -43.00 -2.65
CA LEU A 455 -7.75 -41.84 -1.85
C LEU A 455 -8.86 -40.79 -1.93
N THR A 456 -9.17 -40.14 -0.83
CA THR A 456 -10.26 -39.16 -0.83
C THR A 456 -9.81 -37.75 -1.25
N VAL A 457 -10.78 -36.94 -1.62
CA VAL A 457 -10.56 -35.54 -1.89
C VAL A 457 -9.70 -34.94 -0.77
N SER A 458 -10.13 -35.12 0.47
CA SER A 458 -9.45 -34.59 1.62
C SER A 458 -8.00 -35.08 1.75
N GLN A 459 -7.77 -36.34 1.53
CA GLN A 459 -6.36 -36.84 1.59
C GLN A 459 -5.47 -36.27 0.47
N LEU A 460 -6.02 -36.15 -0.73
CA LEU A 460 -5.26 -35.69 -1.91
C LEU A 460 -4.94 -34.20 -1.75
N VAL A 461 -5.96 -33.42 -1.37
CA VAL A 461 -5.78 -31.98 -1.16
C VAL A 461 -4.80 -31.65 -0.05
N SER A 462 -5.00 -32.32 1.08
CA SER A 462 -4.13 -32.15 2.30
C SER A 462 -2.67 -32.48 1.95
N THR A 463 -2.43 -33.56 1.22
CA THR A 463 -1.08 -34.00 0.92
C THR A 463 -0.38 -32.98 -0.03
N ALA A 464 -1.06 -32.60 -1.10
CA ALA A 464 -0.51 -31.66 -2.04
C ALA A 464 -0.30 -30.25 -1.37
N TRP A 465 -1.25 -29.84 -0.57
CA TRP A 465 -1.06 -28.59 0.17
C TRP A 465 0.17 -28.65 1.08
N ALA A 466 0.30 -29.76 1.84
CA ALA A 466 1.49 -29.97 2.70
C ALA A 466 2.80 -29.90 1.98
N ALA A 467 2.83 -30.45 0.78
CA ALA A 467 4.06 -30.47 -0.02
C ALA A 467 4.38 -29.07 -0.62
N ALA A 468 3.38 -28.36 -1.14
CA ALA A 468 3.60 -27.13 -1.90
C ALA A 468 3.73 -25.90 -1.02
N SER A 469 3.16 -25.94 0.19
CA SER A 469 3.00 -24.71 0.97
C SER A 469 4.12 -24.46 1.91
N THR A 470 5.20 -25.25 1.82
CA THR A 470 6.42 -24.92 2.52
C THR A 470 7.18 -23.79 1.82
N PHE A 471 6.78 -23.41 0.62
CA PHE A 471 7.42 -22.32 -0.06
C PHE A 471 7.30 -21.01 0.65
N ARG A 472 8.35 -20.24 0.57
CA ARG A 472 8.32 -18.84 1.03
C ARG A 472 9.05 -17.96 0.06
N GLY A 473 8.43 -16.86 -0.29
CA GLY A 473 8.99 -16.00 -1.34
C GLY A 473 10.11 -15.10 -0.78
N SER A 474 10.25 -15.04 0.52
CA SER A 474 11.25 -14.24 1.16
C SER A 474 12.71 -14.71 0.81
N ASP A 475 12.94 -16.02 0.86
CA ASP A 475 14.23 -16.61 0.34
C ASP A 475 14.07 -17.67 -0.72
N LYS A 476 12.86 -17.85 -1.21
CA LYS A 476 12.49 -18.80 -2.25
C LYS A 476 12.91 -20.24 -2.01
N ARG A 477 12.96 -20.57 -0.71
CA ARG A 477 13.12 -21.91 -0.27
C ARG A 477 11.75 -22.59 -0.20
N GLY A 478 11.80 -23.91 -0.17
CA GLY A 478 10.59 -24.73 -0.03
C GLY A 478 9.82 -24.95 -1.32
N GLY A 479 8.66 -25.58 -1.18
CA GLY A 479 7.78 -25.93 -2.33
C GLY A 479 7.75 -27.41 -2.58
N ALA A 480 6.95 -27.80 -3.54
CA ALA A 480 6.71 -29.27 -3.81
C ALA A 480 7.80 -29.90 -4.66
N ASN A 481 8.59 -29.09 -5.39
CA ASN A 481 9.69 -29.67 -6.15
C ASN A 481 10.67 -30.38 -5.18
N GLY A 482 11.14 -31.54 -5.62
CA GLY A 482 11.98 -32.41 -4.79
C GLY A 482 11.33 -33.56 -4.02
N ALA A 483 10.02 -33.51 -3.88
CA ALA A 483 9.29 -34.47 -3.02
C ALA A 483 9.93 -34.66 -1.64
N ARG A 484 10.35 -33.56 -1.02
CA ARG A 484 10.97 -33.68 0.28
C ARG A 484 9.98 -33.97 1.36
N ILE A 485 8.68 -33.89 1.06
CA ILE A 485 7.67 -34.31 2.01
C ILE A 485 7.79 -35.78 2.41
N ARG A 486 8.38 -36.58 1.57
CA ARG A 486 8.61 -37.99 1.89
C ARG A 486 9.86 -38.24 2.71
N LEU A 487 10.70 -37.25 2.93
CA LEU A 487 11.97 -37.44 3.64
C LEU A 487 11.90 -36.86 5.06
N ALA A 488 12.94 -37.13 5.88
CA ALA A 488 13.14 -36.39 7.12
C ALA A 488 13.54 -34.96 6.75
N PRO A 489 13.10 -33.97 7.46
CA PRO A 489 12.15 -34.03 8.57
C PRO A 489 10.68 -33.84 8.20
N GLN A 490 10.43 -33.48 6.93
CA GLN A 490 9.06 -33.08 6.56
C GLN A 490 8.05 -34.16 6.87
N LYS A 491 8.41 -35.43 6.65
CA LYS A 491 7.45 -36.53 6.75
C LYS A 491 6.99 -36.74 8.16
N ASP A 492 7.70 -36.22 9.14
CA ASP A 492 7.29 -36.28 10.55
C ASP A 492 6.82 -35.00 11.16
N TRP A 493 6.71 -33.93 10.42
CA TRP A 493 6.09 -32.70 10.99
C TRP A 493 4.63 -32.94 11.35
N GLU A 494 4.29 -32.48 12.52
CA GLU A 494 2.93 -32.71 13.06
C GLU A 494 1.85 -32.15 12.13
N ALA A 495 2.10 -30.98 11.54
CA ALA A 495 1.13 -30.42 10.59
C ALA A 495 0.80 -31.28 9.37
N ASN A 496 1.79 -32.05 8.98
CA ASN A 496 1.71 -32.92 7.85
C ASN A 496 1.05 -34.25 8.19
N GLN A 497 0.63 -34.46 9.45
CA GLN A 497 -0.13 -35.64 9.81
C GLN A 497 0.59 -36.93 9.43
N PRO A 498 1.71 -37.20 10.07
CA PRO A 498 2.64 -38.26 9.57
C PRO A 498 2.10 -39.63 9.19
N GLU A 499 1.15 -40.16 9.97
CA GLU A 499 0.58 -41.49 9.67
C GLU A 499 -0.31 -41.42 8.47
N GLN A 500 -1.21 -40.45 8.40
CA GLN A 500 -2.01 -40.31 7.19
C GLN A 500 -1.08 -40.11 5.96
N LEU A 501 -0.08 -39.21 6.10
CA LEU A 501 0.82 -38.89 5.02
C LEU A 501 1.49 -40.17 4.49
N ALA A 502 2.01 -41.00 5.40
CA ALA A 502 2.67 -42.21 5.01
C ALA A 502 1.73 -43.15 4.21
N ALA A 503 0.46 -43.24 4.61
CA ALA A 503 -0.48 -44.09 3.86
C ALA A 503 -0.77 -43.52 2.45
N VAL A 504 -0.89 -42.20 2.34
CA VAL A 504 -1.13 -41.57 1.01
C VAL A 504 0.08 -41.79 0.11
N LEU A 505 1.26 -41.53 0.70
CA LEU A 505 2.51 -41.64 -0.09
C LEU A 505 2.70 -43.09 -0.58
N GLU A 506 2.30 -44.04 0.26
CA GLU A 506 2.42 -45.46 -0.13
C GLU A 506 1.57 -45.79 -1.32
N THR A 507 0.31 -45.36 -1.31
CA THR A 507 -0.58 -45.58 -2.42
C THR A 507 -0.09 -44.85 -3.69
N LEU A 508 0.29 -43.60 -3.55
CA LEU A 508 0.83 -42.87 -4.73
C LEU A 508 2.09 -43.54 -5.30
N GLU A 509 3.00 -44.01 -4.43
CA GLU A 509 4.21 -44.69 -4.87
C GLU A 509 3.88 -45.95 -5.71
N ALA A 510 2.88 -46.68 -5.31
CA ALA A 510 2.49 -47.88 -6.09
C ALA A 510 1.93 -47.46 -7.38
N ILE A 511 1.13 -46.40 -7.40
CA ILE A 511 0.58 -45.93 -8.71
C ILE A 511 1.71 -45.54 -9.66
N ARG A 512 2.69 -44.83 -9.10
CA ARG A 512 3.80 -44.35 -9.88
C ARG A 512 4.62 -45.53 -10.42
N THR A 513 4.92 -46.48 -9.55
CA THR A 513 5.74 -47.62 -9.93
C THR A 513 5.01 -48.37 -11.04
N ALA A 514 3.69 -48.52 -10.96
CA ALA A 514 3.02 -49.18 -12.02
C ALA A 514 3.04 -48.38 -13.34
N PHE A 515 2.82 -47.08 -13.27
CA PHE A 515 2.75 -46.27 -14.49
C PHE A 515 4.13 -46.31 -15.11
N ASN A 516 5.17 -46.08 -14.32
CA ASN A 516 6.53 -46.01 -14.87
C ASN A 516 6.95 -47.34 -15.48
N GLY A 517 6.50 -48.43 -14.91
CA GLY A 517 6.95 -49.73 -15.43
C GLY A 517 6.19 -50.03 -16.71
N ALA A 518 5.04 -49.47 -16.94
CA ALA A 518 4.37 -49.72 -18.21
C ALA A 518 4.98 -48.86 -19.32
N GLN A 519 5.90 -47.92 -19.04
CA GLN A 519 6.27 -47.01 -20.12
C GLN A 519 7.30 -47.58 -21.04
N ARG A 520 7.18 -47.14 -22.30
CA ARG A 520 8.28 -47.01 -23.26
C ARG A 520 9.05 -45.65 -23.29
N GLY A 521 10.30 -45.82 -23.70
CA GLY A 521 11.06 -44.75 -24.29
C GLY A 521 11.60 -43.87 -23.22
N GLY A 522 11.72 -44.42 -22.00
CA GLY A 522 12.29 -43.65 -20.91
C GLY A 522 11.29 -42.69 -20.26
N LYS A 523 10.06 -42.55 -20.75
CA LYS A 523 9.14 -41.64 -20.10
C LYS A 523 8.87 -42.11 -18.64
N GLN A 524 8.93 -41.24 -17.68
CA GLN A 524 8.43 -41.56 -16.35
C GLN A 524 7.97 -40.29 -15.60
N VAL A 525 7.28 -40.51 -14.53
CA VAL A 525 6.77 -39.47 -13.67
C VAL A 525 7.45 -39.53 -12.32
N SER A 526 7.91 -38.38 -11.88
CA SER A 526 8.42 -38.25 -10.49
C SER A 526 7.35 -38.31 -9.41
N LEU A 527 7.73 -38.72 -8.21
CA LEU A 527 6.79 -38.64 -7.13
C LEU A 527 6.45 -37.18 -6.78
N ALA A 528 7.38 -36.27 -6.98
CA ALA A 528 7.06 -34.85 -6.75
C ALA A 528 5.92 -34.36 -7.67
N ASP A 529 6.01 -34.69 -8.93
CA ASP A 529 4.96 -34.34 -9.88
C ASP A 529 3.64 -35.06 -9.49
N LEU A 530 3.74 -36.33 -9.19
CA LEU A 530 2.51 -37.08 -8.92
C LEU A 530 1.80 -36.57 -7.64
N ILE A 531 2.52 -36.14 -6.64
CA ILE A 531 1.84 -35.62 -5.44
C ILE A 531 0.98 -34.42 -5.86
N VAL A 532 1.56 -33.51 -6.67
CA VAL A 532 0.87 -32.32 -7.08
C VAL A 532 -0.29 -32.69 -8.01
N LEU A 533 0.01 -33.54 -8.99
CA LEU A 533 -1.04 -34.01 -9.89
C LEU A 533 -2.21 -34.67 -9.17
N ALA A 534 -1.93 -35.40 -8.13
CA ALA A 534 -2.92 -36.10 -7.34
C ALA A 534 -3.78 -35.07 -6.62
N GLY A 535 -3.15 -34.00 -6.08
CA GLY A 535 -3.89 -32.89 -5.50
C GLY A 535 -4.81 -32.24 -6.47
N CYS A 536 -4.35 -32.06 -7.68
CA CYS A 536 -5.18 -31.52 -8.76
C CYS A 536 -6.41 -32.42 -9.06
N ALA A 537 -6.17 -33.72 -9.10
CA ALA A 537 -7.30 -34.67 -9.27
C ALA A 537 -8.29 -34.47 -8.15
N GLY A 538 -7.77 -34.31 -6.93
CA GLY A 538 -8.63 -34.09 -5.75
C GLY A 538 -9.52 -32.85 -5.89
N VAL A 539 -8.93 -31.77 -6.41
CA VAL A 539 -9.68 -30.54 -6.61
C VAL A 539 -10.74 -30.72 -7.74
N GLU A 540 -10.35 -31.39 -8.82
CA GLU A 540 -11.30 -31.69 -9.93
C GLU A 540 -12.48 -32.54 -9.45
N GLN A 541 -12.18 -33.55 -8.65
CA GLN A 541 -13.23 -34.41 -8.08
C GLN A 541 -14.15 -33.62 -7.18
N ALA A 542 -13.56 -32.75 -6.37
CA ALA A 542 -14.37 -31.90 -5.52
C ALA A 542 -15.30 -30.95 -6.33
N ALA A 543 -14.81 -30.42 -7.43
CA ALA A 543 -15.59 -29.57 -8.24
C ALA A 543 -16.74 -30.41 -8.85
N LYS A 544 -16.42 -31.62 -9.31
CA LYS A 544 -17.41 -32.55 -9.79
C LYS A 544 -18.46 -32.94 -8.77
N ASN A 545 -18.03 -33.20 -7.55
CA ASN A 545 -18.95 -33.40 -6.41
C ASN A 545 -19.92 -32.28 -6.24
N ALA A 546 -19.56 -31.06 -6.60
CA ALA A 546 -20.44 -29.89 -6.52
C ALA A 546 -21.24 -29.69 -7.81
N GLY A 547 -21.11 -30.62 -8.76
CA GLY A 547 -21.72 -30.48 -10.06
C GLY A 547 -21.01 -29.59 -11.05
N HIS A 548 -19.70 -29.39 -10.96
CA HIS A 548 -18.95 -28.55 -11.91
C HIS A 548 -17.81 -29.36 -12.55
N ALA A 549 -17.65 -29.24 -13.85
CA ALA A 549 -16.56 -29.90 -14.60
C ALA A 549 -15.47 -28.82 -14.77
N VAL A 550 -14.32 -29.03 -14.12
CA VAL A 550 -13.17 -28.19 -14.41
C VAL A 550 -11.98 -29.01 -14.60
N THR A 551 -11.06 -28.47 -15.39
CA THR A 551 -9.79 -28.98 -15.49
C THR A 551 -8.82 -28.11 -14.65
N VAL A 552 -8.05 -28.70 -13.76
CA VAL A 552 -7.08 -27.95 -13.02
C VAL A 552 -5.73 -27.99 -13.74
N PRO A 553 -5.12 -26.86 -14.05
CA PRO A 553 -3.84 -26.86 -14.74
C PRO A 553 -2.75 -27.64 -13.96
N PHE A 554 -1.85 -28.26 -14.72
CA PHE A 554 -0.71 -29.02 -14.14
C PHE A 554 0.49 -28.93 -15.03
N ALA A 555 1.64 -28.58 -14.47
CA ALA A 555 2.88 -28.52 -15.23
C ALA A 555 3.85 -29.57 -14.70
N PRO A 556 4.24 -30.53 -15.54
CA PRO A 556 5.21 -31.50 -15.03
C PRO A 556 6.63 -30.94 -15.02
N GLY A 557 7.56 -31.75 -14.50
CA GLY A 557 8.99 -31.41 -14.54
C GLY A 557 9.65 -31.29 -13.20
N ARG A 558 8.91 -31.52 -12.10
CA ARG A 558 9.52 -31.64 -10.82
C ARG A 558 10.39 -32.94 -10.80
N ALA A 559 11.44 -32.91 -9.96
CA ALA A 559 12.23 -34.12 -9.72
C ALA A 559 12.31 -34.49 -8.25
N ASP A 560 12.77 -35.69 -7.94
CA ASP A 560 12.75 -36.21 -6.56
C ASP A 560 14.15 -36.09 -5.97
N ALA A 561 14.31 -35.34 -4.92
CA ALA A 561 15.61 -35.21 -4.29
C ALA A 561 15.75 -36.35 -3.30
N SER A 562 17.01 -36.71 -2.97
CA SER A 562 17.29 -37.76 -2.01
C SER A 562 17.44 -37.26 -0.61
N GLN A 563 17.41 -38.17 0.36
CA GLN A 563 17.71 -37.80 1.71
C GLN A 563 19.14 -37.18 1.86
N GLU A 564 20.09 -37.75 1.14
CA GLU A 564 21.48 -37.30 1.20
C GLU A 564 21.62 -35.91 0.59
N GLN A 565 20.73 -35.49 -0.28
CA GLN A 565 20.64 -34.12 -0.77
C GLN A 565 19.78 -33.20 0.05
N THR A 566 19.48 -33.56 1.27
CA THR A 566 18.57 -32.79 2.13
C THR A 566 19.20 -32.61 3.50
N ASP A 567 19.60 -31.39 3.74
CA ASP A 567 20.10 -31.03 5.08
C ASP A 567 18.89 -30.91 6.05
N VAL A 568 18.83 -31.81 6.98
CA VAL A 568 17.71 -31.90 7.91
C VAL A 568 17.60 -30.71 8.84
N GLU A 569 18.74 -30.17 9.27
CA GLU A 569 18.71 -29.08 10.25
C GLU A 569 18.21 -27.81 9.59
N SER A 570 18.74 -27.51 8.42
CA SER A 570 18.33 -26.37 7.60
C SER A 570 16.84 -26.37 7.24
N MET A 571 16.30 -27.56 7.03
CA MET A 571 14.92 -27.76 6.76
C MET A 571 13.97 -27.46 7.96
N ALA A 572 14.48 -27.51 9.18
CA ALA A 572 13.71 -27.25 10.39
C ALA A 572 13.03 -25.90 10.40
N VAL A 573 13.67 -24.88 9.84
CA VAL A 573 13.01 -23.58 9.82
C VAL A 573 11.82 -23.48 8.92
N LEU A 574 11.64 -24.43 8.00
CA LEU A 574 10.47 -24.39 7.13
C LEU A 574 9.26 -25.11 7.76
N GLU A 575 9.43 -25.67 8.96
CA GLU A 575 8.29 -26.35 9.56
C GLU A 575 7.18 -25.32 9.81
N PRO A 576 5.98 -25.61 9.38
CA PRO A 576 4.92 -24.66 9.71
C PRO A 576 4.40 -24.93 11.10
N VAL A 577 4.64 -24.01 11.98
CA VAL A 577 4.08 -24.07 13.27
C VAL A 577 2.71 -23.32 13.35
N ALA A 578 2.43 -22.47 12.37
CA ALA A 578 1.11 -21.88 12.21
C ALA A 578 0.77 -21.93 10.74
N ASP A 579 -0.33 -22.61 10.43
CA ASP A 579 -0.86 -22.62 9.07
C ASP A 579 -2.36 -22.46 9.12
N GLY A 580 -2.81 -21.21 9.07
CA GLY A 580 -4.22 -20.88 8.98
C GLY A 580 -5.01 -21.60 7.89
N PHE A 581 -4.34 -21.91 6.80
CA PHE A 581 -4.96 -22.61 5.72
C PHE A 581 -5.39 -24.04 6.07
N ARG A 582 -4.75 -24.65 7.08
CA ARG A 582 -5.15 -25.95 7.64
C ARG A 582 -5.67 -25.84 9.09
N ASN A 583 -6.03 -24.62 9.51
CA ASN A 583 -6.45 -24.29 10.84
C ASN A 583 -5.53 -24.83 11.90
N TYR A 584 -4.22 -24.69 11.68
CA TYR A 584 -3.25 -25.34 12.52
C TYR A 584 -2.45 -24.35 13.31
N LEU A 585 -2.36 -24.59 14.60
CA LEU A 585 -1.41 -23.87 15.47
C LEU A 585 -0.71 -24.88 16.38
N LYS A 586 0.61 -24.95 16.31
CA LYS A 586 1.36 -25.93 17.06
C LYS A 586 1.41 -25.62 18.54
N GLY A 587 1.41 -24.36 18.96
CA GLY A 587 1.27 -24.04 20.40
C GLY A 587 0.57 -22.73 20.58
N LYS A 588 0.56 -22.19 21.80
CA LYS A 588 -0.05 -20.85 22.09
C LYS A 588 1.07 -19.80 21.84
N TYR A 589 0.77 -18.70 21.16
CA TYR A 589 1.77 -17.69 20.83
C TYR A 589 1.29 -16.36 21.30
N ARG A 590 2.24 -15.43 21.44
CA ARG A 590 2.06 -14.00 21.61
C ARG A 590 1.10 -13.47 20.57
N VAL A 591 1.42 -13.79 19.33
CA VAL A 591 0.86 -13.10 18.19
C VAL A 591 -0.49 -13.75 17.89
N PRO A 592 -1.57 -12.96 17.71
CA PRO A 592 -2.83 -13.56 17.32
C PRO A 592 -2.78 -14.37 16.02
N ALA A 593 -3.56 -15.42 15.99
CA ALA A 593 -3.49 -16.36 14.91
C ALA A 593 -3.78 -15.72 13.55
N GLU A 594 -4.67 -14.73 13.53
CA GLU A 594 -4.98 -14.02 12.26
C GLU A 594 -3.83 -13.18 11.70
N VAL A 595 -2.99 -12.69 12.59
CA VAL A 595 -1.75 -12.05 12.18
C VAL A 595 -0.81 -13.09 11.55
N LEU A 596 -0.78 -14.29 12.14
CA LEU A 596 0.06 -15.38 11.63
C LEU A 596 -0.44 -15.89 10.30
N LEU A 597 -1.76 -15.81 10.10
CA LEU A 597 -2.35 -16.16 8.81
C LEU A 597 -1.85 -15.20 7.70
N VAL A 598 -1.93 -13.90 7.95
CA VAL A 598 -1.51 -12.89 7.02
C VAL A 598 0.01 -13.01 6.75
N ASP A 599 0.77 -13.26 7.78
CA ASP A 599 2.22 -13.56 7.65
C ASP A 599 2.48 -14.70 6.68
N LYS A 600 1.78 -15.80 6.84
CA LYS A 600 1.88 -16.94 5.92
C LYS A 600 1.46 -16.62 4.48
N ALA A 601 0.33 -15.88 4.31
CA ALA A 601 -0.11 -15.55 3.03
C ALA A 601 0.99 -14.67 2.34
N GLN A 602 1.61 -13.76 3.11
CA GLN A 602 2.64 -12.96 2.51
C GLN A 602 3.90 -13.85 2.02
N LEU A 603 4.31 -14.79 2.83
CA LEU A 603 5.31 -15.72 2.42
C LEU A 603 4.89 -16.50 1.18
N LEU A 604 3.60 -16.90 1.09
CA LEU A 604 3.13 -17.57 -0.10
C LEU A 604 2.95 -16.69 -1.33
N THR A 605 3.18 -15.39 -1.16
CA THR A 605 3.01 -14.38 -2.23
C THR A 605 1.53 -14.11 -2.59
N LEU A 606 0.60 -14.37 -1.67
CA LEU A 606 -0.81 -14.23 -1.96
C LEU A 606 -1.31 -12.84 -1.66
N SER A 607 -2.17 -12.30 -2.49
CA SER A 607 -2.96 -11.12 -2.14
C SER A 607 -4.08 -11.42 -1.15
N ALA A 608 -4.78 -10.42 -0.68
CA ALA A 608 -5.84 -10.67 0.21
C ALA A 608 -6.98 -11.43 -0.45
N PRO A 609 -7.34 -11.07 -1.69
CA PRO A 609 -8.33 -11.91 -2.38
C PRO A 609 -7.93 -13.32 -2.60
N GLU A 610 -6.66 -13.57 -2.96
CA GLU A 610 -6.14 -14.95 -3.08
C GLU A 610 -6.18 -15.75 -1.77
N MET A 611 -5.77 -15.11 -0.68
CA MET A 611 -5.80 -15.77 0.65
C MET A 611 -7.23 -16.15 1.00
N THR A 612 -8.17 -15.25 0.75
CA THR A 612 -9.57 -15.43 1.07
C THR A 612 -10.19 -16.59 0.33
N VAL A 613 -10.02 -16.61 -0.98
CA VAL A 613 -10.61 -17.68 -1.76
C VAL A 613 -10.02 -19.05 -1.39
N LEU A 614 -8.73 -19.01 -1.21
CA LEU A 614 -7.95 -20.23 -0.99
C LEU A 614 -8.38 -20.88 0.34
N LEU A 615 -8.54 -20.06 1.37
CA LEU A 615 -8.85 -20.58 2.72
C LEU A 615 -10.26 -21.13 2.73
N GLY A 616 -11.18 -20.38 2.16
CA GLY A 616 -12.58 -20.84 2.13
C GLY A 616 -12.72 -22.12 1.37
N GLY A 617 -11.96 -22.29 0.32
CA GLY A 617 -12.04 -23.53 -0.41
C GLY A 617 -11.37 -24.68 0.35
N LEU A 618 -10.20 -24.47 0.92
CA LEU A 618 -9.53 -25.54 1.70
C LEU A 618 -10.40 -26.05 2.86
N ARG A 619 -11.11 -25.15 3.50
CA ARG A 619 -11.99 -25.54 4.64
C ARG A 619 -13.02 -26.62 4.20
N VAL A 620 -13.67 -26.40 3.06
CA VAL A 620 -14.69 -27.29 2.66
C VAL A 620 -14.15 -28.51 1.95
N LEU A 621 -12.89 -28.54 1.55
CA LEU A 621 -12.27 -29.74 0.95
C LEU A 621 -11.69 -30.70 1.97
N GLY A 622 -11.69 -30.29 3.22
CA GLY A 622 -11.16 -31.14 4.28
C GLY A 622 -9.67 -31.04 4.53
N ALA A 623 -9.12 -29.87 4.31
CA ALA A 623 -7.65 -29.69 4.48
C ALA A 623 -7.23 -29.44 5.88
N ASN A 624 -8.15 -29.23 6.80
CA ASN A 624 -7.77 -29.04 8.19
C ASN A 624 -6.98 -30.20 8.76
N VAL A 625 -6.00 -29.87 9.59
CA VAL A 625 -5.23 -30.86 10.31
C VAL A 625 -6.17 -31.57 11.30
N GLY A 626 -6.00 -32.90 11.45
CA GLY A 626 -6.79 -33.70 12.39
C GLY A 626 -8.25 -33.78 12.10
N GLN A 627 -8.63 -33.54 10.89
CA GLN A 627 -10.03 -33.55 10.62
C GLN A 627 -10.91 -32.59 11.58
N SER A 628 -10.34 -31.50 12.11
CA SER A 628 -11.09 -30.54 12.90
C SER A 628 -12.23 -30.02 12.03
N ARG A 629 -13.35 -29.81 12.67
CA ARG A 629 -14.55 -29.23 12.07
C ARG A 629 -14.53 -27.71 12.14
N HIS A 630 -13.56 -27.13 12.82
CA HIS A 630 -13.44 -25.68 12.88
C HIS A 630 -13.39 -25.00 11.52
N GLY A 631 -14.34 -24.13 11.27
CA GLY A 631 -14.46 -23.44 9.98
C GLY A 631 -15.00 -24.23 8.83
N VAL A 632 -15.43 -25.47 9.06
CA VAL A 632 -15.95 -26.29 8.02
C VAL A 632 -17.42 -26.05 7.90
N PHE A 633 -17.74 -24.87 7.35
CA PHE A 633 -19.12 -24.38 7.33
C PHE A 633 -19.85 -24.85 6.09
N THR A 634 -20.03 -26.17 6.04
CA THR A 634 -20.74 -26.78 4.94
C THR A 634 -21.40 -28.10 5.42
N ALA A 635 -22.46 -28.52 4.78
CA ALA A 635 -22.99 -29.85 4.96
C ALA A 635 -22.60 -30.70 3.75
N ARG A 636 -21.69 -30.23 2.87
CA ARG A 636 -21.16 -31.10 1.75
C ARG A 636 -19.68 -31.02 1.66
N GLU A 637 -19.06 -31.57 2.70
CA GLU A 637 -17.65 -31.57 2.80
C GLU A 637 -17.13 -32.38 1.59
N GLN A 638 -15.97 -31.97 1.07
CA GLN A 638 -15.34 -32.59 -0.10
C GLN A 638 -15.97 -32.21 -1.44
N ALA A 639 -16.84 -31.22 -1.42
CA ALA A 639 -17.37 -30.59 -2.61
C ALA A 639 -16.86 -29.13 -2.60
N LEU A 640 -16.41 -28.70 -3.77
CA LEU A 640 -15.88 -27.39 -3.93
C LEU A 640 -17.02 -26.41 -4.17
N THR A 641 -17.40 -25.72 -3.08
CA THR A 641 -18.45 -24.70 -3.10
C THR A 641 -17.98 -23.51 -2.32
N ASN A 642 -18.76 -22.42 -2.44
CA ASN A 642 -18.55 -21.24 -1.69
C ASN A 642 -19.30 -21.23 -0.29
N ASP A 643 -19.65 -22.43 0.19
CA ASP A 643 -20.39 -22.60 1.45
C ASP A 643 -19.70 -21.91 2.59
N PHE A 644 -18.37 -21.89 2.63
CA PHE A 644 -17.70 -21.23 3.75
C PHE A 644 -18.19 -19.79 3.96
N PHE A 645 -18.30 -19.06 2.85
CA PHE A 645 -18.62 -17.65 2.85
C PHE A 645 -20.06 -17.45 3.07
N VAL A 646 -20.91 -18.23 2.41
CA VAL A 646 -22.39 -18.03 2.56
C VAL A 646 -22.76 -18.27 4.01
N ASN A 647 -22.23 -19.32 4.63
CA ASN A 647 -22.54 -19.61 6.05
C ASN A 647 -21.84 -18.67 7.00
N LEU A 648 -20.61 -18.29 6.71
CA LEU A 648 -19.95 -17.35 7.58
C LEU A 648 -20.71 -16.05 7.68
N LEU A 649 -21.27 -15.56 6.56
CA LEU A 649 -21.89 -14.26 6.54
C LEU A 649 -23.38 -14.26 6.91
N ASP A 650 -23.89 -15.45 7.26
CA ASP A 650 -25.30 -15.58 7.62
C ASP A 650 -25.60 -14.91 8.99
N MET A 651 -26.36 -13.80 8.96
CA MET A 651 -26.65 -13.02 10.20
C MET A 651 -27.65 -13.86 11.13
N GLY A 652 -28.28 -14.90 10.59
CA GLY A 652 -29.04 -15.86 11.42
C GLY A 652 -28.21 -16.62 12.43
N THR A 653 -26.87 -16.55 12.34
CA THR A 653 -25.99 -17.20 13.27
C THR A 653 -25.28 -16.17 14.13
N GLU A 654 -25.28 -16.43 15.43
CA GLU A 654 -24.58 -15.63 16.43
C GLU A 654 -23.36 -16.36 16.98
N TRP A 655 -22.24 -15.61 17.19
CA TRP A 655 -21.01 -16.26 17.59
C TRP A 655 -20.54 -15.83 18.99
N LYS A 656 -19.99 -16.74 19.75
CA LYS A 656 -19.38 -16.45 21.05
C LYS A 656 -18.20 -17.26 21.38
N PRO A 657 -17.25 -16.69 22.10
CA PRO A 657 -16.11 -17.50 22.53
C PRO A 657 -16.53 -18.63 23.50
N THR A 658 -15.85 -19.76 23.43
CA THR A 658 -16.14 -20.85 24.31
C THR A 658 -15.53 -20.57 25.66
N ALA A 659 -16.20 -21.14 26.67
CA ALA A 659 -15.72 -21.25 28.11
C ALA A 659 -14.36 -21.96 28.21
N ALA A 660 -14.26 -23.21 27.71
CA ALA A 660 -12.97 -23.96 27.55
C ALA A 660 -11.83 -23.14 26.90
N ASP A 661 -12.13 -22.44 25.79
CA ASP A 661 -11.08 -21.79 24.97
C ASP A 661 -11.60 -20.46 24.32
N ALA A 662 -11.04 -19.31 24.71
CA ALA A 662 -11.38 -17.96 24.16
C ALA A 662 -11.04 -17.81 22.65
N ASP A 663 -10.19 -18.72 22.14
CA ASP A 663 -9.75 -18.74 20.76
C ASP A 663 -10.57 -19.67 19.90
N VAL A 664 -11.61 -20.25 20.46
CA VAL A 664 -12.60 -21.02 19.72
C VAL A 664 -14.00 -20.47 19.93
N PHE A 665 -14.82 -20.47 18.91
CA PHE A 665 -16.10 -19.81 18.96
C PHE A 665 -17.15 -20.77 18.58
N GLU A 666 -18.32 -20.66 19.24
CA GLU A 666 -19.47 -21.38 18.79
C GLU A 666 -20.43 -20.50 18.02
N GLY A 667 -20.91 -21.00 16.89
CA GLY A 667 -21.96 -20.37 16.14
C GLY A 667 -23.30 -21.03 16.37
N ARG A 668 -24.24 -20.28 16.93
CA ARG A 668 -25.56 -20.81 17.27
C ARG A 668 -26.62 -20.07 16.50
N ASP A 669 -27.67 -20.79 16.11
CA ASP A 669 -28.85 -20.18 15.59
C ASP A 669 -29.36 -19.08 16.55
N ARG A 670 -29.54 -17.90 16.02
CA ARG A 670 -29.86 -16.74 16.80
C ARG A 670 -31.24 -16.87 17.46
N ALA A 671 -32.20 -17.53 16.79
CA ALA A 671 -33.61 -17.67 17.24
C ALA A 671 -33.68 -18.83 18.24
N THR A 672 -33.15 -20.02 17.87
CA THR A 672 -33.29 -21.24 18.70
C THR A 672 -32.15 -21.52 19.65
N GLY A 673 -30.95 -20.95 19.47
CA GLY A 673 -29.84 -21.37 20.30
C GLY A 673 -29.17 -22.68 19.85
N GLU A 674 -29.65 -23.31 18.79
CA GLU A 674 -29.04 -24.54 18.33
C GLU A 674 -27.60 -24.35 17.80
N LEU A 675 -26.68 -25.19 18.22
CA LEU A 675 -25.29 -25.09 17.83
C LEU A 675 -25.19 -25.43 16.36
N LYS A 676 -24.65 -24.55 15.51
CA LYS A 676 -24.48 -24.85 14.07
C LYS A 676 -23.01 -25.17 13.68
N TRP A 677 -22.08 -24.41 14.21
CA TRP A 677 -20.71 -24.51 13.80
C TRP A 677 -19.78 -24.18 14.94
N THR A 678 -18.52 -24.55 14.82
CA THR A 678 -17.49 -23.94 15.59
C THR A 678 -16.41 -23.38 14.66
N GLY A 679 -15.65 -22.39 15.12
CA GLY A 679 -14.49 -21.87 14.37
C GLY A 679 -13.47 -21.23 15.28
N THR A 680 -12.34 -20.92 14.70
CA THR A 680 -11.20 -20.27 15.31
C THR A 680 -11.18 -18.79 14.92
N ARG A 681 -10.19 -18.10 15.46
CA ARG A 681 -9.96 -16.70 15.12
C ARG A 681 -9.66 -16.59 13.62
N VAL A 682 -8.96 -17.57 13.09
CA VAL A 682 -8.65 -17.57 11.67
C VAL A 682 -9.89 -17.69 10.81
N ASP A 683 -10.83 -18.54 11.21
CA ASP A 683 -12.12 -18.62 10.51
C ASP A 683 -12.93 -17.32 10.60
N LEU A 684 -13.02 -16.81 11.82
CA LEU A 684 -13.92 -15.71 12.03
C LEU A 684 -13.43 -14.37 11.64
N VAL A 685 -12.11 -14.24 11.44
CA VAL A 685 -11.58 -12.93 11.02
C VAL A 685 -12.19 -12.47 9.71
N PHE A 686 -12.55 -13.42 8.84
CA PHE A 686 -13.15 -13.09 7.57
C PHE A 686 -14.55 -12.50 7.68
N GLY A 687 -15.16 -12.68 8.85
CA GLY A 687 -16.46 -12.03 9.11
C GLY A 687 -16.37 -10.84 10.04
N SER A 688 -15.16 -10.47 10.38
CA SER A 688 -14.92 -9.39 11.34
C SER A 688 -14.16 -8.25 10.75
N HIS A 689 -12.99 -8.54 10.18
CA HIS A 689 -12.12 -7.47 9.60
C HIS A 689 -12.87 -6.80 8.44
N SER A 690 -12.94 -5.50 8.43
CA SER A 690 -13.80 -4.86 7.41
C SER A 690 -13.36 -5.02 5.95
N GLN A 691 -12.04 -5.11 5.69
CA GLN A 691 -11.58 -5.37 4.33
CA GLN A 691 -11.57 -5.38 4.33
C GLN A 691 -11.74 -6.85 3.98
N LEU A 692 -11.42 -7.77 4.90
CA LEU A 692 -11.63 -9.18 4.62
C LEU A 692 -13.13 -9.55 4.41
N ARG A 693 -13.99 -8.94 5.19
CA ARG A 693 -15.41 -9.27 5.06
C ARG A 693 -15.93 -8.72 3.70
N ALA A 694 -15.42 -7.60 3.21
CA ALA A 694 -15.79 -7.17 1.91
C ALA A 694 -15.40 -8.16 0.78
N LEU A 695 -14.29 -8.86 0.96
CA LEU A 695 -13.88 -9.92 0.07
C LEU A 695 -14.78 -11.15 0.20
N ALA A 696 -15.01 -11.54 1.45
CA ALA A 696 -15.90 -12.67 1.73
C ALA A 696 -17.28 -12.46 1.11
N GLU A 697 -17.78 -11.21 1.14
CA GLU A 697 -19.06 -10.92 0.54
C GLU A 697 -19.10 -11.23 -0.97
N VAL A 698 -18.04 -10.90 -1.68
CA VAL A 698 -18.00 -11.21 -3.10
C VAL A 698 -18.20 -12.68 -3.34
N TYR A 699 -17.44 -13.50 -2.64
CA TYR A 699 -17.54 -14.92 -2.81
C TYR A 699 -18.75 -15.57 -2.19
N GLY A 700 -19.39 -14.87 -1.28
CA GLY A 700 -20.62 -15.37 -0.65
C GLY A 700 -21.89 -14.91 -1.29
N SER A 701 -21.82 -14.29 -2.49
CA SER A 701 -22.99 -13.75 -3.12
C SER A 701 -23.60 -14.81 -4.00
N ALA A 702 -24.83 -14.61 -4.43
CA ALA A 702 -25.61 -15.68 -5.11
C ALA A 702 -25.07 -15.82 -6.53
N ASP A 703 -24.34 -14.82 -7.03
CA ASP A 703 -23.86 -14.92 -8.41
C ASP A 703 -22.44 -15.45 -8.44
N ALA A 704 -21.87 -15.94 -7.33
CA ALA A 704 -20.44 -16.16 -7.24
C ALA A 704 -19.90 -17.58 -7.35
N GLN A 705 -20.76 -18.53 -7.61
CA GLN A 705 -20.28 -19.90 -7.58
C GLN A 705 -19.23 -20.22 -8.61
N GLU A 706 -19.47 -19.77 -9.84
CA GLU A 706 -18.54 -19.97 -10.93
C GLU A 706 -17.22 -19.21 -10.63
N LYS A 707 -17.34 -17.97 -10.19
CA LYS A 707 -16.18 -17.19 -9.87
C LYS A 707 -15.37 -17.79 -8.75
N PHE A 708 -16.04 -18.29 -7.74
CA PHE A 708 -15.36 -18.94 -6.65
C PHE A 708 -14.53 -20.14 -7.16
N VAL A 709 -15.12 -21.00 -7.98
CA VAL A 709 -14.43 -22.17 -8.47
C VAL A 709 -13.25 -21.74 -9.29
N ARG A 710 -13.46 -20.79 -10.19
CA ARG A 710 -12.38 -20.37 -11.14
C ARG A 710 -11.21 -19.73 -10.38
N ASP A 711 -11.52 -18.86 -9.46
CA ASP A 711 -10.50 -18.21 -8.70
C ASP A 711 -9.77 -19.18 -7.75
N PHE A 712 -10.51 -20.18 -7.23
CA PHE A 712 -9.93 -21.15 -6.32
C PHE A 712 -8.89 -21.95 -7.15
N VAL A 713 -9.28 -22.43 -8.32
CA VAL A 713 -8.42 -23.25 -9.13
C VAL A 713 -7.12 -22.43 -9.51
N ALA A 714 -7.28 -21.15 -9.81
CA ALA A 714 -6.16 -20.33 -10.17
C ALA A 714 -5.16 -20.19 -9.01
N VAL A 715 -5.67 -20.00 -7.81
CA VAL A 715 -4.77 -19.77 -6.66
C VAL A 715 -4.14 -21.12 -6.22
N TRP A 716 -4.93 -22.21 -6.32
CA TRP A 716 -4.41 -23.53 -6.08
C TRP A 716 -3.21 -23.78 -7.01
N ASN A 717 -3.38 -23.50 -8.28
CA ASN A 717 -2.35 -23.73 -9.26
C ASN A 717 -1.12 -22.81 -9.01
N LYS A 718 -1.39 -21.57 -8.61
CA LYS A 718 -0.31 -20.66 -8.28
C LYS A 718 0.55 -21.28 -7.18
N VAL A 719 -0.08 -21.82 -6.13
CA VAL A 719 0.65 -22.42 -5.02
C VAL A 719 1.46 -23.62 -5.43
N MET A 720 0.87 -24.47 -6.25
CA MET A 720 1.55 -25.62 -6.78
C MET A 720 2.79 -25.22 -7.57
N ASN A 721 2.77 -24.08 -8.25
CA ASN A 721 3.87 -23.67 -9.10
C ASN A 721 4.90 -22.68 -8.47
N LEU A 722 4.82 -22.38 -7.18
CA LEU A 722 5.61 -21.26 -6.60
C LEU A 722 7.08 -21.42 -6.75
N ASP A 723 7.57 -22.66 -6.70
CA ASP A 723 8.96 -22.94 -6.80
C ASP A 723 9.40 -23.33 -8.20
N ARG A 724 8.55 -23.16 -9.20
CA ARG A 724 8.87 -23.66 -10.52
C ARG A 724 9.62 -22.65 -11.38
N PHE A 725 10.78 -22.32 -10.90
CA PHE A 725 11.66 -21.42 -11.59
C PHE A 725 12.27 -22.02 -12.83
N ASP A 726 12.27 -23.37 -12.93
CA ASP A 726 12.60 -24.07 -14.20
C ASP A 726 11.68 -23.73 -15.34
N LEU A 727 10.52 -23.17 -15.10
CA LEU A 727 9.59 -22.78 -16.16
C LEU A 727 9.51 -21.30 -16.38
N ALA A 728 10.00 -20.48 -15.45
CA ALA A 728 10.29 -19.04 -15.72
C ALA A 728 11.26 -18.94 -16.97
N GLY B 16 5.53 -4.00 16.66
CA GLY B 16 6.50 -3.93 15.48
C GLY B 16 6.72 -2.47 15.03
N THR B 17 7.88 -1.89 15.26
CA THR B 17 8.20 -0.53 14.82
C THR B 17 8.32 -0.39 13.29
N SER B 18 7.65 0.58 12.67
CA SER B 18 7.60 0.76 11.23
C SER B 18 8.36 2.04 10.75
N ASN B 19 8.49 2.20 9.43
CA ASN B 19 9.09 3.43 8.88
C ASN B 19 8.36 4.76 9.27
N ARG B 20 7.04 4.68 9.29
CA ARG B 20 6.10 5.72 9.76
C ARG B 20 6.45 6.11 11.23
N ASP B 21 6.83 5.14 12.09
CA ASP B 21 7.26 5.44 13.48
C ASP B 21 8.61 6.13 13.46
N TRP B 22 9.56 5.63 12.66
CA TRP B 22 10.93 6.16 12.69
C TRP B 22 10.98 7.55 12.02
N TRP B 23 10.24 7.77 10.92
CA TRP B 23 10.35 9.03 10.12
C TRP B 23 8.93 9.46 9.91
N PRO B 24 8.32 10.05 10.97
CA PRO B 24 6.85 10.29 10.92
C PRO B 24 6.51 11.42 9.99
N ASN B 25 7.43 12.25 9.58
CA ASN B 25 7.12 13.21 8.52
C ASN B 25 7.63 12.89 7.14
N GLN B 26 8.12 11.66 6.83
CA GLN B 26 8.57 11.37 5.46
C GLN B 26 7.26 11.42 4.66
N LEU B 27 7.42 11.45 3.35
CA LEU B 27 6.32 11.66 2.41
C LEU B 27 5.65 10.33 2.28
N ASP B 28 4.35 10.19 2.13
CA ASP B 28 3.76 8.85 1.98
C ASP B 28 3.27 8.45 0.57
N LEU B 29 4.08 7.64 -0.08
CA LEU B 29 3.74 7.30 -1.47
C LEU B 29 2.72 6.21 -1.59
N SER B 30 2.44 5.46 -0.52
CA SER B 30 1.45 4.37 -0.62
CA SER B 30 1.43 4.38 -0.60
C SER B 30 0.09 4.91 -1.06
N ILE B 31 -0.21 6.19 -0.78
CA ILE B 31 -1.46 6.75 -1.23
C ILE B 31 -1.64 6.77 -2.72
N LEU B 32 -0.57 6.72 -3.47
CA LEU B 32 -0.64 6.66 -4.94
C LEU B 32 -0.84 5.24 -5.47
N HIS B 33 -0.63 4.27 -4.58
CA HIS B 33 -0.62 2.85 -4.97
C HIS B 33 -1.65 1.99 -4.26
N ARG B 34 -2.61 2.62 -3.60
CA ARG B 34 -3.87 1.98 -3.25
C ARG B 34 -4.63 1.67 -4.50
N HIS B 35 -5.62 0.80 -4.34
CA HIS B 35 -6.54 0.50 -5.45
C HIS B 35 -5.82 -0.21 -6.57
N SER B 36 -4.77 -1.00 -6.25
CA SER B 36 -4.17 -1.85 -7.31
C SER B 36 -5.08 -3.06 -7.55
N SER B 37 -4.77 -3.75 -8.63
CA SER B 37 -5.47 -4.99 -8.96
C SER B 37 -5.14 -6.05 -7.94
N LEU B 38 -4.08 -5.89 -7.13
CA LEU B 38 -3.81 -6.91 -6.14
C LEU B 38 -4.96 -6.97 -5.09
N SER B 39 -5.43 -5.81 -4.61
CA SER B 39 -6.46 -5.77 -3.51
C SER B 39 -7.92 -6.00 -3.98
N ASP B 40 -8.09 -6.02 -5.26
CA ASP B 40 -9.36 -6.05 -5.92
C ASP B 40 -9.72 -7.47 -6.24
N PRO B 41 -10.86 -7.95 -5.71
CA PRO B 41 -11.26 -9.31 -5.99
C PRO B 41 -11.88 -9.50 -7.37
N MET B 42 -12.25 -8.43 -8.10
CA MET B 42 -12.93 -8.58 -9.36
C MET B 42 -11.85 -8.77 -10.42
N GLY B 43 -12.16 -9.44 -11.50
CA GLY B 43 -11.10 -9.55 -12.56
C GLY B 43 -10.59 -8.20 -13.07
N LYS B 44 -9.47 -8.15 -13.78
CA LYS B 44 -9.03 -6.82 -14.24
C LYS B 44 -9.92 -6.35 -15.38
N ASP B 45 -10.62 -7.27 -16.00
CA ASP B 45 -11.62 -6.94 -16.98
C ASP B 45 -13.03 -6.59 -16.45
N PHE B 46 -13.27 -6.59 -15.15
CA PHE B 46 -14.65 -6.38 -14.67
C PHE B 46 -15.07 -4.98 -14.99
N ASN B 47 -16.22 -4.82 -15.56
CA ASN B 47 -16.72 -3.48 -15.84
C ASN B 47 -18.05 -3.31 -15.03
N TYR B 48 -18.05 -2.53 -13.98
CA TYR B 48 -19.24 -2.37 -13.15
C TYR B 48 -20.40 -1.76 -13.96
N ALA B 49 -20.15 -0.75 -14.76
CA ALA B 49 -21.23 -0.17 -15.63
C ALA B 49 -21.97 -1.19 -16.42
N GLN B 50 -21.24 -2.14 -16.98
CA GLN B 50 -21.89 -3.19 -17.76
C GLN B 50 -22.73 -4.11 -16.91
N ALA B 51 -22.25 -4.44 -15.71
CA ALA B 51 -23.00 -5.32 -14.74
C ALA B 51 -24.25 -4.63 -14.31
N PHE B 52 -24.13 -3.33 -13.95
CA PHE B 52 -25.28 -2.58 -13.52
C PHE B 52 -26.34 -2.44 -14.60
N GLU B 53 -25.92 -2.25 -15.82
CA GLU B 53 -26.87 -2.10 -16.92
C GLU B 53 -27.73 -3.34 -17.06
N LYS B 54 -27.27 -4.49 -16.66
CA LYS B 54 -28.10 -5.63 -16.70
C LYS B 54 -28.91 -5.91 -15.39
N LEU B 55 -28.76 -5.10 -14.37
CA LEU B 55 -29.44 -5.33 -13.10
C LEU B 55 -30.92 -5.04 -13.37
N ASP B 56 -31.78 -5.82 -12.81
CA ASP B 56 -33.18 -5.46 -12.75
C ASP B 56 -33.47 -4.51 -11.58
N LEU B 57 -33.38 -3.24 -11.87
CA LEU B 57 -33.41 -2.23 -10.85
C LEU B 57 -34.77 -2.23 -10.12
N ALA B 58 -35.86 -2.43 -10.84
CA ALA B 58 -37.22 -2.47 -10.29
C ALA B 58 -37.33 -3.60 -9.26
N ALA B 59 -36.73 -4.74 -9.57
CA ALA B 59 -36.75 -5.89 -8.67
C ALA B 59 -35.99 -5.60 -7.35
N VAL B 60 -34.85 -4.93 -7.49
CA VAL B 60 -34.09 -4.55 -6.31
C VAL B 60 -34.99 -3.57 -5.48
N LYS B 61 -35.64 -2.64 -6.13
CA LYS B 61 -36.44 -1.65 -5.39
C LYS B 61 -37.65 -2.31 -4.73
N ARG B 62 -38.24 -3.32 -5.36
CA ARG B 62 -39.28 -4.08 -4.67
C ARG B 62 -38.74 -4.76 -3.38
N ASP B 63 -37.56 -5.38 -3.43
CA ASP B 63 -36.99 -5.99 -2.26
C ASP B 63 -36.71 -4.97 -1.18
N LEU B 64 -36.24 -3.78 -1.55
CA LEU B 64 -35.93 -2.81 -0.57
C LEU B 64 -37.20 -2.27 0.08
N HIS B 65 -38.25 -2.09 -0.71
CA HIS B 65 -39.57 -1.70 -0.15
C HIS B 65 -40.04 -2.73 0.93
N ALA B 66 -39.93 -4.04 0.61
CA ALA B 66 -40.25 -5.08 1.54
C ALA B 66 -39.41 -5.03 2.82
N LEU B 67 -38.12 -4.76 2.66
CA LEU B 67 -37.23 -4.67 3.77
C LEU B 67 -37.66 -3.57 4.76
N MET B 68 -38.19 -2.45 4.28
CA MET B 68 -38.53 -1.34 5.16
C MET B 68 -39.28 -1.75 6.44
N THR B 69 -40.15 -2.76 6.35
CA THR B 69 -40.96 -3.14 7.47
C THR B 69 -40.78 -4.59 7.86
N THR B 70 -39.66 -5.19 7.52
CA THR B 70 -39.36 -6.48 7.96
C THR B 70 -38.34 -6.35 9.08
N SER B 71 -38.84 -6.18 10.33
CA SER B 71 -38.04 -5.87 11.48
C SER B 71 -37.21 -7.07 11.88
N GLN B 72 -35.94 -6.93 12.18
CA GLN B 72 -35.16 -8.05 12.74
C GLN B 72 -35.02 -7.88 14.24
N ASP B 73 -35.14 -8.98 15.02
CA ASP B 73 -34.97 -8.88 16.44
C ASP B 73 -33.68 -8.29 17.01
N TRP B 74 -32.58 -8.55 16.30
CA TRP B 74 -31.30 -8.04 16.71
C TRP B 74 -31.17 -6.51 16.54
N TRP B 75 -32.05 -5.84 15.79
CA TRP B 75 -32.10 -4.35 15.73
C TRP B 75 -33.51 -3.90 15.29
N PRO B 76 -34.48 -4.00 16.20
CA PRO B 76 -35.90 -3.85 15.83
C PRO B 76 -36.12 -2.50 15.25
N ALA B 77 -36.99 -2.43 14.26
CA ALA B 77 -37.30 -1.18 13.59
C ALA B 77 -38.20 -0.21 14.46
N ASP B 78 -37.72 1.01 14.64
CA ASP B 78 -38.54 2.06 15.24
C ASP B 78 -39.84 2.19 14.44
N PHE B 79 -40.98 2.30 15.16
CA PHE B 79 -42.26 2.50 14.50
C PHE B 79 -42.58 1.37 13.51
N GLY B 80 -41.87 0.25 13.57
CA GLY B 80 -41.99 -0.78 12.63
C GLY B 80 -41.46 -0.49 11.20
N HIS B 81 -40.69 0.55 11.02
CA HIS B 81 -40.26 0.97 9.68
C HIS B 81 -38.83 1.52 9.81
N TYR B 82 -37.93 0.94 9.02
CA TYR B 82 -36.44 1.28 9.03
C TYR B 82 -36.14 2.50 8.17
N GLY B 83 -37.16 3.19 7.66
CA GLY B 83 -36.94 4.26 6.72
C GLY B 83 -36.03 5.41 7.19
N GLY B 84 -36.35 5.92 8.35
CA GLY B 84 -35.53 6.98 8.99
C GLY B 84 -34.08 6.52 9.15
N LEU B 85 -33.87 5.31 9.61
CA LEU B 85 -32.51 4.80 9.79
C LEU B 85 -31.77 4.79 8.43
N PHE B 86 -32.45 4.35 7.39
CA PHE B 86 -31.81 4.23 6.11
C PHE B 86 -31.55 5.60 5.47
N ILE B 87 -32.45 6.53 5.68
CA ILE B 87 -32.24 7.91 5.19
C ILE B 87 -30.96 8.50 5.85
N ARG B 88 -30.82 8.34 7.17
CA ARG B 88 -29.63 8.77 7.89
C ARG B 88 -28.41 8.04 7.31
N MET B 89 -28.52 6.73 7.01
CA MET B 89 -27.43 5.97 6.45
C MET B 89 -26.95 6.60 5.13
N ALA B 90 -27.88 6.88 4.23
CA ALA B 90 -27.55 7.49 2.99
C ALA B 90 -27.06 8.87 3.08
N TRP B 91 -27.68 9.67 3.99
CA TRP B 91 -27.21 11.00 4.21
C TRP B 91 -25.71 10.97 4.69
N HIS B 92 -25.40 10.06 5.61
CA HIS B 92 -24.01 9.92 6.11
C HIS B 92 -23.03 9.47 5.06
N SER B 93 -23.50 8.64 4.13
CA SER B 93 -22.63 8.10 3.09
C SER B 93 -22.19 9.24 2.22
N ALA B 94 -23.18 10.09 1.86
CA ALA B 94 -22.90 11.29 1.09
C ALA B 94 -22.26 12.46 1.84
N GLY B 95 -22.50 12.50 3.12
CA GLY B 95 -22.24 13.68 3.92
C GLY B 95 -20.79 13.88 4.34
N THR B 96 -19.89 12.94 4.05
CA THR B 96 -18.46 13.16 4.30
C THR B 96 -17.76 14.09 3.27
N TYR B 97 -18.46 14.41 2.22
CA TYR B 97 -17.93 15.13 1.06
C TYR B 97 -17.39 16.49 1.43
N ARG B 98 -16.27 16.87 0.85
CA ARG B 98 -15.71 18.25 1.03
C ARG B 98 -15.48 18.81 -0.37
N THR B 99 -15.89 20.03 -0.61
CA THR B 99 -15.62 20.63 -1.94
C THR B 99 -14.16 21.00 -2.09
N ALA B 100 -13.41 21.20 -0.98
CA ALA B 100 -12.01 21.62 -1.08
C ALA B 100 -11.12 20.65 -1.97
N ASP B 101 -11.28 19.35 -1.79
CA ASP B 101 -10.53 18.39 -2.57
C ASP B 101 -11.38 17.37 -3.24
N GLY B 102 -12.72 17.47 -3.06
CA GLY B 102 -13.59 16.48 -3.66
C GLY B 102 -13.65 15.11 -2.94
N ARG B 103 -12.84 14.98 -1.87
CA ARG B 103 -12.73 13.73 -1.18
C ARG B 103 -13.95 13.53 -0.27
N GLY B 104 -14.13 12.29 0.12
CA GLY B 104 -15.36 11.86 0.84
C GLY B 104 -16.53 11.82 -0.18
N GLY B 105 -17.75 11.71 0.36
CA GLY B 105 -18.98 11.46 -0.47
C GLY B 105 -19.31 9.96 -0.58
N ALA B 106 -20.43 9.68 -1.25
CA ALA B 106 -21.02 8.32 -1.32
C ALA B 106 -20.44 7.49 -2.41
N GLY B 107 -19.70 8.17 -3.31
CA GLY B 107 -19.35 7.58 -4.58
C GLY B 107 -18.45 6.35 -4.59
N GLU B 108 -17.75 6.06 -3.49
CA GLU B 108 -16.92 4.86 -3.40
C GLU B 108 -17.37 3.83 -2.33
N GLY B 109 -18.50 4.10 -1.68
CA GLY B 109 -19.00 3.17 -0.64
C GLY B 109 -18.08 3.02 0.52
N GLN B 110 -17.33 4.09 0.80
CA GLN B 110 -16.31 4.07 1.87
C GLN B 110 -16.84 3.94 3.27
N GLN B 111 -18.18 3.99 3.42
CA GLN B 111 -18.80 3.90 4.79
C GLN B 111 -18.60 2.52 5.39
N ARG B 112 -18.33 1.56 4.53
CA ARG B 112 -18.16 0.18 5.00
C ARG B 112 -16.72 -0.19 5.45
N PHE B 113 -15.82 0.78 5.30
CA PHE B 113 -14.39 0.63 5.64
C PHE B 113 -14.01 1.59 6.77
N ALA B 114 -12.85 1.33 7.38
CA ALA B 114 -12.30 2.20 8.38
C ALA B 114 -11.77 3.43 7.64
N PRO B 115 -11.81 4.58 8.28
CA PRO B 115 -12.38 4.81 9.62
C PRO B 115 -13.88 5.10 9.62
N LEU B 116 -14.49 5.38 8.49
CA LEU B 116 -15.86 5.92 8.54
C LEU B 116 -16.87 4.91 9.11
N ASN B 117 -16.57 3.60 9.00
CA ASN B 117 -17.46 2.65 9.56
C ASN B 117 -17.59 2.72 11.05
N SER B 118 -16.65 3.44 11.69
CA SER B 118 -16.52 3.50 13.11
C SER B 118 -16.50 4.89 13.62
N TRP B 119 -16.82 5.87 12.77
CA TRP B 119 -16.93 7.19 13.31
C TRP B 119 -18.09 7.24 14.34
N PRO B 120 -17.97 8.05 15.35
CA PRO B 120 -19.13 8.15 16.30
C PRO B 120 -20.45 8.59 15.66
N ASP B 121 -20.41 9.48 14.68
CA ASP B 121 -21.62 9.90 13.98
C ASP B 121 -22.18 8.78 13.10
N ASN B 122 -21.45 7.71 12.87
CA ASN B 122 -21.99 6.58 12.14
C ASN B 122 -22.38 5.44 13.05
N ALA B 123 -22.51 5.69 14.36
CA ALA B 123 -22.94 4.64 15.28
C ALA B 123 -24.25 4.06 14.82
N ASN B 124 -24.27 2.74 14.86
CA ASN B 124 -25.43 1.89 14.49
C ASN B 124 -25.82 1.89 13.05
N LEU B 125 -25.13 2.65 12.22
CA LEU B 125 -25.25 2.45 10.79
C LEU B 125 -24.63 1.15 10.37
N ASP B 126 -23.76 0.57 11.17
CA ASP B 126 -23.38 -0.79 10.92
C ASP B 126 -24.59 -1.73 10.91
N LYS B 127 -25.59 -1.49 11.73
CA LYS B 127 -26.77 -2.36 11.77
C LYS B 127 -27.55 -2.16 10.48
N ALA B 128 -27.65 -0.93 10.03
CA ALA B 128 -28.34 -0.61 8.77
C ALA B 128 -27.72 -1.32 7.58
N ARG B 129 -26.38 -1.22 7.49
CA ARG B 129 -25.67 -1.92 6.40
C ARG B 129 -25.89 -3.39 6.48
N ARG B 130 -25.90 -3.98 7.70
CA ARG B 130 -26.09 -5.43 7.85
C ARG B 130 -27.50 -5.87 7.39
N LEU B 131 -28.50 -4.99 7.62
CA LEU B 131 -29.88 -5.31 7.18
C LEU B 131 -29.92 -5.51 5.65
N LEU B 132 -28.99 -4.83 4.94
CA LEU B 132 -28.94 -4.83 3.49
C LEU B 132 -28.15 -6.01 2.91
N TRP B 133 -27.46 -6.80 3.77
CA TRP B 133 -26.66 -7.86 3.25
C TRP B 133 -27.49 -8.87 2.43
N PRO B 134 -28.68 -9.28 2.90
CA PRO B 134 -29.40 -10.22 2.05
C PRO B 134 -29.65 -9.74 0.62
N ILE B 135 -29.99 -8.46 0.47
CA ILE B 135 -30.22 -7.91 -0.88
C ILE B 135 -28.90 -7.79 -1.69
N LYS B 136 -27.86 -7.32 -1.04
CA LYS B 136 -26.56 -7.28 -1.67
C LYS B 136 -26.12 -8.71 -2.18
N GLN B 137 -26.31 -9.71 -1.34
CA GLN B 137 -26.00 -11.06 -1.69
C GLN B 137 -26.80 -11.57 -2.83
N LYS B 138 -28.09 -11.23 -2.85
CA LYS B 138 -28.99 -11.71 -3.88
C LYS B 138 -28.58 -11.21 -5.28
N TYR B 139 -28.21 -9.95 -5.36
CA TYR B 139 -27.93 -9.36 -6.62
C TYR B 139 -26.44 -9.35 -6.98
N GLY B 140 -25.56 -9.55 -6.02
CA GLY B 140 -24.12 -9.70 -6.25
C GLY B 140 -23.49 -8.51 -6.90
N ARG B 141 -22.67 -8.77 -7.93
CA ARG B 141 -21.85 -7.70 -8.45
C ARG B 141 -22.62 -6.68 -9.29
N ALA B 142 -23.86 -7.02 -9.64
CA ALA B 142 -24.68 -6.16 -10.49
C ALA B 142 -25.15 -4.87 -9.76
N ILE B 143 -25.08 -4.83 -8.43
CA ILE B 143 -25.27 -3.58 -7.69
C ILE B 143 -24.19 -3.38 -6.66
N SER B 144 -23.46 -2.28 -6.71
CA SER B 144 -22.40 -2.01 -5.73
C SER B 144 -23.00 -1.62 -4.39
N TRP B 145 -22.27 -1.83 -3.32
CA TRP B 145 -22.61 -1.25 -2.04
C TRP B 145 -22.81 0.21 -2.20
N ALA B 146 -21.91 0.88 -2.91
CA ALA B 146 -21.97 2.32 -3.04
C ALA B 146 -23.32 2.75 -3.65
N ASP B 147 -23.76 2.12 -4.71
CA ASP B 147 -25.07 2.39 -5.26
C ASP B 147 -26.21 1.99 -4.32
N LEU B 148 -26.08 0.88 -3.66
CA LEU B 148 -27.12 0.31 -2.80
C LEU B 148 -27.40 1.21 -1.61
N LEU B 149 -26.35 1.78 -1.01
CA LEU B 149 -26.60 2.67 0.11
C LEU B 149 -27.51 3.83 -0.32
N ILE B 150 -27.21 4.40 -1.48
CA ILE B 150 -28.01 5.55 -1.96
C ILE B 150 -29.38 5.13 -2.40
N LEU B 151 -29.45 4.02 -3.10
CA LEU B 151 -30.76 3.55 -3.59
C LEU B 151 -31.68 3.30 -2.39
N THR B 152 -31.16 2.69 -1.32
CA THR B 152 -31.91 2.35 -0.16
C THR B 152 -32.47 3.62 0.50
N GLY B 153 -31.67 4.65 0.53
CA GLY B 153 -32.22 5.98 0.97
C GLY B 153 -33.37 6.51 0.13
N ASN B 154 -33.22 6.44 -1.19
CA ASN B 154 -34.30 6.76 -2.10
C ASN B 154 -35.57 5.93 -1.84
N VAL B 155 -35.40 4.62 -1.65
CA VAL B 155 -36.55 3.82 -1.48
C VAL B 155 -37.23 4.14 -0.11
N ALA B 156 -36.46 4.47 0.90
CA ALA B 156 -36.97 4.83 2.21
C ALA B 156 -37.89 6.04 2.08
N LEU B 157 -37.40 7.08 1.42
CA LEU B 157 -38.17 8.22 1.07
C LEU B 157 -39.42 7.89 0.28
N GLU B 158 -39.30 7.15 -0.80
CA GLU B 158 -40.49 6.73 -1.58
C GLU B 158 -41.52 5.95 -0.75
N SER B 159 -41.04 5.02 0.05
CA SER B 159 -41.91 4.21 0.88
C SER B 159 -42.72 5.06 1.82
N MET B 160 -42.13 6.18 2.29
CA MET B 160 -42.76 7.05 3.25
C MET B 160 -43.46 8.22 2.61
N GLY B 161 -43.71 8.18 1.31
CA GLY B 161 -44.60 9.13 0.68
C GLY B 161 -43.89 10.28 -0.03
N PHE B 162 -42.59 10.23 -0.20
CA PHE B 162 -41.84 11.38 -0.75
C PHE B 162 -41.35 10.99 -2.14
N LYS B 163 -41.66 11.75 -3.15
CA LYS B 163 -41.23 11.46 -4.53
C LYS B 163 -39.83 12.05 -4.77
N THR B 164 -38.90 11.18 -5.09
CA THR B 164 -37.54 11.63 -5.35
C THR B 164 -37.43 12.23 -6.72
N PHE B 165 -36.40 13.02 -6.92
CA PHE B 165 -36.09 13.66 -8.18
C PHE B 165 -35.52 12.65 -9.19
N GLY B 166 -35.03 11.49 -8.72
CA GLY B 166 -34.36 10.55 -9.63
C GLY B 166 -33.21 9.82 -8.95
N PHE B 167 -32.49 9.02 -9.72
CA PHE B 167 -31.39 8.22 -9.20
C PHE B 167 -30.58 7.76 -10.40
N ALA B 168 -29.28 7.81 -10.25
CA ALA B 168 -28.29 7.24 -11.19
C ALA B 168 -27.43 6.21 -10.45
N GLY B 169 -27.31 5.02 -11.06
CA GLY B 169 -26.27 4.03 -10.69
C GLY B 169 -24.92 4.40 -11.38
N GLY B 170 -23.89 3.67 -11.03
CA GLY B 170 -22.58 3.74 -11.61
C GLY B 170 -21.48 3.94 -10.62
N ARG B 171 -21.76 3.97 -9.33
CA ARG B 171 -20.67 4.10 -8.35
C ARG B 171 -19.97 2.74 -8.12
N ALA B 172 -18.78 2.52 -8.72
CA ALA B 172 -18.16 1.21 -8.57
C ALA B 172 -17.71 1.07 -7.12
N ASP B 173 -17.78 -0.15 -6.59
CA ASP B 173 -17.22 -0.34 -5.29
C ASP B 173 -15.68 -0.26 -5.30
N THR B 174 -15.13 0.06 -4.15
CA THR B 174 -13.74 0.07 -3.88
C THR B 174 -13.48 -0.99 -2.80
N TRP B 175 -12.22 -1.33 -2.59
CA TRP B 175 -11.88 -2.50 -1.85
C TRP B 175 -10.90 -2.29 -0.75
N GLU B 176 -10.53 -1.05 -0.52
CA GLU B 176 -9.76 -0.72 0.67
C GLU B 176 -9.99 0.73 1.05
N PRO B 177 -9.63 1.09 2.28
CA PRO B 177 -9.85 2.44 2.72
C PRO B 177 -9.08 3.47 1.87
N GLU B 178 -9.73 4.57 1.49
CA GLU B 178 -9.04 5.73 0.98
C GLU B 178 -8.14 6.36 2.01
N ASP B 179 -7.10 7.06 1.55
CA ASP B 179 -6.21 7.86 2.43
C ASP B 179 -6.74 9.23 2.36
N VAL B 180 -7.42 9.63 3.43
CA VAL B 180 -7.96 11.02 3.44
C VAL B 180 -7.53 11.69 4.70
N TYR B 181 -7.15 12.93 4.60
CA TYR B 181 -6.87 13.77 5.77
C TYR B 181 -8.23 14.18 6.35
N TRP B 182 -8.57 13.58 7.49
CA TRP B 182 -9.81 13.93 8.18
C TRP B 182 -9.58 14.89 9.38
N GLY B 183 -8.33 15.26 9.61
CA GLY B 183 -7.91 16.13 10.74
C GLY B 183 -6.73 15.49 11.49
N SER B 184 -6.18 16.23 12.45
CA SER B 184 -5.01 15.76 13.24
C SER B 184 -5.27 15.42 14.69
N GLU B 185 -6.50 15.56 15.14
CA GLU B 185 -6.84 15.26 16.51
C GLU B 185 -6.60 13.78 16.81
N LYS B 186 -6.17 13.44 18.06
CA LYS B 186 -5.92 12.04 18.44
C LYS B 186 -6.98 11.53 19.38
N ILE B 187 -8.05 12.33 19.62
CA ILE B 187 -9.14 11.94 20.45
C ILE B 187 -10.43 12.12 19.60
N TRP B 188 -11.29 11.10 19.59
CA TRP B 188 -12.57 11.18 18.89
C TRP B 188 -13.37 12.33 19.45
N LEU B 189 -13.94 13.15 18.58
CA LEU B 189 -14.85 14.20 18.98
C LEU B 189 -14.22 15.33 19.82
N GLU B 190 -12.89 15.42 19.76
CA GLU B 190 -12.22 16.43 20.56
C GLU B 190 -12.80 17.83 20.29
N LEU B 191 -13.02 18.56 21.35
CA LEU B 191 -13.58 19.92 21.28
C LEU B 191 -12.45 20.81 20.80
N SER B 192 -12.82 21.97 20.26
CA SER B 192 -11.85 22.88 19.61
C SER B 192 -10.77 23.40 20.61
N GLY B 193 -9.66 23.84 20.05
CA GLY B 193 -8.70 24.54 20.83
C GLY B 193 -7.68 23.61 21.48
N GLY B 194 -7.69 22.31 21.15
CA GLY B 194 -6.72 21.38 21.69
C GLY B 194 -5.43 21.46 20.93
N PRO B 195 -4.51 20.53 21.18
CA PRO B 195 -3.15 20.72 20.57
C PRO B 195 -3.16 20.49 19.08
N ASN B 196 -4.19 19.87 18.56
CA ASN B 196 -4.39 19.63 17.13
C ASN B 196 -5.66 20.29 16.59
N SER B 197 -6.03 21.40 17.18
CA SER B 197 -7.25 22.12 16.85
C SER B 197 -7.40 22.30 15.38
N ARG B 198 -8.55 22.00 14.82
CA ARG B 198 -8.92 22.33 13.46
C ARG B 198 -9.43 23.75 13.34
N TYR B 199 -9.55 24.48 14.43
CA TYR B 199 -9.99 25.85 14.39
C TYR B 199 -8.86 26.84 14.74
N SER B 200 -8.88 27.99 14.10
CA SER B 200 -7.98 29.08 14.52
C SER B 200 -8.68 30.36 14.20
N GLY B 201 -8.13 31.44 14.74
CA GLY B 201 -8.61 32.75 14.38
C GLY B 201 -10.01 32.94 14.94
N ASP B 202 -10.90 33.54 14.14
CA ASP B 202 -12.29 33.82 14.52
C ASP B 202 -13.16 32.57 14.17
N ARG B 203 -12.89 31.50 14.86
CA ARG B 203 -13.53 30.20 14.58
C ARG B 203 -13.51 29.87 13.11
N GLN B 204 -12.31 29.89 12.51
CA GLN B 204 -12.08 29.43 11.16
C GLN B 204 -11.68 28.00 11.10
N LEU B 205 -12.36 27.24 10.27
CA LEU B 205 -12.14 25.82 10.16
C LEU B 205 -11.00 25.62 9.18
N GLU B 206 -9.97 24.80 9.46
CA GLU B 206 -8.90 24.62 8.46
C GLU B 206 -9.35 23.89 7.19
N ASN B 207 -8.96 24.40 6.03
CA ASN B 207 -9.05 23.59 4.83
C ASN B 207 -8.16 22.37 4.87
N PRO B 208 -8.54 21.22 4.33
CA PRO B 208 -9.76 21.00 3.53
C PRO B 208 -10.95 20.48 4.36
N LEU B 209 -10.97 20.67 5.65
CA LEU B 209 -11.91 19.94 6.50
C LEU B 209 -13.31 20.56 6.40
N ALA B 210 -14.34 19.73 6.70
CA ALA B 210 -15.68 20.17 6.51
C ALA B 210 -16.63 19.70 7.62
N ALA B 211 -16.06 19.39 8.75
CA ALA B 211 -16.73 19.00 9.96
C ALA B 211 -16.07 19.67 11.17
N VAL B 212 -16.86 19.90 12.22
CA VAL B 212 -16.42 20.74 13.36
C VAL B 212 -15.59 19.96 14.41
N GLN B 213 -15.73 18.64 14.39
CA GLN B 213 -15.01 17.75 15.31
C GLN B 213 -14.72 16.40 14.59
N MET B 214 -13.64 15.77 14.99
CA MET B 214 -13.20 14.53 14.47
C MET B 214 -14.21 13.46 14.74
N GLY B 215 -14.76 12.89 13.66
CA GLY B 215 -15.73 11.82 13.75
C GLY B 215 -17.17 12.28 13.55
N LEU B 216 -17.39 13.61 13.35
CA LEU B 216 -18.70 14.12 12.98
C LEU B 216 -18.80 14.33 11.47
N ILE B 217 -20.03 14.32 10.98
CA ILE B 217 -20.36 14.54 9.58
C ILE B 217 -20.26 16.00 9.22
N TYR B 218 -21.04 16.86 9.94
CA TYR B 218 -20.97 18.29 9.75
C TYR B 218 -20.76 19.00 11.10
N VAL B 219 -21.84 19.14 11.90
CA VAL B 219 -21.80 19.91 13.12
C VAL B 219 -22.21 19.10 14.33
N ASN B 220 -22.07 19.70 15.52
CA ASN B 220 -22.45 19.01 16.75
C ASN B 220 -23.94 19.31 17.00
N PRO B 221 -24.76 18.29 17.14
CA PRO B 221 -26.20 18.50 17.41
C PRO B 221 -26.56 19.20 18.74
N GLU B 222 -25.68 19.19 19.73
CA GLU B 222 -25.92 19.95 20.97
C GLU B 222 -25.64 21.44 20.80
N GLY B 223 -24.76 21.76 19.85
CA GLY B 223 -24.30 23.13 19.53
C GLY B 223 -22.77 23.21 19.45
N PRO B 224 -22.22 24.37 19.11
CA PRO B 224 -20.76 24.46 18.90
C PRO B 224 -19.98 24.06 20.16
N ASP B 225 -19.09 23.04 20.01
CA ASP B 225 -18.38 22.49 21.15
C ASP B 225 -19.30 22.11 22.31
N GLY B 226 -20.55 21.71 22.02
CA GLY B 226 -21.48 21.33 23.09
C GLY B 226 -22.26 22.45 23.74
N ASN B 227 -22.10 23.70 23.29
CA ASN B 227 -22.83 24.82 23.89
C ASN B 227 -24.15 25.07 23.13
N PRO B 228 -25.31 25.03 23.83
CA PRO B 228 -26.53 24.95 23.08
C PRO B 228 -27.12 26.25 22.69
N ASP B 229 -26.41 26.93 21.81
CA ASP B 229 -26.81 28.23 21.25
C ASP B 229 -27.18 28.02 19.79
N PRO B 230 -28.46 28.06 19.45
CA PRO B 230 -28.86 27.78 18.04
C PRO B 230 -28.36 28.79 17.05
N VAL B 231 -28.16 30.01 17.50
CA VAL B 231 -27.65 31.07 16.58
C VAL B 231 -26.18 30.79 16.20
N ALA B 232 -25.39 30.47 17.21
CA ALA B 232 -24.03 30.07 17.02
C ALA B 232 -23.91 28.77 16.20
N ALA B 233 -24.80 27.83 16.46
CA ALA B 233 -24.80 26.57 15.71
C ALA B 233 -25.06 26.85 14.25
N ALA B 234 -25.92 27.81 13.95
CA ALA B 234 -26.17 28.18 12.57
C ALA B 234 -24.91 28.62 11.78
N ARG B 235 -24.00 29.26 12.48
CA ARG B 235 -22.77 29.70 11.88
C ARG B 235 -21.96 28.47 11.42
N ASP B 236 -21.89 27.45 12.27
CA ASP B 236 -21.17 26.26 11.95
C ASP B 236 -21.87 25.49 10.85
N ILE B 237 -23.21 25.44 10.92
CA ILE B 237 -23.98 24.73 9.89
C ILE B 237 -23.69 25.38 8.54
N ARG B 238 -23.79 26.69 8.47
CA ARG B 238 -23.65 27.40 7.22
C ARG B 238 -22.21 27.13 6.62
N ASP B 239 -21.21 27.17 7.49
CA ASP B 239 -19.82 27.04 7.04
C ASP B 239 -19.57 25.58 6.57
N THR B 240 -19.97 24.59 7.36
CA THR B 240 -19.71 23.24 6.97
C THR B 240 -20.52 22.80 5.73
N PHE B 241 -21.78 23.19 5.65
CA PHE B 241 -22.58 22.82 4.51
C PHE B 241 -22.04 23.53 3.27
N ALA B 242 -21.54 24.75 3.41
CA ALA B 242 -20.96 25.43 2.23
C ALA B 242 -19.74 24.64 1.75
N ARG B 243 -19.00 24.13 2.72
CA ARG B 243 -17.87 23.32 2.41
C ARG B 243 -18.21 21.95 1.89
N MET B 244 -19.51 21.60 1.90
CA MET B 244 -20.05 20.43 1.21
C MET B 244 -20.91 20.78 -0.02
N ALA B 245 -20.76 22.04 -0.49
CA ALA B 245 -21.40 22.51 -1.75
C ALA B 245 -22.81 22.89 -1.64
N MET B 246 -23.31 23.11 -0.43
CA MET B 246 -24.69 23.46 -0.22
C MET B 246 -24.88 24.88 0.22
N ASN B 247 -25.78 25.60 -0.43
CA ASN B 247 -26.13 26.98 -0.02
C ASN B 247 -27.22 26.98 1.06
N ASP B 248 -27.68 28.21 1.43
CA ASP B 248 -28.66 28.29 2.53
C ASP B 248 -29.97 27.54 2.17
N GLU B 249 -30.50 27.78 0.99
CA GLU B 249 -31.75 27.15 0.65
C GLU B 249 -31.65 25.63 0.69
N GLU B 250 -30.54 25.10 0.14
CA GLU B 250 -30.36 23.66 0.14
C GLU B 250 -30.19 23.06 1.51
N THR B 251 -29.49 23.82 2.36
CA THR B 251 -29.18 23.39 3.71
C THR B 251 -30.46 23.28 4.54
N VAL B 252 -31.30 24.27 4.50
CA VAL B 252 -32.54 24.26 5.27
C VAL B 252 -33.44 23.16 4.68
N ALA B 253 -33.45 23.02 3.34
CA ALA B 253 -34.29 21.98 2.78
C ALA B 253 -33.85 20.60 3.22
N LEU B 254 -32.54 20.39 3.28
CA LEU B 254 -31.99 19.04 3.61
C LEU B 254 -32.23 18.70 5.11
N ILE B 255 -31.96 19.67 6.00
CA ILE B 255 -32.06 19.36 7.42
C ILE B 255 -33.52 19.12 7.81
N ALA B 256 -34.38 20.04 7.38
CA ALA B 256 -35.83 19.96 7.69
C ALA B 256 -36.45 18.74 6.95
N GLY B 257 -36.01 18.50 5.73
CA GLY B 257 -36.40 17.32 5.05
C GLY B 257 -36.06 16.02 5.76
N GLY B 258 -34.82 15.85 6.11
CA GLY B 258 -34.39 14.66 6.79
C GLY B 258 -35.10 14.47 8.13
N HIS B 259 -35.17 15.55 8.91
CA HIS B 259 -35.77 15.53 10.25
C HIS B 259 -37.32 15.58 10.23
N THR B 260 -37.88 15.58 9.05
CA THR B 260 -39.29 15.13 8.91
C THR B 260 -39.48 13.64 9.28
N PHE B 261 -38.41 12.84 9.26
CA PHE B 261 -38.57 11.43 9.45
C PHE B 261 -37.80 10.90 10.67
N GLY B 262 -38.37 9.86 11.30
CA GLY B 262 -37.59 9.09 12.24
C GLY B 262 -37.40 9.73 13.60
N LYS B 263 -36.32 9.33 14.28
CA LYS B 263 -35.95 9.79 15.58
C LYS B 263 -34.49 9.60 15.88
N THR B 264 -34.06 10.19 16.98
CA THR B 264 -32.73 10.00 17.55
C THR B 264 -32.78 8.91 18.61
N HIS B 265 -31.63 8.50 19.16
CA HIS B 265 -31.60 7.42 20.15
C HIS B 265 -30.68 7.77 21.29
N GLY B 266 -31.26 7.91 22.49
CA GLY B 266 -30.50 8.25 23.69
C GLY B 266 -31.19 7.82 24.98
N ALA B 267 -31.54 6.54 25.06
CA ALA B 267 -32.46 6.06 26.11
C ALA B 267 -31.80 5.92 27.49
N GLY B 268 -30.49 5.92 27.52
CA GLY B 268 -29.73 5.85 28.75
C GLY B 268 -28.33 6.42 28.54
N PRO B 269 -27.52 6.44 29.63
CA PRO B 269 -26.19 6.99 29.60
C PRO B 269 -25.26 6.38 28.52
N ALA B 270 -24.42 7.22 27.93
CA ALA B 270 -23.51 6.80 26.87
C ALA B 270 -22.51 5.80 27.32
N SER B 271 -22.24 5.77 28.61
CA SER B 271 -21.24 4.86 29.11
C SER B 271 -21.72 3.39 28.99
N ASN B 272 -22.99 3.15 28.74
CA ASN B 272 -23.38 1.79 28.43
C ASN B 272 -22.84 1.24 27.07
N VAL B 273 -22.41 2.14 26.17
CA VAL B 273 -22.12 1.76 24.79
C VAL B 273 -20.68 1.30 24.68
N GLY B 274 -20.45 0.11 24.14
CA GLY B 274 -19.09 -0.40 24.01
C GLY B 274 -18.40 -0.05 22.70
N ALA B 275 -17.42 -0.87 22.37
CA ALA B 275 -16.43 -0.59 21.32
C ALA B 275 -17.05 -0.40 19.96
N GLU B 276 -16.57 0.62 19.27
CA GLU B 276 -16.84 0.83 17.85
C GLU B 276 -16.36 -0.35 17.02
N PRO B 277 -16.91 -0.50 15.83
CA PRO B 277 -16.64 -1.77 15.06
C PRO B 277 -15.21 -2.17 14.91
N GLU B 278 -14.37 -1.25 14.52
CA GLU B 278 -12.95 -1.56 14.29
C GLU B 278 -12.23 -1.96 15.59
N ALA B 279 -12.80 -1.66 16.76
CA ALA B 279 -12.22 -2.06 18.07
C ALA B 279 -12.91 -3.20 18.69
N ALA B 280 -14.05 -3.68 18.17
CA ALA B 280 -14.80 -4.72 18.90
C ALA B 280 -14.14 -6.08 18.77
N GLY B 281 -14.55 -7.04 19.55
CA GLY B 281 -14.09 -8.36 19.39
C GLY B 281 -14.53 -9.03 18.12
N ILE B 282 -13.80 -10.06 17.80
CA ILE B 282 -13.95 -10.78 16.57
C ILE B 282 -15.33 -11.46 16.51
N GLU B 283 -15.87 -11.83 17.65
CA GLU B 283 -17.20 -12.39 17.71
C GLU B 283 -18.33 -11.44 17.34
N ALA B 284 -18.08 -10.14 17.41
CA ALA B 284 -19.06 -9.16 16.96
C ALA B 284 -19.28 -9.21 15.46
N GLN B 285 -18.44 -9.93 14.70
CA GLN B 285 -18.65 -10.11 13.29
C GLN B 285 -18.98 -8.78 12.54
N GLY B 286 -18.16 -7.77 12.85
CA GLY B 286 -18.14 -6.55 12.05
C GLY B 286 -19.10 -5.49 12.56
N LEU B 287 -19.82 -5.83 13.64
CA LEU B 287 -20.72 -4.83 14.26
C LEU B 287 -20.05 -4.20 15.44
N GLY B 288 -20.63 -3.15 15.95
CA GLY B 288 -20.03 -2.44 17.09
C GLY B 288 -21.07 -1.75 17.99
N TRP B 289 -20.57 -0.92 18.88
CA TRP B 289 -21.40 -0.16 19.83
C TRP B 289 -22.43 -0.96 20.60
N LYS B 290 -22.07 -2.15 20.99
CA LYS B 290 -22.97 -2.97 21.79
C LYS B 290 -23.25 -2.31 23.11
N SER B 291 -24.50 -2.27 23.51
CA SER B 291 -24.97 -1.49 24.66
C SER B 291 -25.39 -2.39 25.82
N ALA B 292 -24.93 -2.07 27.01
CA ALA B 292 -25.37 -2.80 28.22
C ALA B 292 -26.68 -2.24 28.78
N TYR B 293 -27.28 -1.22 28.14
CA TYR B 293 -28.44 -0.56 28.70
C TYR B 293 -29.69 -1.35 28.33
N ARG B 294 -30.28 -2.02 29.32
CA ARG B 294 -31.49 -2.76 29.20
C ARG B 294 -31.38 -3.73 28.07
N THR B 295 -32.23 -3.73 27.04
CA THR B 295 -32.10 -4.70 25.97
C THR B 295 -31.00 -4.34 24.98
N GLY B 296 -30.50 -3.10 25.02
CA GLY B 296 -29.41 -2.74 24.11
C GLY B 296 -29.81 -2.28 22.74
N LYS B 297 -31.11 -2.13 22.49
CA LYS B 297 -31.64 -1.95 21.13
C LYS B 297 -33.07 -1.51 21.19
N GLY B 298 -33.65 -1.27 20.04
CA GLY B 298 -35.10 -0.91 19.97
C GLY B 298 -35.46 0.28 20.85
N ALA B 299 -36.42 0.10 21.76
CA ALA B 299 -36.80 1.18 22.67
C ALA B 299 -35.66 1.64 23.57
N ASP B 300 -34.68 0.76 23.82
CA ASP B 300 -33.54 1.03 24.65
C ASP B 300 -32.30 1.56 23.91
N ALA B 301 -32.42 1.75 22.60
CA ALA B 301 -31.31 2.13 21.74
C ALA B 301 -30.59 3.39 22.21
N ILE B 302 -29.26 3.33 22.16
CA ILE B 302 -28.44 4.50 22.29
C ILE B 302 -27.46 4.66 21.10
N THR B 303 -27.54 5.83 20.45
CA THR B 303 -26.79 6.12 19.25
C THR B 303 -26.09 7.44 19.47
N SER B 304 -26.80 8.56 19.29
CA SER B 304 -26.20 9.86 19.56
C SER B 304 -26.22 10.22 21.05
N GLY B 305 -27.10 9.63 21.86
CA GLY B 305 -27.33 10.13 23.19
C GLY B 305 -28.44 11.18 23.31
N LEU B 306 -29.00 11.65 22.22
CA LEU B 306 -30.13 12.53 22.25
C LEU B 306 -31.40 11.69 22.13
N GLU B 307 -32.53 12.28 22.53
CA GLU B 307 -33.81 11.59 22.51
C GLU B 307 -34.86 12.55 22.02
N VAL B 308 -34.99 12.66 20.69
CA VAL B 308 -35.83 13.64 19.98
C VAL B 308 -36.58 12.79 18.92
N THR B 309 -37.84 13.10 18.79
CA THR B 309 -38.68 12.64 17.72
C THR B 309 -39.42 13.90 17.24
N TRP B 310 -39.23 14.26 15.96
CA TRP B 310 -39.63 15.56 15.50
C TRP B 310 -41.10 15.69 15.10
N THR B 311 -41.68 14.65 14.48
CA THR B 311 -43.01 14.83 13.89
C THR B 311 -44.04 13.86 14.48
N THR B 312 -45.30 14.15 14.23
CA THR B 312 -46.41 13.32 14.69
C THR B 312 -46.57 12.10 13.79
N THR B 313 -45.92 12.02 12.61
CA THR B 313 -45.97 10.85 11.79
C THR B 313 -44.53 10.56 11.31
N PRO B 314 -43.70 9.97 12.16
CA PRO B 314 -42.28 9.81 11.80
C PRO B 314 -42.03 8.88 10.66
N THR B 315 -43.06 8.12 10.21
CA THR B 315 -42.84 7.26 9.10
C THR B 315 -43.55 7.74 7.84
N GLN B 316 -43.98 9.00 7.80
CA GLN B 316 -44.67 9.49 6.64
C GLN B 316 -44.26 10.90 6.40
N TRP B 317 -44.01 11.24 5.13
CA TRP B 317 -43.79 12.59 4.72
C TRP B 317 -44.92 13.48 5.19
N SER B 318 -44.59 14.66 5.72
CA SER B 318 -45.57 15.59 6.28
C SER B 318 -44.99 17.01 6.17
N HIS B 319 -45.74 17.98 6.65
CA HIS B 319 -45.28 19.36 6.77
C HIS B 319 -45.24 19.70 8.24
N ASN B 320 -45.10 18.71 9.11
CA ASN B 320 -45.16 18.89 10.54
C ASN B 320 -43.83 19.41 11.11
N PHE B 321 -42.68 19.17 10.44
CA PHE B 321 -41.43 19.75 10.99
C PHE B 321 -41.57 21.27 11.23
N PHE B 322 -41.91 21.99 10.17
CA PHE B 322 -42.02 23.46 10.30
C PHE B 322 -43.24 23.92 11.12
N GLU B 323 -44.32 23.10 11.08
CA GLU B 323 -45.44 23.42 12.01
C GLU B 323 -44.96 23.44 13.44
N ASN B 324 -44.20 22.42 13.85
CA ASN B 324 -43.70 22.35 15.22
C ASN B 324 -42.65 23.43 15.44
N LEU B 325 -41.77 23.62 14.47
CA LEU B 325 -40.66 24.51 14.72
C LEU B 325 -41.13 25.93 15.11
N PHE B 326 -42.09 26.41 14.32
CA PHE B 326 -42.64 27.75 14.45
C PHE B 326 -43.80 27.81 15.46
N GLY B 327 -44.49 26.68 15.68
CA GLY B 327 -45.67 26.61 16.50
C GLY B 327 -45.51 26.56 17.98
N TYR B 328 -44.34 26.26 18.50
CA TYR B 328 -44.10 26.24 19.94
C TYR B 328 -42.94 27.14 20.24
N GLU B 329 -42.82 27.48 21.50
CA GLU B 329 -41.61 27.99 22.06
C GLU B 329 -40.85 26.83 22.68
N TRP B 330 -39.55 27.00 22.78
CA TRP B 330 -38.69 25.88 23.09
C TRP B 330 -37.97 26.06 24.36
N GLU B 331 -37.87 25.01 25.15
CA GLU B 331 -37.16 25.08 26.41
C GLU B 331 -36.02 24.09 26.42
N LEU B 332 -34.91 24.53 26.99
CA LEU B 332 -33.72 23.70 27.05
C LEU B 332 -33.89 22.66 28.07
N THR B 333 -33.48 21.46 27.73
CA THR B 333 -33.62 20.32 28.60
C THR B 333 -32.53 19.29 28.34
N LYS B 334 -32.57 18.12 28.97
CA LYS B 334 -31.55 17.11 28.79
C LYS B 334 -32.15 15.79 28.44
N SER B 335 -31.50 15.03 27.58
CA SER B 335 -31.92 13.68 27.28
C SER B 335 -31.63 12.77 28.43
N PRO B 336 -32.10 11.52 28.38
CA PRO B 336 -31.66 10.60 29.41
C PRO B 336 -30.18 10.25 29.43
N ALA B 337 -29.40 10.57 28.39
CA ALA B 337 -27.95 10.39 28.46
C ALA B 337 -27.27 11.64 28.93
N GLY B 338 -28.02 12.68 29.24
CA GLY B 338 -27.42 13.91 29.67
C GLY B 338 -27.13 14.95 28.57
N ALA B 339 -27.63 14.79 27.37
CA ALA B 339 -27.28 15.66 26.26
C ALA B 339 -28.25 16.81 26.17
N HIS B 340 -27.79 17.95 25.75
CA HIS B 340 -28.71 19.11 25.54
C HIS B 340 -29.63 18.96 24.36
N GLN B 341 -30.90 19.24 24.58
CA GLN B 341 -31.94 19.20 23.55
C GLN B 341 -33.14 20.11 24.00
N TRP B 342 -34.18 20.26 23.18
CA TRP B 342 -35.22 21.26 23.36
C TRP B 342 -36.56 20.55 23.39
N VAL B 343 -37.46 21.04 24.26
CA VAL B 343 -38.83 20.49 24.37
C VAL B 343 -39.79 21.67 24.22
N ALA B 344 -40.93 21.38 23.60
CA ALA B 344 -41.94 22.39 23.35
C ALA B 344 -42.68 22.82 24.63
N LYS B 345 -42.65 24.13 24.90
CA LYS B 345 -43.30 24.64 26.14
C LYS B 345 -44.80 24.47 26.05
N GLY B 346 -45.30 23.80 27.08
CA GLY B 346 -46.73 23.64 27.30
C GLY B 346 -47.44 22.76 26.28
N ALA B 347 -46.71 21.91 25.55
CA ALA B 347 -47.34 21.18 24.47
C ALA B 347 -48.04 19.97 25.04
N ASP B 348 -49.06 19.49 24.38
CA ASP B 348 -49.59 18.15 24.62
C ASP B 348 -48.61 17.09 24.09
N ALA B 349 -48.75 15.91 24.64
CA ALA B 349 -48.05 14.75 24.17
C ALA B 349 -48.65 14.22 22.87
N VAL B 350 -48.21 14.76 21.72
CA VAL B 350 -48.76 14.37 20.44
C VAL B 350 -47.85 13.47 19.58
N ILE B 351 -46.58 13.26 20.00
CA ILE B 351 -45.64 12.52 19.16
C ILE B 351 -45.71 11.04 19.51
N PRO B 352 -45.79 10.16 18.52
CA PRO B 352 -45.95 8.76 18.96
C PRO B 352 -44.65 8.19 19.45
N ASP B 353 -44.74 7.16 20.28
CA ASP B 353 -43.63 6.41 20.74
C ASP B 353 -43.26 5.38 19.69
N ALA B 354 -41.98 4.93 19.69
CA ALA B 354 -41.52 4.04 18.66
C ALA B 354 -41.89 2.59 18.84
N PHE B 355 -42.19 2.21 20.08
CA PHE B 355 -42.52 0.84 20.46
C PHE B 355 -43.79 0.61 21.27
N ASP B 356 -44.24 1.59 22.00
CA ASP B 356 -45.33 1.42 22.95
C ASP B 356 -46.50 2.25 22.45
N PRO B 357 -47.56 1.61 21.89
CA PRO B 357 -48.75 2.41 21.36
C PRO B 357 -49.45 3.20 22.43
N SER B 358 -49.26 2.87 23.69
CA SER B 358 -49.92 3.64 24.72
C SER B 358 -49.07 4.82 25.23
N LYS B 359 -47.94 5.16 24.58
CA LYS B 359 -47.22 6.37 25.03
C LYS B 359 -47.12 7.36 23.94
N LYS B 360 -47.15 8.61 24.37
CA LYS B 360 -46.93 9.73 23.49
C LYS B 360 -46.00 10.69 24.15
N HIS B 361 -45.47 11.61 23.35
CA HIS B 361 -44.45 12.50 23.85
C HIS B 361 -44.67 13.92 23.35
N ARG B 362 -44.06 14.86 24.06
CA ARG B 362 -44.09 16.26 23.62
C ARG B 362 -43.08 16.39 22.42
N PRO B 363 -43.40 17.31 21.52
CA PRO B 363 -42.47 17.70 20.44
C PRO B 363 -41.11 18.15 20.99
N THR B 364 -40.05 17.67 20.36
CA THR B 364 -38.73 18.03 20.78
C THR B 364 -37.91 18.44 19.52
N MET B 365 -36.79 19.09 19.76
CA MET B 365 -35.89 19.58 18.72
C MET B 365 -34.46 19.54 19.22
N LEU B 366 -33.54 19.41 18.25
CA LEU B 366 -32.09 19.62 18.47
C LEU B 366 -31.80 21.12 18.44
N THR B 367 -30.76 21.53 19.15
CA THR B 367 -30.25 22.88 18.98
C THR B 367 -30.09 23.30 17.48
N THR B 368 -29.52 22.38 16.68
CA THR B 368 -29.32 22.58 15.28
C THR B 368 -30.61 22.67 14.41
N ASP B 369 -31.70 22.12 14.86
CA ASP B 369 -33.01 22.35 14.24
C ASP B 369 -33.46 23.75 14.52
N LEU B 370 -33.29 24.21 15.79
CA LEU B 370 -33.70 25.58 16.10
C LEU B 370 -32.93 26.59 15.36
N SER B 371 -31.68 26.25 14.95
CA SER B 371 -30.94 27.16 14.04
C SER B 371 -31.74 27.64 12.85
N LEU B 372 -32.62 26.80 12.35
CA LEU B 372 -33.40 27.05 11.12
C LEU B 372 -34.42 28.15 11.32
N ARG B 373 -34.77 28.34 12.57
CA ARG B 373 -35.67 29.44 12.99
C ARG B 373 -34.96 30.65 13.56
N PHE B 374 -33.86 30.49 14.29
CA PHE B 374 -33.28 31.65 15.00
C PHE B 374 -32.08 32.31 14.28
N ASP B 375 -31.48 31.67 13.26
CA ASP B 375 -30.60 32.39 12.38
C ASP B 375 -31.50 33.21 11.46
N PRO B 376 -31.20 34.50 11.31
CA PRO B 376 -32.12 35.28 10.50
C PRO B 376 -32.23 34.94 9.06
N ALA B 377 -31.17 34.53 8.41
CA ALA B 377 -31.26 34.20 6.95
C ALA B 377 -32.01 32.86 6.81
N TYR B 378 -31.71 31.89 7.67
CA TYR B 378 -32.44 30.62 7.65
C TYR B 378 -33.95 30.81 7.92
N GLU B 379 -34.26 31.67 8.85
CA GLU B 379 -35.63 31.91 9.28
C GLU B 379 -36.50 32.28 8.10
N LYS B 380 -35.98 33.09 7.19
CA LYS B 380 -36.80 33.54 6.09
C LYS B 380 -37.07 32.40 5.13
N ILE B 381 -36.07 31.52 4.95
CA ILE B 381 -36.27 30.38 4.11
C ILE B 381 -37.23 29.37 4.74
N SER B 382 -36.97 29.06 6.02
CA SER B 382 -37.85 28.19 6.76
C SER B 382 -39.32 28.69 6.74
N ARG B 383 -39.51 30.01 6.86
CA ARG B 383 -40.89 30.56 6.79
C ARG B 383 -41.50 30.34 5.47
N ARG B 384 -40.77 30.66 4.42
CA ARG B 384 -41.27 30.42 3.05
C ARG B 384 -41.60 28.91 2.82
N PHE B 385 -40.74 27.99 3.31
CA PHE B 385 -41.06 26.57 3.23
C PHE B 385 -42.34 26.14 4.04
N HIS B 386 -42.46 26.67 5.26
CA HIS B 386 -43.69 26.56 6.11
C HIS B 386 -44.99 27.04 5.38
N GLU B 387 -44.93 28.20 4.80
CA GLU B 387 -46.05 28.78 4.03
C GLU B 387 -46.27 28.12 2.70
N ASN B 388 -45.24 27.51 2.11
CA ASN B 388 -45.32 26.98 0.72
C ASN B 388 -44.70 25.62 0.68
N PRO B 389 -45.38 24.65 1.22
CA PRO B 389 -44.72 23.38 1.35
C PRO B 389 -44.34 22.72 0.04
N GLU B 390 -44.98 23.10 -1.05
CA GLU B 390 -44.62 22.59 -2.35
C GLU B 390 -43.23 23.02 -2.69
N GLN B 391 -42.87 24.25 -2.35
CA GLN B 391 -41.54 24.68 -2.58
C GLN B 391 -40.53 23.89 -1.74
N PHE B 392 -40.91 23.58 -0.48
CA PHE B 392 -40.06 22.79 0.42
C PHE B 392 -39.82 21.41 -0.21
N ALA B 393 -40.89 20.78 -0.65
CA ALA B 393 -40.78 19.44 -1.20
C ALA B 393 -39.85 19.43 -2.45
N ASP B 394 -40.02 20.40 -3.34
CA ASP B 394 -39.21 20.51 -4.53
C ASP B 394 -37.71 20.77 -4.19
N ALA B 395 -37.48 21.64 -3.24
CA ALA B 395 -36.09 22.00 -2.87
C ALA B 395 -35.40 20.85 -2.22
N PHE B 396 -36.12 20.14 -1.37
CA PHE B 396 -35.56 18.98 -0.70
C PHE B 396 -35.28 17.91 -1.72
N ALA B 397 -36.18 17.69 -2.67
CA ALA B 397 -35.92 16.64 -3.65
C ALA B 397 -34.64 16.92 -4.49
N ARG B 398 -34.52 18.20 -4.90
CA ARG B 398 -33.37 18.64 -5.70
C ARG B 398 -32.10 18.54 -4.88
N ALA B 399 -32.21 18.94 -3.61
CA ALA B 399 -31.03 18.89 -2.77
C ALA B 399 -30.60 17.48 -2.36
N TRP B 400 -31.53 16.57 -2.17
CA TRP B 400 -31.23 15.20 -1.89
C TRP B 400 -30.52 14.57 -3.14
N PHE B 401 -31.02 14.88 -4.32
CA PHE B 401 -30.37 14.37 -5.53
C PHE B 401 -28.90 14.86 -5.62
N LYS B 402 -28.75 16.16 -5.40
CA LYS B 402 -27.44 16.81 -5.43
C LYS B 402 -26.50 16.19 -4.41
N LEU B 403 -26.96 16.16 -3.16
CA LEU B 403 -26.19 15.58 -2.07
C LEU B 403 -25.63 14.20 -2.47
N THR B 404 -26.52 13.37 -3.00
CA THR B 404 -26.24 11.96 -3.18
C THR B 404 -25.52 11.65 -4.52
N HIS B 405 -25.43 12.64 -5.37
CA HIS B 405 -24.78 12.49 -6.71
C HIS B 405 -23.61 13.48 -6.91
N ARG B 406 -23.31 14.25 -5.87
CA ARG B 406 -22.40 15.37 -6.01
C ARG B 406 -20.99 14.97 -6.55
N ASP B 407 -20.55 13.77 -6.18
CA ASP B 407 -19.25 13.28 -6.46
C ASP B 407 -19.22 12.26 -7.57
N MET B 408 -20.27 12.17 -8.37
CA MET B 408 -20.35 11.14 -9.39
C MET B 408 -19.78 11.59 -10.71
N GLY B 409 -19.54 12.87 -10.89
CA GLY B 409 -18.88 13.36 -12.11
C GLY B 409 -19.86 13.71 -13.19
N PRO B 410 -19.36 13.79 -14.41
CA PRO B 410 -20.15 14.12 -15.53
C PRO B 410 -21.34 13.18 -15.72
N ARG B 411 -22.40 13.72 -16.36
CA ARG B 411 -23.64 13.02 -16.63
C ARG B 411 -23.42 11.76 -17.43
N ALA B 412 -22.39 11.73 -18.24
CA ALA B 412 -22.06 10.51 -18.97
C ALA B 412 -21.86 9.31 -18.08
N ARG B 413 -21.49 9.48 -16.81
CA ARG B 413 -21.35 8.34 -15.92
C ARG B 413 -22.67 7.78 -15.31
N TYR B 414 -23.77 8.51 -15.45
CA TYR B 414 -25.05 8.14 -14.84
C TYR B 414 -25.71 6.99 -15.51
N LEU B 415 -26.02 5.97 -14.76
CA LEU B 415 -26.60 4.77 -15.35
C LEU B 415 -28.03 4.53 -14.89
N GLY B 416 -28.80 3.91 -15.75
CA GLY B 416 -30.03 3.25 -15.43
C GLY B 416 -31.24 4.08 -15.83
N PRO B 417 -32.41 3.63 -15.44
CA PRO B 417 -33.62 4.17 -16.00
C PRO B 417 -34.20 5.28 -15.21
N GLU B 418 -33.57 5.73 -14.12
CA GLU B 418 -34.19 6.76 -13.29
C GLU B 418 -33.40 8.04 -13.28
N VAL B 419 -32.52 8.22 -14.26
CA VAL B 419 -31.66 9.38 -14.28
C VAL B 419 -32.52 10.58 -14.68
N PRO B 420 -32.52 11.70 -13.92
CA PRO B 420 -33.26 12.81 -14.33
C PRO B 420 -32.75 13.38 -15.60
N ALA B 421 -33.68 13.78 -16.44
CA ALA B 421 -33.37 14.37 -17.74
C ALA B 421 -32.92 15.83 -17.59
N GLU B 422 -33.42 16.54 -16.59
CA GLU B 422 -32.98 17.90 -16.36
C GLU B 422 -31.49 17.96 -15.95
N VAL B 423 -30.80 18.83 -16.66
CA VAL B 423 -29.40 19.09 -16.50
C VAL B 423 -29.30 20.19 -15.49
N LEU B 424 -28.47 20.05 -14.48
CA LEU B 424 -28.38 21.00 -13.42
C LEU B 424 -27.06 21.72 -13.47
N LEU B 425 -27.08 22.99 -13.07
CA LEU B 425 -25.90 23.82 -13.11
C LEU B 425 -24.75 23.18 -12.32
N TRP B 426 -25.04 22.53 -11.20
CA TRP B 426 -23.96 22.05 -10.32
C TRP B 426 -23.15 20.90 -10.96
N GLN B 427 -23.74 20.24 -11.95
CA GLN B 427 -23.11 19.18 -12.69
C GLN B 427 -22.00 19.66 -13.70
N ASP B 428 -21.72 20.96 -13.78
CA ASP B 428 -20.74 21.50 -14.75
C ASP B 428 -21.04 20.94 -16.11
N PRO B 429 -22.22 21.27 -16.64
CA PRO B 429 -22.60 20.47 -17.80
C PRO B 429 -21.82 20.79 -19.07
N ILE B 430 -21.81 19.80 -19.95
CA ILE B 430 -21.15 19.85 -21.22
C ILE B 430 -22.18 19.63 -22.32
N PRO B 431 -22.32 20.56 -23.25
CA PRO B 431 -23.31 20.32 -24.32
C PRO B 431 -23.06 19.10 -25.19
N ALA B 432 -24.14 18.56 -25.73
CA ALA B 432 -24.04 17.42 -26.58
C ALA B 432 -23.37 17.76 -27.86
N VAL B 433 -22.64 16.82 -28.40
CA VAL B 433 -22.02 17.06 -29.68
C VAL B 433 -23.05 16.65 -30.75
N ASP B 434 -23.32 17.54 -31.67
CA ASP B 434 -24.36 17.31 -32.68
C ASP B 434 -23.83 17.39 -34.11
N HIS B 435 -22.52 17.20 -34.32
CA HIS B 435 -21.93 17.35 -35.63
C HIS B 435 -20.81 16.31 -35.83
N PRO B 436 -20.41 16.08 -37.08
CA PRO B 436 -19.23 15.21 -37.33
C PRO B 436 -18.00 15.70 -36.59
N LEU B 437 -17.16 14.79 -36.13
CA LEU B 437 -15.91 15.13 -35.49
C LEU B 437 -14.78 15.13 -36.49
N ILE B 438 -13.72 15.89 -36.16
CA ILE B 438 -12.52 15.84 -36.90
C ILE B 438 -11.92 14.45 -36.94
N ASP B 439 -11.31 14.17 -38.09
CA ASP B 439 -10.71 12.83 -38.28
C ASP B 439 -9.18 13.00 -38.23
N ALA B 440 -8.41 11.93 -38.52
CA ALA B 440 -6.99 12.04 -38.44
C ALA B 440 -6.34 13.00 -39.41
N ALA B 441 -6.89 13.06 -40.59
CA ALA B 441 -6.37 14.01 -41.62
C ALA B 441 -6.63 15.49 -41.15
N ASP B 442 -7.79 15.74 -40.58
CA ASP B 442 -8.12 17.05 -40.06
C ASP B 442 -7.19 17.37 -38.89
N ALA B 443 -6.90 16.39 -38.06
CA ALA B 443 -5.96 16.60 -36.90
C ALA B 443 -4.58 17.02 -37.36
N ALA B 444 -4.09 16.40 -38.42
CA ALA B 444 -2.77 16.75 -38.93
C ALA B 444 -2.83 18.16 -39.50
N GLU B 445 -3.89 18.49 -40.18
CA GLU B 445 -4.01 19.81 -40.73
C GLU B 445 -3.99 20.86 -39.61
N LEU B 446 -4.79 20.65 -38.54
CA LEU B 446 -4.85 21.63 -37.43
C LEU B 446 -3.50 21.73 -36.67
N LYS B 447 -2.80 20.61 -36.49
CA LYS B 447 -1.51 20.64 -35.78
C LYS B 447 -0.52 21.41 -36.64
N ALA B 448 -0.53 21.25 -37.95
CA ALA B 448 0.35 22.04 -38.83
C ALA B 448 0.05 23.52 -38.76
N LYS B 449 -1.22 23.89 -38.75
CA LYS B 449 -1.56 25.29 -38.52
C LYS B 449 -1.10 25.82 -37.17
N VAL B 450 -1.29 25.05 -36.11
CA VAL B 450 -0.89 25.48 -34.79
C VAL B 450 0.65 25.78 -34.81
N LEU B 451 1.40 24.85 -35.38
CA LEU B 451 2.87 24.92 -35.45
C LEU B 451 3.31 26.08 -36.36
N ALA B 452 2.57 26.39 -37.38
CA ALA B 452 2.91 27.46 -38.30
C ALA B 452 2.53 28.82 -37.69
N SER B 453 1.71 28.88 -36.65
CA SER B 453 1.21 30.16 -36.19
C SER B 453 2.31 30.81 -35.39
N GLY B 454 3.33 30.09 -34.96
CA GLY B 454 4.34 30.69 -34.11
C GLY B 454 4.12 30.46 -32.60
N LEU B 455 3.05 29.75 -32.19
CA LEU B 455 2.98 29.39 -30.79
C LEU B 455 4.18 28.49 -30.44
N THR B 456 4.75 28.64 -29.25
CA THR B 456 5.90 27.81 -28.87
C THR B 456 5.50 26.54 -28.17
N VAL B 457 6.43 25.60 -28.12
CA VAL B 457 6.23 24.36 -27.34
C VAL B 457 5.75 24.70 -25.97
N SER B 458 6.46 25.60 -25.31
CA SER B 458 6.12 26.00 -23.94
C SER B 458 4.72 26.57 -23.82
N GLN B 459 4.31 27.40 -24.77
CA GLN B 459 2.96 27.93 -24.71
C GLN B 459 1.86 26.85 -24.92
N LEU B 460 2.10 25.92 -25.85
CA LEU B 460 1.12 24.86 -26.22
C LEU B 460 0.98 23.88 -25.04
N VAL B 461 2.12 23.45 -24.50
CA VAL B 461 2.15 22.48 -23.41
C VAL B 461 1.51 23.08 -22.14
N SER B 462 1.90 24.29 -21.81
CA SER B 462 1.38 24.98 -20.60
C SER B 462 -0.12 25.18 -20.69
N THR B 463 -0.64 25.57 -21.86
CA THR B 463 -2.09 25.81 -22.04
C THR B 463 -2.87 24.48 -21.87
N ALA B 464 -2.38 23.42 -22.53
CA ALA B 464 -3.11 22.17 -22.45
C ALA B 464 -2.98 21.56 -21.06
N TRP B 465 -1.83 21.73 -20.39
CA TRP B 465 -1.71 21.23 -19.04
C TRP B 465 -2.71 21.98 -18.13
N ALA B 466 -2.75 23.31 -18.26
CA ALA B 466 -3.66 24.16 -17.48
C ALA B 466 -5.14 23.73 -17.65
N ALA B 467 -5.51 23.34 -18.85
CA ALA B 467 -6.85 22.97 -19.16
C ALA B 467 -7.20 21.60 -18.60
N ALA B 468 -6.30 20.60 -18.75
CA ALA B 468 -6.60 19.21 -18.45
C ALA B 468 -6.41 18.86 -16.97
N SER B 469 -5.52 19.60 -16.28
CA SER B 469 -5.06 19.17 -14.97
C SER B 469 -5.91 19.72 -13.85
N THR B 470 -7.03 20.36 -14.15
CA THR B 470 -8.00 20.69 -13.15
C THR B 470 -8.83 19.48 -12.71
N PHE B 471 -8.69 18.36 -13.42
CA PHE B 471 -9.43 17.16 -13.04
C PHE B 471 -9.00 16.62 -11.73
N ARG B 472 -9.98 16.11 -10.98
CA ARG B 472 -9.69 15.37 -9.79
C ARG B 472 -10.59 14.16 -9.71
N GLY B 473 -10.02 13.02 -9.43
CA GLY B 473 -10.77 11.79 -9.43
C GLY B 473 -11.64 11.56 -8.20
N SER B 474 -11.41 12.33 -7.19
CA SER B 474 -12.13 12.27 -5.93
C SER B 474 -13.64 12.53 -6.10
N ASP B 475 -13.99 13.60 -6.83
CA ASP B 475 -15.37 13.87 -7.26
C ASP B 475 -15.61 13.97 -8.78
N LYS B 476 -14.58 13.65 -9.56
CA LYS B 476 -14.60 13.64 -11.01
C LYS B 476 -15.03 14.96 -11.68
N ARG B 477 -14.72 16.02 -10.96
CA ARG B 477 -14.87 17.37 -11.49
C ARG B 477 -13.63 17.78 -12.25
N GLY B 478 -13.80 18.75 -13.09
CA GLY B 478 -12.65 19.33 -13.82
C GLY B 478 -12.26 18.58 -15.09
N GLY B 479 -11.13 18.98 -15.67
CA GLY B 479 -10.61 18.47 -16.95
C GLY B 479 -10.78 19.42 -18.08
N ALA B 480 -10.24 19.01 -19.26
CA ALA B 480 -10.26 19.91 -20.44
C ALA B 480 -11.57 19.97 -21.17
N ASN B 481 -12.43 18.97 -20.94
CA ASN B 481 -13.76 18.99 -21.59
C ASN B 481 -14.53 20.23 -21.14
N GLY B 482 -15.21 20.85 -22.09
CA GLY B 482 -15.89 22.12 -21.83
C GLY B 482 -15.17 23.42 -22.18
N ALA B 483 -13.88 23.36 -22.40
CA ALA B 483 -13.05 24.59 -22.60
C ALA B 483 -13.31 25.65 -21.55
N ARG B 484 -13.46 25.25 -20.29
CA ARG B 484 -13.78 26.24 -19.25
C ARG B 484 -12.54 27.08 -18.92
N ILE B 485 -11.36 26.70 -19.42
CA ILE B 485 -10.18 27.54 -19.28
C ILE B 485 -10.35 28.90 -19.93
N ARG B 486 -11.24 29.00 -20.91
CA ARG B 486 -11.50 30.30 -21.54
C ARG B 486 -12.53 31.15 -20.82
N LEU B 487 -13.17 30.63 -19.79
CA LEU B 487 -14.27 31.35 -19.08
C LEU B 487 -13.76 31.88 -17.71
N ALA B 488 -14.57 32.70 -17.03
CA ALA B 488 -14.38 32.97 -15.63
C ALA B 488 -14.72 31.70 -14.85
N PRO B 489 -14.01 31.41 -13.80
CA PRO B 489 -12.83 32.12 -13.29
C PRO B 489 -11.48 31.54 -13.81
N GLN B 490 -11.52 30.40 -14.53
CA GLN B 490 -10.24 29.74 -14.85
C GLN B 490 -9.32 30.65 -15.62
N LYS B 491 -9.86 31.48 -16.55
CA LYS B 491 -9.05 32.31 -17.37
C LYS B 491 -8.27 33.36 -16.59
N ASP B 492 -8.63 33.60 -15.35
CA ASP B 492 -8.01 34.60 -14.50
C ASP B 492 -7.17 33.98 -13.38
N TRP B 493 -7.09 32.67 -13.25
CA TRP B 493 -6.27 32.10 -12.20
C TRP B 493 -4.82 32.39 -12.42
N GLU B 494 -4.13 32.76 -11.34
CA GLU B 494 -2.71 33.12 -11.45
C GLU B 494 -1.89 31.95 -11.99
N ALA B 495 -2.21 30.74 -11.56
CA ALA B 495 -1.46 29.58 -12.08
C ALA B 495 -1.55 29.39 -13.58
N ASN B 496 -2.66 29.83 -14.16
CA ASN B 496 -2.86 29.75 -15.59
C ASN B 496 -2.23 30.87 -16.37
N GLN B 497 -1.54 31.78 -15.70
CA GLN B 497 -0.83 32.88 -16.45
C GLN B 497 -1.73 33.66 -17.40
N PRO B 498 -2.69 34.40 -16.84
CA PRO B 498 -3.76 35.01 -17.67
C PRO B 498 -3.42 35.74 -18.94
N GLU B 499 -2.35 36.54 -18.93
CA GLU B 499 -1.98 37.27 -20.14
C GLU B 499 -1.45 36.35 -21.21
N GLN B 500 -0.57 35.42 -20.85
CA GLN B 500 -0.07 34.48 -21.81
C GLN B 500 -1.26 33.65 -22.35
N LEU B 501 -2.11 33.16 -21.44
CA LEU B 501 -3.25 32.32 -21.80
C LEU B 501 -4.11 33.04 -22.79
N ALA B 502 -4.44 34.31 -22.55
CA ALA B 502 -5.25 35.09 -23.46
C ALA B 502 -4.65 35.13 -24.85
N ALA B 503 -3.36 35.36 -24.96
CA ALA B 503 -2.71 35.39 -26.30
C ALA B 503 -2.78 34.01 -27.01
N VAL B 504 -2.58 32.91 -26.26
CA VAL B 504 -2.63 31.56 -26.86
C VAL B 504 -4.09 31.32 -27.35
N LEU B 505 -5.07 31.64 -26.49
CA LEU B 505 -6.43 31.33 -26.81
C LEU B 505 -6.89 32.14 -27.99
N GLU B 506 -6.40 33.36 -28.09
CA GLU B 506 -6.77 34.21 -29.24
C GLU B 506 -6.26 33.60 -30.57
N THR B 507 -5.00 33.13 -30.58
CA THR B 507 -4.46 32.47 -31.77
C THR B 507 -5.18 31.18 -32.08
N LEU B 508 -5.45 30.39 -31.05
CA LEU B 508 -6.24 29.13 -31.28
C LEU B 508 -7.62 29.42 -31.82
N GLU B 509 -8.30 30.42 -31.28
CA GLU B 509 -9.69 30.77 -31.72
C GLU B 509 -9.66 31.16 -33.20
N ALA B 510 -8.64 31.91 -33.65
CA ALA B 510 -8.60 32.29 -35.05
C ALA B 510 -8.38 31.06 -35.88
N ILE B 511 -7.48 30.15 -35.44
CA ILE B 511 -7.29 28.91 -36.19
C ILE B 511 -8.58 28.10 -36.33
N ARG B 512 -9.30 28.01 -35.21
CA ARG B 512 -10.56 27.28 -35.16
C ARG B 512 -11.59 27.91 -36.10
N THR B 513 -11.73 29.21 -36.01
CA THR B 513 -12.70 29.93 -36.83
C THR B 513 -12.36 29.69 -38.28
N ALA B 514 -11.09 29.70 -38.66
CA ALA B 514 -10.77 29.52 -40.05
C ALA B 514 -11.09 28.05 -40.51
N PHE B 515 -10.72 27.08 -39.68
CA PHE B 515 -10.96 25.70 -40.01
C PHE B 515 -12.45 25.48 -40.16
N ASN B 516 -13.22 25.91 -39.17
CA ASN B 516 -14.63 25.68 -39.15
C ASN B 516 -15.32 26.32 -40.32
N GLY B 517 -14.84 27.50 -40.73
CA GLY B 517 -15.52 28.21 -41.81
C GLY B 517 -15.22 27.53 -43.13
N ALA B 518 -14.10 26.85 -43.25
CA ALA B 518 -13.84 26.17 -44.51
C ALA B 518 -14.61 24.84 -44.57
N GLN B 519 -15.31 24.39 -43.55
CA GLN B 519 -15.88 23.03 -43.62
C GLN B 519 -17.17 22.99 -44.37
N ARG B 520 -17.34 21.81 -44.96
CA ARG B 520 -18.61 21.19 -45.33
C ARG B 520 -19.23 20.19 -44.33
N GLY B 521 -20.55 20.20 -44.41
CA GLY B 521 -21.36 19.11 -43.97
C GLY B 521 -21.53 19.23 -42.46
N GLY B 522 -21.34 20.44 -41.91
CA GLY B 522 -21.48 20.59 -40.50
C GLY B 522 -20.29 20.15 -39.64
N LYS B 523 -19.22 19.66 -40.22
CA LYS B 523 -18.07 19.31 -39.39
C LYS B 523 -17.53 20.59 -38.74
N GLN B 524 -17.24 20.51 -37.45
CA GLN B 524 -16.44 21.56 -36.84
C GLN B 524 -15.64 21.02 -35.65
N VAL B 525 -14.68 21.81 -35.21
CA VAL B 525 -13.84 21.47 -34.07
C VAL B 525 -14.18 22.42 -32.94
N SER B 526 -14.38 21.84 -31.76
CA SER B 526 -14.52 22.64 -30.56
C SER B 526 -13.16 23.28 -30.12
N LEU B 527 -13.25 24.39 -29.39
CA LEU B 527 -12.10 24.91 -28.81
C LEU B 527 -11.53 23.99 -27.76
N ALA B 528 -12.37 23.24 -27.06
CA ALA B 528 -11.86 22.28 -26.08
C ALA B 528 -10.97 21.24 -26.71
N ASP B 529 -11.40 20.67 -27.84
CA ASP B 529 -10.55 19.72 -28.56
C ASP B 529 -9.29 20.40 -29.07
N LEU B 530 -9.44 21.57 -29.66
CA LEU B 530 -8.25 22.20 -30.25
C LEU B 530 -7.17 22.55 -29.20
N ILE B 531 -7.57 22.95 -28.00
CA ILE B 531 -6.58 23.21 -26.96
C ILE B 531 -5.75 21.97 -26.70
N VAL B 532 -6.43 20.82 -26.58
CA VAL B 532 -5.78 19.55 -26.25
C VAL B 532 -4.91 19.13 -27.48
N LEU B 533 -5.51 19.22 -28.66
CA LEU B 533 -4.80 18.89 -29.87
C LEU B 533 -3.50 19.75 -30.07
N ALA B 534 -3.61 21.03 -29.76
CA ALA B 534 -2.50 21.93 -29.84
C ALA B 534 -1.42 21.55 -28.86
N GLY B 535 -1.81 21.14 -27.65
CA GLY B 535 -0.84 20.61 -26.64
C GLY B 535 -0.11 19.41 -27.15
N CYS B 536 -0.84 18.49 -27.83
CA CYS B 536 -0.26 17.32 -28.41
C CYS B 536 0.77 17.71 -29.49
N ALA B 537 0.39 18.66 -30.38
CA ALA B 537 1.34 19.13 -31.36
C ALA B 537 2.61 19.66 -30.67
N GLY B 538 2.42 20.36 -29.53
CA GLY B 538 3.58 20.89 -28.80
C GLY B 538 4.52 19.80 -28.30
N VAL B 539 3.95 18.69 -27.82
CA VAL B 539 4.68 17.58 -27.35
C VAL B 539 5.42 16.86 -28.54
N GLU B 540 4.72 16.74 -29.69
CA GLU B 540 5.32 16.19 -30.91
C GLU B 540 6.53 17.02 -31.37
N GLN B 541 6.35 18.34 -31.35
CA GLN B 541 7.40 19.28 -31.77
C GLN B 541 8.60 19.17 -30.80
N ALA B 542 8.30 19.06 -29.54
CA ALA B 542 9.36 18.87 -28.56
C ALA B 542 10.14 17.57 -28.75
N ALA B 543 9.44 16.49 -29.08
CA ALA B 543 10.09 15.25 -29.30
C ALA B 543 10.96 15.39 -30.54
N LYS B 544 10.44 16.04 -31.57
CA LYS B 544 11.22 16.34 -32.78
C LYS B 544 12.49 17.19 -32.52
N ASN B 545 12.34 18.22 -31.68
CA ASN B 545 13.44 19.01 -31.23
C ASN B 545 14.55 18.14 -30.61
N ALA B 546 14.19 17.04 -29.96
CA ALA B 546 15.13 16.11 -29.35
C ALA B 546 15.59 15.00 -30.27
N GLY B 547 15.26 15.10 -31.56
CA GLY B 547 15.56 14.09 -32.51
C GLY B 547 14.71 12.80 -32.43
N HIS B 548 13.53 12.83 -31.83
CA HIS B 548 12.66 11.64 -31.77
C HIS B 548 11.35 11.87 -32.61
N ALA B 549 10.96 10.81 -33.34
CA ALA B 549 9.78 10.85 -34.20
C ALA B 549 8.59 10.25 -33.43
N VAL B 550 7.63 11.07 -32.94
CA VAL B 550 6.65 10.64 -32.02
C VAL B 550 5.26 11.13 -32.51
N THR B 551 4.29 10.23 -32.60
CA THR B 551 2.88 10.65 -32.75
C THR B 551 2.22 10.59 -31.34
N VAL B 552 1.56 11.64 -30.94
CA VAL B 552 0.94 11.64 -29.64
C VAL B 552 -0.55 11.28 -29.87
N PRO B 553 -1.10 10.32 -29.15
CA PRO B 553 -2.54 10.02 -29.30
C PRO B 553 -3.41 11.26 -28.95
N PHE B 554 -4.55 11.34 -29.64
CA PHE B 554 -5.53 12.39 -29.49
C PHE B 554 -6.91 11.83 -29.78
N ALA B 555 -7.85 12.01 -28.87
CA ALA B 555 -9.23 11.60 -29.11
C ALA B 555 -10.12 12.87 -29.17
N PRO B 556 -10.79 13.10 -30.29
CA PRO B 556 -11.69 14.24 -30.33
C PRO B 556 -13.03 13.95 -29.62
N GLY B 557 -13.88 14.98 -29.58
CA GLY B 557 -15.21 14.82 -28.99
C GLY B 557 -15.56 15.65 -27.81
N ARG B 558 -14.61 16.46 -27.34
CA ARG B 558 -14.92 17.44 -26.31
C ARG B 558 -15.85 18.50 -26.93
N ALA B 559 -16.68 19.09 -26.06
CA ALA B 559 -17.50 20.25 -26.44
C ALA B 559 -17.22 21.48 -25.58
N ASP B 560 -17.71 22.63 -25.99
CA ASP B 560 -17.45 23.88 -25.34
C ASP B 560 -18.68 24.26 -24.50
N ALA B 561 -18.49 24.42 -23.22
CA ALA B 561 -19.54 24.88 -22.35
C ALA B 561 -19.56 26.41 -22.40
N SER B 562 -20.74 26.97 -22.09
CA SER B 562 -20.92 28.42 -22.00
C SER B 562 -20.63 28.95 -20.63
N GLN B 563 -20.41 30.26 -20.53
CA GLN B 563 -20.29 30.85 -19.20
C GLN B 563 -21.51 30.56 -18.28
N GLU B 564 -22.71 30.61 -18.84
CA GLU B 564 -23.92 30.36 -18.04
C GLU B 564 -23.99 28.91 -17.58
N GLN B 565 -23.31 27.98 -18.24
CA GLN B 565 -23.18 26.62 -17.79
C GLN B 565 -22.04 26.38 -16.81
N THR B 566 -21.43 27.44 -16.30
CA THR B 566 -20.23 27.34 -15.49
C THR B 566 -20.42 28.25 -14.28
N ASP B 567 -20.78 27.64 -13.15
CA ASP B 567 -20.99 28.35 -11.91
C ASP B 567 -19.65 28.81 -11.36
N VAL B 568 -19.44 30.10 -11.30
CA VAL B 568 -18.12 30.65 -10.99
C VAL B 568 -17.69 30.34 -9.57
N GLU B 569 -18.62 30.32 -8.61
CA GLU B 569 -18.27 30.06 -7.23
C GLU B 569 -17.85 28.68 -7.01
N SER B 570 -18.63 27.74 -7.53
CA SER B 570 -18.35 26.30 -7.47
C SER B 570 -17.01 25.93 -8.11
N MET B 571 -16.65 26.66 -9.15
CA MET B 571 -15.39 26.50 -9.84
C MET B 571 -14.16 26.92 -9.03
N ALA B 572 -14.35 27.74 -7.99
CA ALA B 572 -13.25 28.34 -7.30
C ALA B 572 -12.51 27.29 -6.53
N VAL B 573 -13.16 26.23 -6.08
CA VAL B 573 -12.41 25.18 -5.37
C VAL B 573 -11.50 24.38 -6.24
N LEU B 574 -11.63 24.44 -7.56
CA LEU B 574 -10.68 23.74 -8.42
C LEU B 574 -9.42 24.60 -8.71
N GLU B 575 -9.37 25.81 -8.20
CA GLU B 575 -8.18 26.60 -8.45
C GLU B 575 -6.96 25.92 -7.82
N PRO B 576 -5.90 25.75 -8.57
CA PRO B 576 -4.74 25.15 -7.97
C PRO B 576 -3.96 26.19 -7.26
N VAL B 577 -3.92 26.08 -5.96
CA VAL B 577 -3.05 26.91 -5.23
C VAL B 577 -1.63 26.26 -5.03
N ALA B 578 -1.52 24.95 -5.24
CA ALA B 578 -0.26 24.26 -5.35
C ALA B 578 -0.32 23.34 -6.57
N ASP B 579 0.64 23.49 -7.45
CA ASP B 579 0.77 22.61 -8.61
C ASP B 579 2.25 22.40 -8.86
N GLY B 580 2.77 21.35 -8.23
CA GLY B 580 4.17 20.96 -8.41
C GLY B 580 4.59 20.72 -9.85
N PHE B 581 3.64 20.30 -10.68
CA PHE B 581 3.90 20.08 -12.06
C PHE B 581 4.23 21.32 -12.85
N ARG B 582 3.82 22.49 -12.36
CA ARG B 582 4.25 23.80 -12.93
C ARG B 582 5.11 24.62 -11.94
N ASN B 583 5.67 23.93 -10.94
CA ASN B 583 6.45 24.51 -9.86
C ASN B 583 5.79 25.74 -9.24
N TYR B 584 4.49 25.64 -8.99
CA TYR B 584 3.73 26.72 -8.54
C TYR B 584 3.26 26.52 -7.11
N LEU B 585 3.48 27.54 -6.31
CA LEU B 585 2.78 27.65 -4.99
C LEU B 585 2.24 29.05 -4.80
N LYS B 586 0.97 29.18 -4.53
CA LYS B 586 0.30 30.50 -4.46
C LYS B 586 0.66 31.23 -3.21
N GLY B 587 0.91 30.59 -2.08
CA GLY B 587 1.52 31.28 -0.92
C GLY B 587 2.29 30.30 -0.08
N LYS B 588 2.67 30.65 1.14
CA LYS B 588 3.43 29.73 2.04
C LYS B 588 2.42 28.91 2.86
N TYR B 589 2.60 27.59 2.99
CA TYR B 589 1.61 26.77 3.69
C TYR B 589 2.31 25.99 4.76
N ARG B 590 1.52 25.50 5.70
CA ARG B 590 2.02 24.65 6.76
C ARG B 590 2.45 23.31 6.09
N VAL B 591 1.76 22.80 5.08
CA VAL B 591 2.10 21.50 4.50
C VAL B 591 3.26 21.64 3.53
N PRO B 592 4.36 20.87 3.68
CA PRO B 592 5.45 21.03 2.71
C PRO B 592 5.05 20.73 1.26
N ALA B 593 5.73 21.40 0.37
CA ALA B 593 5.29 21.42 -1.01
C ALA B 593 5.27 20.01 -1.65
N GLU B 594 6.22 19.17 -1.28
CA GLU B 594 6.26 17.78 -1.79
C GLU B 594 5.09 16.89 -1.32
N VAL B 595 4.56 17.19 -0.13
CA VAL B 595 3.31 16.58 0.32
C VAL B 595 2.15 17.04 -0.58
N LEU B 596 2.16 18.31 -0.95
CA LEU B 596 1.13 18.88 -1.81
C LEU B 596 1.23 18.33 -3.23
N LEU B 597 2.44 18.02 -3.63
CA LEU B 597 2.66 17.40 -4.98
C LEU B 597 2.03 16.02 -5.04
N VAL B 598 2.30 15.18 -4.04
CA VAL B 598 1.74 13.85 -3.96
C VAL B 598 0.22 13.90 -3.86
N ASP B 599 -0.28 14.84 -3.05
CA ASP B 599 -1.74 15.09 -2.99
C ASP B 599 -2.35 15.35 -4.39
N LYS B 600 -1.75 16.23 -5.15
CA LYS B 600 -2.19 16.52 -6.52
C LYS B 600 -2.08 15.29 -7.47
N ALA B 601 -0.97 14.54 -7.37
CA ALA B 601 -0.82 13.40 -8.16
C ALA B 601 -1.96 12.40 -7.83
N GLN B 602 -2.29 12.24 -6.55
CA GLN B 602 -3.36 11.37 -6.19
CA GLN B 602 -3.41 11.36 -6.14
C GLN B 602 -4.72 11.82 -6.82
N LEU B 603 -5.01 13.10 -6.75
CA LEU B 603 -6.23 13.61 -7.38
C LEU B 603 -6.18 13.36 -8.90
N LEU B 604 -5.01 13.47 -9.53
CA LEU B 604 -4.90 13.17 -10.93
C LEU B 604 -4.92 11.74 -11.29
N THR B 605 -5.00 10.88 -10.30
CA THR B 605 -5.00 9.41 -10.50
C THR B 605 -3.61 8.84 -10.93
N LEU B 606 -2.54 9.54 -10.61
CA LEU B 606 -1.19 9.12 -11.09
C LEU B 606 -0.53 8.22 -10.07
N SER B 607 0.19 7.20 -10.54
CA SER B 607 1.08 6.44 -9.70
C SER B 607 2.39 7.24 -9.49
N ALA B 608 3.25 6.76 -8.66
CA ALA B 608 4.53 7.47 -8.47
C ALA B 608 5.37 7.47 -9.68
N PRO B 609 5.47 6.37 -10.43
CA PRO B 609 6.21 6.43 -11.69
C PRO B 609 5.62 7.43 -12.65
N GLU B 610 4.29 7.49 -12.78
CA GLU B 610 3.68 8.46 -13.68
C GLU B 610 3.94 9.90 -13.25
N MET B 611 3.85 10.18 -11.97
CA MET B 611 4.09 11.53 -11.45
C MET B 611 5.54 11.92 -11.76
N THR B 612 6.48 11.03 -11.53
CA THR B 612 7.87 11.22 -11.78
C THR B 612 8.15 11.60 -13.25
N VAL B 613 7.65 10.77 -14.16
CA VAL B 613 8.00 10.99 -15.56
C VAL B 613 7.36 12.28 -16.04
N LEU B 614 6.13 12.48 -15.61
CA LEU B 614 5.32 13.62 -16.08
C LEU B 614 6.04 14.94 -15.66
N LEU B 615 6.48 15.00 -14.41
CA LEU B 615 7.05 16.25 -13.85
C LEU B 615 8.39 16.52 -14.52
N GLY B 616 9.20 15.49 -14.71
CA GLY B 616 10.48 15.69 -15.34
C GLY B 616 10.35 16.17 -16.73
N GLY B 617 9.35 15.66 -17.42
CA GLY B 617 9.14 16.12 -18.80
C GLY B 617 8.60 17.54 -18.84
N LEU B 618 7.61 17.87 -18.00
CA LEU B 618 7.03 19.24 -18.01
C LEU B 618 8.10 20.31 -17.72
N ARG B 619 9.00 20.01 -16.78
CA ARG B 619 10.08 20.94 -16.47
C ARG B 619 10.89 21.34 -17.77
N VAL B 620 11.27 20.36 -18.59
CA VAL B 620 12.05 20.67 -19.72
C VAL B 620 11.30 21.19 -20.90
N LEU B 621 9.97 21.09 -20.90
CA LEU B 621 9.15 21.65 -21.96
C LEU B 621 8.74 23.06 -21.72
N GLY B 622 9.05 23.59 -20.54
CA GLY B 622 8.76 25.00 -20.21
C GLY B 622 7.39 25.21 -19.63
N ALA B 623 6.87 24.22 -18.90
CA ALA B 623 5.56 24.36 -18.31
C ALA B 623 5.55 25.14 -16.98
N ASN B 624 6.71 25.50 -16.43
CA ASN B 624 6.67 26.26 -15.17
C ASN B 624 5.90 27.59 -15.32
N VAL B 625 5.18 27.95 -14.29
CA VAL B 625 4.55 29.26 -14.18
C VAL B 625 5.65 30.34 -14.16
N GLY B 626 5.43 31.44 -14.89
CA GLY B 626 6.36 32.56 -14.94
C GLY B 626 7.67 32.27 -15.58
N GLN B 627 7.77 31.23 -16.37
CA GLN B 627 9.04 30.93 -16.92
C GLN B 627 10.22 30.73 -15.82
N SER B 628 9.87 30.31 -14.60
CA SER B 628 10.88 30.11 -13.56
C SER B 628 11.86 29.06 -14.10
N ARG B 629 13.10 29.24 -13.76
CA ARG B 629 14.20 28.30 -14.08
C ARG B 629 14.32 27.19 -13.05
N HIS B 630 13.56 27.27 -11.99
CA HIS B 630 13.62 26.25 -10.96
C HIS B 630 13.26 24.85 -11.52
N GLY B 631 14.21 23.91 -11.35
CA GLY B 631 14.06 22.58 -11.88
C GLY B 631 14.21 22.40 -13.35
N VAL B 632 14.58 23.43 -14.07
CA VAL B 632 14.74 23.33 -15.52
C VAL B 632 16.15 22.94 -15.83
N PHE B 633 16.45 21.69 -15.52
CA PHE B 633 17.81 21.15 -15.58
C PHE B 633 18.17 20.62 -16.95
N THR B 634 18.20 21.52 -17.87
CA THR B 634 18.57 21.22 -19.24
C THR B 634 19.19 22.44 -19.90
N ALA B 635 19.96 22.27 -20.91
CA ALA B 635 20.41 23.37 -21.77
C ALA B 635 19.64 23.28 -23.09
N ARG B 636 18.61 22.44 -23.22
CA ARG B 636 17.79 22.45 -24.47
C ARG B 636 16.32 22.43 -24.13
N GLU B 637 15.92 23.58 -23.63
CA GLU B 637 14.55 23.75 -23.18
C GLU B 637 13.69 23.59 -24.44
N GLN B 638 12.50 23.04 -24.23
CA GLN B 638 11.54 22.79 -25.35
C GLN B 638 11.88 21.56 -26.23
N ALA B 639 12.81 20.76 -25.75
CA ALA B 639 13.11 19.48 -26.29
C ALA B 639 12.77 18.42 -25.25
N LEU B 640 12.05 17.41 -25.70
CA LEU B 640 11.61 16.32 -24.80
C LEU B 640 12.76 15.34 -24.58
N THR B 641 13.44 15.49 -23.47
CA THR B 641 14.55 14.61 -23.06
C THR B 641 14.42 14.28 -21.62
N ASN B 642 15.24 13.34 -21.17
CA ASN B 642 15.32 12.96 -19.79
C ASN B 642 16.39 13.78 -19.01
N ASP B 643 16.75 14.96 -19.56
CA ASP B 643 17.76 15.85 -18.93
C ASP B 643 17.43 16.14 -17.48
N PHE B 644 16.16 16.32 -17.11
CA PHE B 644 15.85 16.60 -15.72
C PHE B 644 16.49 15.53 -14.76
N PHE B 645 16.37 14.25 -15.12
CA PHE B 645 16.80 13.20 -14.28
C PHE B 645 18.29 13.05 -14.31
N VAL B 646 18.89 13.12 -15.49
CA VAL B 646 20.33 12.91 -15.62
C VAL B 646 21.04 14.03 -14.83
N ASN B 647 20.57 15.28 -14.95
CA ASN B 647 21.20 16.36 -14.20
C ASN B 647 20.84 16.39 -12.73
N LEU B 648 19.62 16.04 -12.38
CA LEU B 648 19.29 15.96 -10.98
C LEU B 648 20.18 14.98 -10.24
N LEU B 649 20.50 13.83 -10.87
CA LEU B 649 21.21 12.77 -10.15
C LEU B 649 22.72 12.93 -10.22
N ASP B 650 23.18 13.98 -10.88
CA ASP B 650 24.62 14.20 -11.08
C ASP B 650 25.32 14.56 -9.72
N MET B 651 26.16 13.64 -9.22
CA MET B 651 26.84 13.83 -7.94
C MET B 651 27.93 14.97 -8.04
N GLY B 652 28.27 15.36 -9.26
CA GLY B 652 29.10 16.57 -9.52
C GLY B 652 28.54 17.84 -8.98
N THR B 653 27.27 17.85 -8.63
CA THR B 653 26.58 19.00 -8.12
C THR B 653 26.21 18.79 -6.67
N GLU B 654 26.47 19.84 -5.90
CA GLU B 654 26.09 19.94 -4.50
C GLU B 654 24.96 20.94 -4.27
N TRP B 655 24.02 20.65 -3.37
CA TRP B 655 22.86 21.48 -3.21
C TRP B 655 22.77 22.10 -1.82
N LYS B 656 22.35 23.37 -1.78
CA LYS B 656 22.08 24.04 -0.50
C LYS B 656 20.93 24.96 -0.52
N PRO B 657 20.22 25.07 0.60
CA PRO B 657 19.15 26.08 0.66
C PRO B 657 19.71 27.50 0.53
N THR B 658 18.96 28.40 -0.12
CA THR B 658 19.42 29.76 -0.30
C THR B 658 19.21 30.49 1.01
N ALA B 659 20.06 31.52 1.15
CA ALA B 659 19.99 32.61 2.19
C ALA B 659 18.65 33.34 2.17
N ALA B 660 18.29 33.93 0.99
CA ALA B 660 16.94 34.54 0.76
C ALA B 660 15.74 33.63 1.19
N ASP B 661 15.79 32.35 0.80
CA ASP B 661 14.63 31.45 0.92
C ASP B 661 15.08 29.97 1.18
N ALA B 662 14.74 29.42 2.36
CA ALA B 662 15.00 28.01 2.74
C ALA B 662 14.29 26.95 1.84
N ASP B 663 13.28 27.37 1.08
CA ASP B 663 12.53 26.52 0.16
C ASP B 663 13.04 26.56 -1.29
N VAL B 664 14.13 27.28 -1.50
CA VAL B 664 14.79 27.30 -2.79
C VAL B 664 16.25 26.90 -2.66
N PHE B 665 16.80 26.18 -3.62
CA PHE B 665 18.10 25.53 -3.44
C PHE B 665 18.94 25.83 -4.57
N GLU B 666 20.24 26.03 -4.31
CA GLU B 666 21.18 26.25 -5.34
C GLU B 666 22.02 25.01 -5.56
N GLY B 667 22.25 24.66 -6.80
CA GLY B 667 23.10 23.53 -7.13
C GLY B 667 24.38 24.01 -7.73
N ARG B 668 25.48 23.71 -7.07
CA ARG B 668 26.81 24.25 -7.49
C ARG B 668 27.74 23.12 -7.80
N ASP B 669 28.54 23.29 -8.84
CA ASP B 669 29.65 22.44 -9.10
C ASP B 669 30.52 22.19 -7.86
N ARG B 670 30.65 20.95 -7.49
CA ARG B 670 31.29 20.55 -6.25
C ARG B 670 32.81 20.97 -6.24
N ALA B 671 33.47 20.93 -7.42
CA ALA B 671 34.90 21.19 -7.56
C ALA B 671 35.11 22.71 -7.69
N THR B 672 34.40 23.40 -8.60
CA THR B 672 34.57 24.84 -8.84
C THR B 672 33.71 25.78 -8.01
N GLY B 673 32.62 25.37 -7.42
CA GLY B 673 31.73 26.30 -6.71
C GLY B 673 30.77 27.06 -7.61
N GLU B 674 30.91 26.95 -8.90
CA GLU B 674 30.03 27.65 -9.82
C GLU B 674 28.55 27.15 -9.75
N LEU B 675 27.62 28.10 -9.70
CA LEU B 675 26.20 27.83 -9.71
C LEU B 675 25.80 27.14 -11.01
N LYS B 676 25.18 25.96 -10.96
CA LYS B 676 24.64 25.32 -12.22
C LYS B 676 23.10 25.44 -12.36
N TRP B 677 22.39 25.27 -11.30
CA TRP B 677 20.93 25.24 -11.35
C TRP B 677 20.35 25.72 -10.05
N THR B 678 19.06 26.03 -10.05
CA THR B 678 18.34 26.20 -8.85
C THR B 678 17.11 25.30 -8.89
N GLY B 679 16.54 24.97 -7.74
CA GLY B 679 15.29 24.18 -7.66
C GLY B 679 14.58 24.41 -6.37
N THR B 680 13.32 23.93 -6.32
CA THR B 680 12.44 23.98 -5.20
C THR B 680 12.47 22.64 -4.49
N ARG B 681 11.69 22.56 -3.41
CA ARG B 681 11.51 21.33 -2.69
C ARG B 681 10.89 20.27 -3.62
N VAL B 682 10.01 20.70 -4.49
CA VAL B 682 9.37 19.78 -5.42
C VAL B 682 10.35 19.22 -6.39
N ASP B 683 11.29 20.02 -6.87
CA ASP B 683 12.35 19.53 -7.74
C ASP B 683 13.26 18.54 -7.02
N LEU B 684 13.69 18.94 -5.83
CA LEU B 684 14.71 18.14 -5.19
C LEU B 684 14.24 16.91 -4.47
N VAL B 685 12.99 16.83 -4.19
CA VAL B 685 12.47 15.64 -3.50
C VAL B 685 12.74 14.35 -4.31
N PHE B 686 12.79 14.48 -5.64
CA PHE B 686 13.10 13.38 -6.51
C PHE B 686 14.52 12.84 -6.38
N GLY B 687 15.41 13.65 -5.80
CA GLY B 687 16.78 13.22 -5.53
C GLY B 687 17.02 12.95 -4.06
N SER B 688 15.96 13.01 -3.26
CA SER B 688 16.09 12.84 -1.83
C SER B 688 15.31 11.68 -1.29
N HIS B 689 14.02 11.64 -1.58
CA HIS B 689 13.14 10.56 -1.08
C HIS B 689 13.65 9.23 -1.73
N SER B 690 13.81 8.22 -0.93
CA SER B 690 14.50 7.02 -1.43
C SER B 690 13.71 6.21 -2.46
N GLN B 691 12.39 6.22 -2.38
CA GLN B 691 11.55 5.58 -3.44
CA GLN B 691 11.53 5.59 -3.42
C GLN B 691 11.50 6.46 -4.68
N LEU B 692 11.36 7.78 -4.54
CA LEU B 692 11.32 8.64 -5.65
C LEU B 692 12.68 8.65 -6.41
N ARG B 693 13.77 8.61 -5.68
CA ARG B 693 15.05 8.62 -6.28
C ARG B 693 15.30 7.32 -7.07
N ALA B 694 14.79 6.22 -6.57
CA ALA B 694 14.88 4.97 -7.33
C ALA B 694 14.14 5.06 -8.67
N LEU B 695 13.02 5.79 -8.72
CA LEU B 695 12.32 6.04 -9.98
C LEU B 695 13.08 6.97 -10.90
N ALA B 696 13.58 8.05 -10.31
CA ALA B 696 14.38 8.97 -11.08
C ALA B 696 15.58 8.28 -11.74
N GLU B 697 16.16 7.32 -11.03
CA GLU B 697 17.31 6.60 -11.55
C GLU B 697 16.99 5.87 -12.82
N VAL B 698 15.82 5.21 -12.86
CA VAL B 698 15.44 4.49 -14.05
C VAL B 698 15.39 5.39 -15.25
N TYR B 699 14.77 6.55 -15.13
CA TYR B 699 14.66 7.49 -16.22
C TYR B 699 15.91 8.26 -16.49
N GLY B 700 16.83 8.30 -15.52
CA GLY B 700 18.12 9.00 -15.75
C GLY B 700 19.24 8.09 -16.22
N SER B 701 18.94 6.88 -16.58
CA SER B 701 19.93 5.91 -17.02
C SER B 701 20.21 6.08 -18.53
N ALA B 702 21.34 5.58 -18.96
CA ALA B 702 21.82 5.79 -20.32
C ALA B 702 20.97 5.03 -21.34
N ASP B 703 20.23 4.01 -20.93
CA ASP B 703 19.44 3.23 -21.85
C ASP B 703 17.99 3.75 -21.86
N ALA B 704 17.67 4.86 -21.22
CA ALA B 704 16.26 5.18 -20.89
C ALA B 704 15.65 6.29 -21.68
N GLN B 705 16.36 6.80 -22.65
CA GLN B 705 15.84 7.95 -23.36
C GLN B 705 14.52 7.70 -24.08
N GLU B 706 14.46 6.59 -24.83
CA GLU B 706 13.25 6.25 -25.51
C GLU B 706 12.12 5.87 -24.52
N LYS B 707 12.44 5.12 -23.49
CA LYS B 707 11.45 4.83 -22.44
C LYS B 707 10.90 6.07 -21.80
N PHE B 708 11.76 7.08 -21.50
CA PHE B 708 11.31 8.31 -20.97
C PHE B 708 10.27 8.97 -21.93
N VAL B 709 10.65 9.09 -23.20
CA VAL B 709 9.80 9.76 -24.16
C VAL B 709 8.42 9.03 -24.24
N ARG B 710 8.47 7.72 -24.34
CA ARG B 710 7.24 6.93 -24.50
C ARG B 710 6.37 6.93 -23.26
N ASP B 711 6.96 6.82 -22.11
CA ASP B 711 6.22 6.94 -20.86
C ASP B 711 5.60 8.31 -20.65
N PHE B 712 6.32 9.33 -21.10
CA PHE B 712 5.87 10.67 -20.96
C PHE B 712 4.62 10.81 -21.86
N VAL B 713 4.69 10.37 -23.12
CA VAL B 713 3.56 10.49 -24.04
C VAL B 713 2.36 9.75 -23.45
N ALA B 714 2.55 8.60 -22.81
CA ALA B 714 1.44 7.85 -22.32
C ALA B 714 0.76 8.59 -21.16
N VAL B 715 1.54 9.19 -20.27
CA VAL B 715 0.96 9.86 -19.09
C VAL B 715 0.34 11.21 -19.55
N TRP B 716 0.98 11.89 -20.53
CA TRP B 716 0.40 13.05 -21.10
C TRP B 716 -1.02 12.75 -21.63
N ASN B 717 -1.12 11.68 -22.40
CA ASN B 717 -2.40 11.27 -22.98
C ASN B 717 -3.41 10.91 -21.90
N LYS B 718 -2.95 10.22 -20.87
CA LYS B 718 -3.80 9.86 -19.75
C LYS B 718 -4.44 11.15 -19.15
N VAL B 719 -3.63 12.14 -18.91
CA VAL B 719 -4.12 13.39 -18.29
C VAL B 719 -5.11 14.14 -19.19
N MET B 720 -4.80 14.18 -20.48
CA MET B 720 -5.69 14.77 -21.45
C MET B 720 -7.05 14.08 -21.50
N ASN B 721 -7.12 12.79 -21.19
CA ASN B 721 -8.35 12.06 -21.25
C ASN B 721 -9.08 11.82 -19.90
N LEU B 722 -8.64 12.43 -18.80
CA LEU B 722 -9.15 12.02 -17.47
C LEU B 722 -10.66 12.16 -17.29
N ASP B 723 -11.23 13.18 -17.96
CA ASP B 723 -12.62 13.45 -17.86
C ASP B 723 -13.43 12.88 -19.01
N ARG B 724 -12.82 12.03 -19.86
CA ARG B 724 -13.50 11.61 -21.07
C ARG B 724 -14.39 10.37 -20.83
N PHE B 725 -15.37 10.55 -19.96
CA PHE B 725 -16.32 9.49 -19.65
C PHE B 725 -17.25 9.21 -20.81
N ASP B 726 -17.39 10.14 -21.78
CA ASP B 726 -18.11 9.92 -23.04
C ASP B 726 -17.45 8.84 -23.88
N LEU B 727 -16.22 8.45 -23.62
CA LEU B 727 -15.54 7.41 -24.34
C LEU B 727 -15.40 6.13 -23.55
N ALA B 728 -15.57 6.18 -22.23
CA ALA B 728 -15.65 5.00 -21.35
C ALA B 728 -16.70 3.97 -21.89
CHA HEM C . 34.20 -2.90 9.11
CHB HEM C . 32.03 -5.02 12.84
CHC HEM C . 31.64 -9.14 10.35
CHD HEM C . 33.71 -6.94 6.67
C1A HEM C . 33.53 -3.09 10.31
C2A HEM C . 33.22 -2.09 11.28
C3A HEM C . 32.67 -2.68 12.32
C4A HEM C . 32.53 -4.03 12.00
CMA HEM C . 32.23 -2.01 13.59
CAA HEM C . 33.56 -0.66 11.15
CBA HEM C . 32.47 0.23 10.55
CGA HEM C . 33.15 1.58 10.29
O1A HEM C . 33.47 2.32 11.31
O2A HEM C . 33.36 2.00 9.10
C1B HEM C . 31.76 -6.37 12.49
C2B HEM C . 31.26 -7.34 13.42
C3B HEM C . 31.06 -8.49 12.72
C4B HEM C . 31.63 -8.21 11.40
CMB HEM C . 30.80 -7.01 14.82
CAB HEM C . 30.61 -9.83 13.16
CBB HEM C . 30.68 -10.26 14.44
C1C HEM C . 32.02 -8.90 9.07
C2C HEM C . 31.90 -9.81 7.97
C3C HEM C . 32.43 -9.14 6.87
C4C HEM C . 32.96 -7.85 7.37
CMC HEM C . 31.17 -11.10 8.06
CAC HEM C . 32.64 -9.58 5.46
CBC HEM C . 32.85 -10.82 5.09
C1D HEM C . 34.10 -5.72 7.06
C2D HEM C . 34.94 -4.82 6.21
C3D HEM C . 35.07 -3.65 6.90
C4D HEM C . 34.32 -3.90 8.13
CMD HEM C . 35.49 -5.10 4.85
CAD HEM C . 35.79 -2.39 6.48
CBD HEM C . 35.04 -1.18 5.96
CGD HEM C . 35.84 -0.08 5.30
O1D HEM C . 35.31 1.06 5.11
O2D HEM C . 37.01 -0.36 4.91
NA HEM C . 33.13 -4.26 10.82
NB HEM C . 32.07 -6.97 11.34
NC HEM C . 32.72 -7.81 8.69
ND HEM C . 33.77 -5.15 8.23
FE HEM C . 32.93 -6.03 9.75
NA NA D . 14.72 -12.53 1.99
CL CL E . 12.68 -8.54 3.14
O1 OXY F . 30.18 -2.35 9.64
O2 OXY F . 29.37 -1.84 10.35
O1 OXY G . 28.52 -6.44 11.05
O2 OXY G . 28.93 -5.31 10.77
P PO4 H . 48.97 4.57 17.26
O1 PO4 H . 50.38 4.90 16.79
O2 PO4 H . 48.66 5.15 18.63
O3 PO4 H . 48.96 3.07 17.54
O4 PO4 H . 47.98 5.23 16.32
C1 MRD I . 24.83 5.98 15.57
C2 MRD I . 25.87 6.66 14.64
O2 MRD I . 25.86 5.93 13.43
CM MRD I . 25.31 8.02 14.33
C3 MRD I . 27.31 6.92 15.09
C4 MRD I . 27.65 6.02 16.26
O4 MRD I . 26.79 4.88 16.14
C5 MRD I . 27.39 6.54 17.67
CHA HEM J . -31.09 11.65 12.88
CHB HEM J . -28.21 15.35 13.68
CHC HEM J . -28.84 16.75 9.11
CHD HEM J . -31.66 12.92 8.32
C1A HEM J . -30.15 12.43 13.47
C2A HEM J . -29.56 12.28 14.76
C3A HEM J . -28.79 13.32 14.96
C4A HEM J . -28.88 14.13 13.85
CMA HEM J . -27.93 13.66 16.17
CAA HEM J . -29.82 11.12 15.70
CBA HEM J . -28.88 9.96 15.54
CGA HEM J . -29.38 8.88 16.53
O1A HEM J . -29.30 9.10 17.76
O2A HEM J . -29.91 7.78 16.05
C1B HEM J . -28.17 16.09 12.47
C2B HEM J . -27.51 17.36 12.34
C3B HEM J . -27.70 17.76 11.09
C4B HEM J . -28.49 16.68 10.46
CMB HEM J . -26.70 18.04 13.40
CAB HEM J . -27.29 18.91 10.31
CBB HEM J . -27.18 20.06 10.86
C1C HEM J . -29.54 15.74 8.44
C2C HEM J . -29.81 15.70 7.02
C3C HEM J . -30.57 14.61 6.77
C4C HEM J . -30.86 13.99 8.09
CMC HEM J . -29.18 16.51 5.92
CAC HEM J . -31.14 14.06 5.52
CBC HEM J . -31.48 14.70 4.44
C1D HEM J . -31.77 12.34 9.56
C2D HEM J . -32.68 11.22 9.81
C3D HEM J . -32.55 10.83 11.09
C4D HEM J . -31.51 11.76 11.60
CMD HEM J . -33.59 10.55 8.85
CAD HEM J . -33.29 9.77 11.88
CBD HEM J . -32.63 8.40 12.05
CGD HEM J . -33.44 7.27 12.55
O1D HEM J . -32.84 6.22 13.05
O2D HEM J . -34.71 7.41 12.42
NA HEM J . -29.73 13.62 12.92
NB HEM J . -28.79 15.79 11.38
NC HEM J . -30.26 14.78 9.10
ND HEM J . -31.16 12.67 10.68
FE HEM J . -30.01 14.17 11.04
NA NA K . -15.04 11.95 -3.36
CL CL L . -12.42 9.46 -0.35
O1 OXY M . -26.97 11.30 12.64
O2 OXY M . -26.14 10.92 13.52
O1 OXY N . -25.66 14.68 10.60
O2 OXY N . -25.62 13.84 11.54
C NIZ O . -9.10 10.38 -3.86
C1 NIZ O . -9.37 9.87 -5.25
N1 NIZ O . -9.63 8.86 -7.81
O1 NIZ O . -8.22 11.27 -3.75
C2 NIZ O . -10.27 8.82 -5.51
N2 NIZ O . -9.61 9.75 -2.76
C3 NIZ O . -10.41 8.34 -6.81
N3 NIZ O . -9.04 9.91 -1.50
C4 NIZ O . -8.75 9.88 -7.60
C5 NIZ O . -8.55 10.40 -6.31
C1 MPD P . -19.63 8.17 21.09
C2 MPD P . -20.86 7.27 21.08
O2 MPD P . -20.41 6.03 21.53
CM MPD P . -21.45 7.01 19.72
C3 MPD P . -21.93 7.51 22.10
C4 MPD P . -21.97 8.96 22.45
O4 MPD P . -21.54 9.75 21.33
C5 MPD P . -23.41 9.18 22.84
P PO4 Q . -42.64 13.30 27.33
O1 PO4 Q . -41.71 12.29 26.73
O2 PO4 Q . -44.04 12.69 27.79
O3 PO4 Q . -42.98 14.49 26.47
O4 PO4 Q . -41.82 13.76 28.54
P AMP R . -22.03 35.83 13.67
O1P AMP R . -20.80 36.64 14.02
O2P AMP R . -22.01 34.45 13.01
O3P AMP R . -23.13 36.74 13.17
O5' AMP R . -22.47 35.33 15.14
C5' AMP R . -23.38 34.26 15.47
C4' AMP R . -22.99 33.71 16.81
O4' AMP R . -21.93 32.75 16.59
C3' AMP R . -22.50 34.69 17.93
O3' AMP R . -23.49 35.53 18.56
C2' AMP R . -21.77 33.72 18.85
O2' AMP R . -22.67 33.11 19.82
C1' AMP R . -21.15 32.71 17.79
N9 AMP R . -19.78 33.12 17.40
C8 AMP R . -19.36 34.15 16.54
N7 AMP R . -17.98 34.19 16.47
C5 AMP R . -17.53 33.20 17.33
C6 AMP R . -16.18 32.74 17.76
N6 AMP R . -15.08 33.40 17.20
N1 AMP R . -16.14 31.72 18.67
C2 AMP R . -17.21 31.09 19.21
N3 AMP R . -18.50 31.47 18.88
C4 AMP R . -18.67 32.49 17.94
#